data_5YJ7
#
_entry.id   5YJ7
#
_cell.length_a   70.720
_cell.length_b   74.750
_cell.length_c   102.940
_cell.angle_alpha   105.290
_cell.angle_beta   96.100
_cell.angle_gamma   90.320
#
_symmetry.space_group_name_H-M   'P 1'
#
loop_
_entity.id
_entity.type
_entity.pdbx_description
1 polymer 'Glycoside hydrolase'
2 non-polymer 'CALCIUM ION'
3 non-polymer GLYCEROL
4 water water
#
_entity_poly.entity_id   1
_entity_poly.type   'polypeptide(L)'
_entity_poly.pdbx_seq_one_letter_code
;MDVTCWKYAIPGEPGGELTAEEVFASKDTAFPEGFLWGAATAAYQIEGAAAEDGRGPSMWDTFSKIPGKIDNGDTGDVAC
DHYHRYKEDVKLMKGMGLKSYRFSVSWSRVLPEGTGAINPKGMEFYQNLTNELIANGIVPTVTLYHWDLPEALSKNGGWL
NEDTAVAFGQYADVMFQALGDRVKLWFTLNEPWTTAIAGYGQGGHAPGLKNMAENPYMAGHNQLLGHAAAVKVYREKYQE
KQGGKIGAVLSTEWKEPLCHTQEDKDAAERSLIWYLAWFADPIYKGDYPEEMKERVGDRMPAFTEQQKQDLKGSADFFGI
NHYATNLLQGPTEKIGAENYFSDLNGWIMMDPRWAVGDASWLSVVPWGMRRLLRWIKHRYDDPVVYVTENGLSVPNESAM
TPEAALNDKMRVDYLQGYVAEMWKAINYDKVKVAGYYHWSLLDNFEWSDGYKVRFGLVQVDYKTQKRTLKESAKVYKDMI
AKYSGDTAPPDDAEAVARDAVKATPSAEAPLEHHHHHH
;
_entity_poly.pdbx_strand_id   A,B,C,D
#
# COMPACT_ATOMS: atom_id res chain seq x y z
N ASP A 2 -11.97 -12.67 1.32
CA ASP A 2 -11.89 -13.13 2.70
C ASP A 2 -10.44 -13.07 3.20
N VAL A 3 -9.64 -12.21 2.56
CA VAL A 3 -8.26 -11.94 2.97
C VAL A 3 -8.21 -10.75 3.91
N THR A 4 -7.71 -10.99 5.12
CA THR A 4 -7.58 -9.92 6.11
C THR A 4 -6.28 -9.14 5.96
N CYS A 5 -6.39 -7.81 5.90
CA CYS A 5 -5.23 -6.92 5.82
C CYS A 5 -5.32 -5.80 6.86
N TRP A 6 -4.18 -5.18 7.14
CA TRP A 6 -4.05 -4.04 8.04
C TRP A 6 -4.51 -4.40 9.46
N LYS A 7 -4.34 -5.67 9.83
CA LYS A 7 -4.77 -6.16 11.14
C LYS A 7 -3.60 -6.86 11.82
N TYR A 8 -3.01 -6.22 12.82
CA TYR A 8 -1.72 -6.67 13.35
C TYR A 8 -1.84 -7.40 14.68
N ALA A 9 -3.00 -7.35 15.32
CA ALA A 9 -3.18 -8.03 16.58
C ALA A 9 -2.95 -9.53 16.40
N ILE A 10 -2.28 -10.15 17.38
CA ILE A 10 -2.03 -11.58 17.37
C ILE A 10 -2.97 -12.31 18.35
N PRO A 11 -3.90 -13.14 17.83
CA PRO A 11 -4.81 -13.84 18.73
C PRO A 11 -4.10 -14.64 19.81
N GLY A 12 -4.52 -14.47 21.05
CA GLY A 12 -3.97 -15.22 22.16
C GLY A 12 -2.62 -14.75 22.67
N GLU A 13 -2.08 -13.68 22.09
CA GLU A 13 -0.79 -13.17 22.54
C GLU A 13 -0.89 -12.65 23.99
N PRO A 14 -0.09 -13.22 24.90
CA PRO A 14 -0.13 -12.74 26.29
C PRO A 14 0.23 -11.27 26.37
N GLY A 15 -0.57 -10.49 27.08
CA GLY A 15 -0.31 -9.08 27.26
C GLY A 15 -0.46 -8.22 26.01
N GLY A 16 -0.98 -8.81 24.94
CA GLY A 16 -1.10 -8.10 23.67
C GLY A 16 -1.89 -6.79 23.73
N GLU A 17 -2.97 -6.81 24.50
CA GLU A 17 -3.90 -5.67 24.55
C GLU A 17 -3.55 -4.65 25.63
N LEU A 18 -2.55 -4.94 26.45
CA LEU A 18 -2.16 -4.04 27.52
C LEU A 18 -1.58 -2.74 26.98
N THR A 19 -2.08 -1.61 27.48
CA THR A 19 -1.51 -0.31 27.13
C THR A 19 -0.26 -0.04 27.95
N ALA A 20 0.53 0.94 27.53
CA ALA A 20 1.70 1.34 28.30
C ALA A 20 1.28 1.76 29.70
N GLU A 21 0.16 2.49 29.80
CA GLU A 21 -0.33 2.95 31.09
C GLU A 21 -0.62 1.77 32.00
N GLU A 22 -1.25 0.75 31.42
CA GLU A 22 -1.60 -0.45 32.19
C GLU A 22 -0.35 -1.22 32.61
N VAL A 23 0.66 -1.28 31.74
CA VAL A 23 1.89 -1.97 32.09
C VAL A 23 2.56 -1.30 33.29
N PHE A 24 2.66 0.02 33.25
CA PHE A 24 3.38 0.74 34.31
C PHE A 24 2.55 0.92 35.57
N ALA A 25 1.24 0.77 35.47
CA ALA A 25 0.38 0.87 36.64
C ALA A 25 0.38 -0.43 37.44
N SER A 26 0.74 -1.53 36.77
CA SER A 26 0.71 -2.84 37.40
C SER A 26 1.81 -3.01 38.44
N LYS A 27 1.44 -3.49 39.61
CA LYS A 27 2.38 -3.72 40.70
C LYS A 27 3.33 -4.88 40.37
N ASP A 28 2.94 -5.73 39.43
CA ASP A 28 3.75 -6.90 39.08
C ASP A 28 4.77 -6.62 37.98
N THR A 29 4.76 -5.40 37.45
CA THR A 29 5.72 -5.04 36.43
C THR A 29 7.06 -4.72 37.06
N ALA A 30 8.07 -5.51 36.69
CA ALA A 30 9.44 -5.32 37.18
C ALA A 30 10.42 -5.67 36.07
N PHE A 31 11.65 -5.18 36.21
CA PHE A 31 12.69 -5.44 35.22
C PHE A 31 13.81 -6.27 35.85
N PRO A 32 14.63 -6.92 35.01
CA PRO A 32 15.70 -7.77 35.52
C PRO A 32 16.64 -7.05 36.47
N GLU A 33 17.16 -7.76 37.46
CA GLU A 33 18.15 -7.20 38.36
C GLU A 33 19.37 -6.76 37.58
N GLY A 34 19.84 -5.56 37.88
CA GLY A 34 21.05 -5.02 37.25
C GLY A 34 20.85 -4.53 35.83
N PHE A 35 19.59 -4.38 35.43
CA PHE A 35 19.24 -3.87 34.10
C PHE A 35 19.91 -2.53 33.82
N LEU A 36 20.58 -2.41 32.67
CA LEU A 36 21.33 -1.20 32.36
C LEU A 36 20.47 -0.19 31.60
N TRP A 37 19.81 0.66 32.37
CA TRP A 37 19.11 1.81 31.85
C TRP A 37 20.12 2.88 31.45
N GLY A 38 20.13 3.26 30.18
CA GLY A 38 21.09 4.25 29.73
C GLY A 38 20.60 5.15 28.64
N ALA A 39 21.56 5.90 28.10
CA ALA A 39 21.36 6.73 26.93
C ALA A 39 22.58 6.56 26.04
N ALA A 40 22.40 6.80 24.75
CA ALA A 40 23.44 6.61 23.77
C ALA A 40 23.76 7.88 22.99
N THR A 41 25.01 7.98 22.58
CA THR A 41 25.50 9.02 21.68
C THR A 41 26.52 8.41 20.73
N ALA A 42 27.01 9.22 19.79
CA ALA A 42 28.16 8.86 18.97
C ALA A 42 29.10 10.06 18.88
N ALA A 43 30.38 9.78 18.75
CA ALA A 43 31.41 10.80 18.84
C ALA A 43 31.21 11.95 17.84
N TYR A 44 31.04 11.65 16.56
CA TYR A 44 30.95 12.74 15.59
C TYR A 44 29.69 13.57 15.83
N GLN A 45 28.64 12.96 16.39
CA GLN A 45 27.38 13.66 16.54
C GLN A 45 27.38 14.68 17.69
N ILE A 46 28.27 14.50 18.67
CA ILE A 46 28.27 15.37 19.85
C ILE A 46 29.59 16.05 20.21
N GLU A 47 30.73 15.50 19.82
CA GLU A 47 32.01 15.93 20.42
C GLU A 47 32.47 17.33 20.03
N GLY A 48 32.38 17.67 18.74
CA GLY A 48 33.05 18.86 18.24
C GLY A 48 34.56 18.69 18.36
N ALA A 49 35.25 19.81 18.53
CA ALA A 49 36.71 19.79 18.60
C ALA A 49 37.29 18.91 17.48
N ALA A 50 36.75 19.07 16.28
CA ALA A 50 36.99 18.16 15.18
C ALA A 50 38.43 18.20 14.69
N ALA A 51 39.05 19.37 14.76
CA ALA A 51 40.42 19.52 14.31
C ALA A 51 41.31 20.05 15.41
N GLU A 52 40.96 19.78 16.67
CA GLU A 52 41.85 20.18 17.75
C GLU A 52 42.40 18.99 18.50
N ASP A 53 43.49 19.26 19.21
CA ASP A 53 44.19 18.28 20.03
C ASP A 53 44.52 17.02 19.24
N GLY A 54 44.96 17.21 18.00
CA GLY A 54 45.54 16.15 17.22
C GLY A 54 44.58 15.26 16.45
N ARG A 55 43.27 15.52 16.57
CA ARG A 55 42.31 14.67 15.87
C ARG A 55 42.52 14.77 14.36
N GLY A 56 42.59 13.62 13.72
CA GLY A 56 42.62 13.58 12.27
C GLY A 56 41.23 13.58 11.70
N PRO A 57 41.09 13.97 10.43
CA PRO A 57 39.75 14.01 9.85
C PRO A 57 39.15 12.63 9.63
N SER A 58 37.83 12.53 9.83
CA SER A 58 37.08 11.34 9.44
C SER A 58 36.41 11.59 8.09
N MET A 59 35.86 10.54 7.48
CA MET A 59 35.20 10.75 6.20
C MET A 59 33.94 11.60 6.32
N TRP A 60 33.42 11.75 7.54
CA TRP A 60 32.27 12.62 7.78
C TRP A 60 32.68 14.09 7.86
N ASP A 61 33.91 14.36 8.31
CA ASP A 61 34.46 15.71 8.21
C ASP A 61 34.54 16.11 6.72
N THR A 62 35.09 15.22 5.92
CA THR A 62 35.23 15.44 4.48
C THR A 62 33.86 15.65 3.83
N PHE A 63 32.95 14.72 4.12
CA PHE A 63 31.61 14.73 3.55
C PHE A 63 30.83 16.02 3.88
N SER A 64 30.91 16.42 5.15
N SER A 64 30.87 16.42 5.15
CA SER A 64 30.13 17.55 5.65
CA SER A 64 30.06 17.57 5.58
C SER A 64 30.63 18.88 5.09
C SER A 64 30.61 18.89 5.07
N LYS A 65 31.86 18.90 4.61
CA LYS A 65 32.41 20.12 4.01
C LYS A 65 31.95 20.31 2.58
N ILE A 66 31.40 19.27 1.96
CA ILE A 66 30.96 19.36 0.58
C ILE A 66 29.58 19.99 0.50
N PRO A 67 29.45 21.11 -0.22
CA PRO A 67 28.12 21.72 -0.31
C PRO A 67 27.05 20.73 -0.80
N GLY A 68 25.92 20.72 -0.10
CA GLY A 68 24.78 19.95 -0.51
C GLY A 68 24.63 18.60 0.17
N LYS A 69 25.69 18.11 0.80
CA LYS A 69 25.62 16.78 1.40
C LYS A 69 24.78 16.76 2.68
N ILE A 70 24.92 17.80 3.50
CA ILE A 70 24.19 17.88 4.77
C ILE A 70 23.12 18.94 4.67
N ASP A 71 21.93 18.61 5.12
CA ASP A 71 20.82 19.56 5.13
C ASP A 71 21.24 20.83 5.86
N ASN A 72 20.92 21.98 5.28
CA ASN A 72 21.15 23.27 5.89
C ASN A 72 22.62 23.65 6.08
N GLY A 73 23.53 22.89 5.47
CA GLY A 73 24.95 23.19 5.50
C GLY A 73 25.67 22.88 6.80
N ASP A 74 25.04 22.09 7.64
CA ASP A 74 25.60 21.74 8.95
C ASP A 74 26.82 20.83 8.85
N THR A 75 27.66 20.91 9.88
CA THR A 75 28.79 20.00 10.05
C THR A 75 28.91 19.60 11.52
N GLY A 76 29.76 18.61 11.77
CA GLY A 76 30.10 18.22 13.13
C GLY A 76 31.32 18.94 13.70
N ASP A 77 31.71 20.08 13.12
CA ASP A 77 32.90 20.78 13.60
C ASP A 77 32.83 21.12 15.10
N VAL A 78 31.66 21.55 15.55
CA VAL A 78 31.44 21.95 16.95
C VAL A 78 30.41 21.06 17.64
N ALA A 79 29.31 20.77 16.96
CA ALA A 79 28.25 19.91 17.50
C ALA A 79 27.84 20.39 18.88
N CYS A 80 27.84 19.50 19.88
CA CYS A 80 27.47 19.85 21.24
C CYS A 80 28.66 20.22 22.10
N ASP A 81 29.84 20.32 21.47
CA ASP A 81 31.08 20.67 22.17
C ASP A 81 31.33 19.74 23.38
N HIS A 82 30.91 18.48 23.27
CA HIS A 82 31.01 17.54 24.36
C HIS A 82 32.47 17.22 24.72
N TYR A 83 33.36 17.33 23.76
CA TYR A 83 34.78 17.11 24.03
C TYR A 83 35.26 18.01 25.17
N HIS A 84 34.77 19.25 25.19
CA HIS A 84 35.12 20.21 26.23
C HIS A 84 34.18 20.17 27.42
N ARG A 85 32.94 19.75 27.21
CA ARG A 85 31.89 19.86 28.21
C ARG A 85 31.49 18.51 28.83
N TYR A 86 32.34 17.50 28.67
CA TYR A 86 31.94 16.14 29.03
C TYR A 86 31.65 16.00 30.53
N LYS A 87 32.37 16.73 31.38
CA LYS A 87 32.13 16.64 32.83
C LYS A 87 30.70 17.08 33.17
N GLU A 88 30.23 18.15 32.54
CA GLU A 88 28.87 18.66 32.76
C GLU A 88 27.84 17.64 32.29
N ASP A 89 28.12 17.01 31.15
CA ASP A 89 27.20 16.03 30.60
C ASP A 89 27.11 14.79 31.48
N VAL A 90 28.23 14.37 32.06
CA VAL A 90 28.21 13.23 32.96
C VAL A 90 27.41 13.58 34.22
N LYS A 91 27.55 14.81 34.71
CA LYS A 91 26.77 15.23 35.87
C LYS A 91 25.29 15.22 35.56
N LEU A 92 24.90 15.58 34.33
CA LEU A 92 23.51 15.50 33.92
C LEU A 92 23.00 14.07 34.02
N MET A 93 23.83 13.14 33.54
CA MET A 93 23.47 11.74 33.55
C MET A 93 23.34 11.20 34.96
N LYS A 94 24.21 11.68 35.85
CA LYS A 94 24.13 11.31 37.27
C LYS A 94 22.81 11.79 37.84
N GLY A 95 22.43 13.02 37.51
CA GLY A 95 21.19 13.59 37.99
C GLY A 95 19.98 12.80 37.56
N MET A 96 20.05 12.25 36.35
CA MET A 96 18.96 11.44 35.81
C MET A 96 18.97 10.02 36.36
N GLY A 97 20.05 9.66 37.03
CA GLY A 97 20.18 8.34 37.59
C GLY A 97 20.43 7.26 36.56
N LEU A 98 21.00 7.62 35.42
CA LEU A 98 21.33 6.61 34.41
C LEU A 98 22.25 5.57 35.02
N LYS A 99 21.99 4.31 34.71
CA LYS A 99 22.84 3.21 35.15
C LYS A 99 24.05 3.08 34.23
N SER A 100 23.90 3.49 32.98
CA SER A 100 24.92 3.24 31.97
C SER A 100 24.87 4.28 30.85
N TYR A 101 25.98 4.42 30.15
CA TYR A 101 26.12 5.35 29.03
C TYR A 101 26.83 4.63 27.90
N ARG A 102 26.25 4.73 26.71
CA ARG A 102 26.85 4.18 25.49
C ARG A 102 27.40 5.32 24.65
N PHE A 103 28.72 5.34 24.47
CA PHE A 103 29.36 6.36 23.65
C PHE A 103 30.27 5.69 22.65
N SER A 104 30.67 6.41 21.60
CA SER A 104 31.64 5.86 20.67
C SER A 104 32.97 6.61 20.77
N VAL A 105 34.02 5.91 20.35
CA VAL A 105 35.35 6.46 20.26
C VAL A 105 35.58 6.89 18.83
N SER A 106 36.01 8.14 18.65
CA SER A 106 36.45 8.62 17.35
C SER A 106 37.79 7.99 17.01
N TRP A 107 37.76 7.04 16.11
CA TRP A 107 38.95 6.34 15.63
C TRP A 107 40.05 7.34 15.26
N SER A 108 39.71 8.39 14.52
CA SER A 108 40.74 9.30 14.07
C SER A 108 41.13 10.31 15.14
N ARG A 109 40.43 10.36 16.26
CA ARG A 109 40.90 11.16 17.40
C ARG A 109 42.03 10.41 18.12
N VAL A 110 41.99 9.07 18.08
CA VAL A 110 43.01 8.25 18.73
C VAL A 110 44.16 7.90 17.77
N LEU A 111 43.81 7.54 16.53
CA LEU A 111 44.78 7.23 15.48
C LEU A 111 44.47 8.10 14.27
N PRO A 112 45.11 9.29 14.20
CA PRO A 112 44.69 10.27 13.18
C PRO A 112 44.64 9.72 11.76
N GLU A 113 45.57 8.84 11.38
CA GLU A 113 45.58 8.24 10.04
C GLU A 113 44.84 6.89 9.99
N GLY A 114 44.33 6.43 11.13
CA GLY A 114 43.62 5.16 11.20
C GLY A 114 44.53 4.03 11.65
N THR A 115 45.83 4.19 11.42
CA THR A 115 46.83 3.24 11.85
C THR A 115 48.03 3.98 12.43
N GLY A 116 48.90 3.26 13.11
CA GLY A 116 50.15 3.84 13.60
C GLY A 116 50.10 4.43 15.00
N ALA A 117 50.71 5.60 15.15
CA ALA A 117 50.96 6.19 16.48
C ALA A 117 49.69 6.72 17.15
N ILE A 118 49.58 6.47 18.45
CA ILE A 118 48.47 7.00 19.22
C ILE A 118 48.65 8.50 19.43
N ASN A 119 47.56 9.23 19.21
CA ASN A 119 47.48 10.64 19.53
C ASN A 119 47.20 10.79 21.02
N PRO A 120 48.20 11.21 21.80
CA PRO A 120 48.09 11.17 23.27
C PRO A 120 46.85 11.89 23.84
N LYS A 121 46.57 13.10 23.35
CA LYS A 121 45.45 13.88 23.88
C LYS A 121 44.11 13.23 23.55
N GLY A 122 44.06 12.55 22.42
CA GLY A 122 42.85 11.85 22.02
C GLY A 122 42.57 10.69 22.94
N MET A 123 43.59 9.87 23.19
CA MET A 123 43.45 8.75 24.08
C MET A 123 43.09 9.23 25.48
N GLU A 124 43.73 10.30 25.89
CA GLU A 124 43.54 10.86 27.21
C GLU A 124 42.08 11.29 27.43
N PHE A 125 41.45 11.85 26.39
CA PHE A 125 40.04 12.23 26.50
C PHE A 125 39.16 11.03 26.85
N TYR A 126 39.35 9.91 26.16
CA TYR A 126 38.49 8.76 26.40
C TYR A 126 38.80 8.14 27.75
N GLN A 127 40.06 8.20 28.19
CA GLN A 127 40.37 7.77 29.54
C GLN A 127 39.70 8.67 30.58
N ASN A 128 39.77 9.99 30.37
CA ASN A 128 39.13 10.92 31.29
C ASN A 128 37.61 10.76 31.34
N LEU A 129 37.00 10.58 30.16
CA LEU A 129 35.55 10.36 30.08
C LEU A 129 35.16 9.08 30.81
N THR A 130 35.90 8.01 30.58
CA THR A 130 35.64 6.73 31.22
C THR A 130 35.74 6.85 32.74
N ASN A 131 36.78 7.51 33.23
CA ASN A 131 36.94 7.68 34.67
C ASN A 131 35.83 8.53 35.26
N GLU A 132 35.40 9.55 34.52
CA GLU A 132 34.38 10.46 35.02
C GLU A 132 33.05 9.71 35.18
N LEU A 133 32.75 8.85 34.23
CA LEU A 133 31.54 8.05 34.28
C LEU A 133 31.56 7.13 35.50
N ILE A 134 32.66 6.42 35.67
CA ILE A 134 32.78 5.50 36.78
C ILE A 134 32.73 6.23 38.12
N ALA A 135 33.37 7.41 38.19
CA ALA A 135 33.37 8.19 39.42
C ALA A 135 31.97 8.66 39.80
N ASN A 136 31.07 8.68 38.82
CA ASN A 136 29.71 9.13 39.04
C ASN A 136 28.69 7.99 39.00
N GLY A 137 29.19 6.75 39.08
CA GLY A 137 28.34 5.58 39.23
C GLY A 137 27.67 5.14 37.96
N ILE A 138 28.21 5.54 36.81
CA ILE A 138 27.64 5.19 35.51
C ILE A 138 28.54 4.17 34.80
N VAL A 139 27.94 3.07 34.36
CA VAL A 139 28.68 2.01 33.67
C VAL A 139 29.00 2.43 32.24
N PRO A 140 30.29 2.60 31.92
CA PRO A 140 30.64 3.00 30.56
C PRO A 140 30.60 1.83 29.60
N THR A 141 29.98 2.03 28.44
CA THR A 141 29.95 1.04 27.39
C THR A 141 30.32 1.73 26.09
N VAL A 142 31.10 1.04 25.26
CA VAL A 142 31.84 1.71 24.18
C VAL A 142 31.64 1.09 22.80
N THR A 143 31.22 1.92 21.86
CA THR A 143 31.17 1.58 20.45
C THR A 143 32.49 1.93 19.78
N LEU A 144 33.18 0.95 19.21
CA LEU A 144 34.46 1.21 18.54
C LEU A 144 34.26 1.96 17.22
N TYR A 145 33.29 1.53 16.42
CA TYR A 145 33.04 2.16 15.12
C TYR A 145 31.61 2.65 14.98
N HIS A 146 31.45 3.97 15.01
CA HIS A 146 30.14 4.58 14.79
C HIS A 146 30.28 5.60 13.66
N TRP A 147 30.80 5.09 12.54
CA TRP A 147 30.70 5.66 11.19
C TRP A 147 31.77 6.67 10.84
N ASP A 148 32.58 7.07 11.83
CA ASP A 148 33.59 8.10 11.59
C ASP A 148 34.93 7.48 11.18
N LEU A 149 34.88 6.76 10.06
CA LEU A 149 36.08 6.15 9.49
C LEU A 149 37.13 7.22 9.21
N PRO A 150 38.38 6.97 9.65
CA PRO A 150 39.43 7.94 9.31
C PRO A 150 39.51 8.20 7.81
N GLU A 151 39.62 9.47 7.43
CA GLU A 151 39.64 9.84 6.02
C GLU A 151 40.77 9.12 5.29
N ALA A 152 41.91 8.95 5.96
CA ALA A 152 43.05 8.30 5.31
C ALA A 152 42.68 6.89 4.86
N LEU A 153 41.86 6.20 5.64
CA LEU A 153 41.41 4.86 5.28
C LEU A 153 40.32 4.93 4.22
N SER A 154 39.48 5.95 4.31
CA SER A 154 38.44 6.15 3.32
C SER A 154 39.06 6.37 1.94
N LYS A 155 40.15 7.13 1.89
CA LYS A 155 40.84 7.39 0.63
C LYS A 155 41.39 6.12 -0.01
N ASN A 156 41.68 5.12 0.82
CA ASN A 156 42.20 3.85 0.32
C ASN A 156 41.10 2.81 0.12
N GLY A 157 39.86 3.27 0.00
CA GLY A 157 38.75 2.39 -0.35
C GLY A 157 37.77 2.15 0.77
N GLY A 158 38.14 2.52 1.99
CA GLY A 158 37.27 2.34 3.13
C GLY A 158 36.76 0.92 3.24
N TRP A 159 35.45 0.77 3.45
CA TRP A 159 34.89 -0.57 3.67
C TRP A 159 34.74 -1.37 2.40
N LEU A 160 35.23 -0.85 1.27
CA LEU A 160 35.33 -1.68 0.07
C LEU A 160 36.70 -2.36 0.00
N ASN A 161 37.58 -2.01 0.97
CA ASN A 161 38.94 -2.57 1.04
C ASN A 161 39.13 -3.39 2.31
N GLU A 162 39.52 -4.65 2.16
CA GLU A 162 39.70 -5.53 3.31
C GLU A 162 40.80 -5.00 4.24
N ASP A 163 41.68 -4.16 3.72
CA ASP A 163 42.71 -3.52 4.55
C ASP A 163 42.09 -2.76 5.72
N THR A 164 40.88 -2.23 5.51
CA THR A 164 40.21 -1.47 6.54
C THR A 164 39.79 -2.38 7.70
N ALA A 165 39.42 -3.62 7.39
CA ALA A 165 39.07 -4.58 8.43
C ALA A 165 40.28 -4.91 9.28
N VAL A 166 41.43 -5.05 8.64
CA VAL A 166 42.68 -5.32 9.35
C VAL A 166 43.00 -4.15 10.27
N ALA A 167 42.90 -2.94 9.74
CA ALA A 167 43.17 -1.73 10.52
C ALA A 167 42.22 -1.63 11.71
N PHE A 168 40.96 -2.00 11.49
CA PHE A 168 39.98 -1.92 12.56
C PHE A 168 40.35 -2.84 13.72
N GLY A 169 40.78 -4.06 13.42
CA GLY A 169 41.21 -4.99 14.45
C GLY A 169 42.35 -4.43 15.26
N GLN A 170 43.31 -3.78 14.60
CA GLN A 170 44.47 -3.24 15.29
C GLN A 170 44.05 -2.06 16.18
N TYR A 171 43.07 -1.29 15.71
CA TYR A 171 42.53 -0.17 16.49
C TYR A 171 41.77 -0.67 17.71
N ALA A 172 40.96 -1.70 17.54
CA ALA A 172 40.26 -2.31 18.67
C ALA A 172 41.26 -2.75 19.75
N ASP A 173 42.34 -3.40 19.32
CA ASP A 173 43.44 -3.84 20.18
C ASP A 173 43.96 -2.69 21.07
N VAL A 174 44.22 -1.56 20.46
CA VAL A 174 44.67 -0.37 21.18
C VAL A 174 43.66 0.06 22.24
N MET A 175 42.38 0.08 21.89
CA MET A 175 41.37 0.55 22.83
C MET A 175 41.14 -0.44 23.98
N PHE A 176 41.17 -1.75 23.70
CA PHE A 176 41.02 -2.75 24.74
C PHE A 176 42.13 -2.60 25.79
N GLN A 177 43.35 -2.41 25.30
CA GLN A 177 44.51 -2.32 26.18
C GLN A 177 44.40 -1.08 27.07
N ALA A 178 43.93 0.03 26.51
CA ALA A 178 43.88 1.29 27.24
C ALA A 178 42.70 1.38 28.22
N LEU A 179 41.52 0.90 27.81
CA LEU A 179 40.28 1.13 28.58
C LEU A 179 39.64 -0.12 29.17
N GLY A 180 40.10 -1.30 28.76
CA GLY A 180 39.41 -2.54 29.09
C GLY A 180 39.45 -2.95 30.55
N ASP A 181 40.32 -2.32 31.34
CA ASP A 181 40.35 -2.54 32.77
C ASP A 181 39.10 -1.92 33.42
N ARG A 182 38.47 -0.99 32.71
CA ARG A 182 37.28 -0.29 33.20
C ARG A 182 36.04 -0.55 32.36
N VAL A 183 36.20 -0.56 31.04
CA VAL A 183 35.10 -0.82 30.11
C VAL A 183 34.93 -2.33 29.94
N LYS A 184 33.72 -2.83 30.22
CA LYS A 184 33.47 -4.28 30.20
C LYS A 184 32.39 -4.67 29.20
N LEU A 185 31.89 -3.69 28.45
CA LEU A 185 30.92 -3.95 27.41
C LEU A 185 31.33 -3.17 26.18
N TRP A 186 31.67 -3.92 25.12
CA TRP A 186 32.18 -3.36 23.89
C TRP A 186 31.25 -3.64 22.72
N PHE A 187 30.97 -2.62 21.93
CA PHE A 187 30.24 -2.75 20.68
C PHE A 187 31.21 -2.55 19.53
N THR A 188 31.28 -3.51 18.62
CA THR A 188 32.28 -3.41 17.55
C THR A 188 31.87 -2.35 16.53
N LEU A 189 30.85 -2.64 15.74
CA LEU A 189 30.36 -1.69 14.76
C LEU A 189 28.90 -1.36 15.02
N ASN A 190 28.58 -0.11 14.80
CA ASN A 190 27.21 0.38 14.86
C ASN A 190 26.56 0.33 13.49
N GLU A 191 25.41 -0.36 13.39
CA GLU A 191 24.60 -0.38 12.18
C GLU A 191 25.37 -0.55 10.89
N PRO A 192 26.02 -1.70 10.73
CA PRO A 192 26.68 -1.94 9.45
C PRO A 192 25.72 -1.89 8.25
N TRP A 193 24.43 -2.15 8.46
CA TRP A 193 23.46 -2.00 7.38
C TRP A 193 23.50 -0.59 6.81
N THR A 194 23.50 0.39 7.70
CA THR A 194 23.39 1.77 7.29
C THR A 194 24.67 2.24 6.61
N THR A 195 25.82 1.90 7.16
CA THR A 195 27.07 2.20 6.49
C THR A 195 27.08 1.66 5.07
N ALA A 196 26.69 0.39 4.93
CA ALA A 196 26.72 -0.25 3.63
C ALA A 196 25.72 0.37 2.63
N ILE A 197 24.47 0.54 3.06
CA ILE A 197 23.43 1.04 2.17
C ILE A 197 23.50 2.55 1.96
N ALA A 198 23.51 3.31 3.04
CA ALA A 198 23.51 4.77 2.90
C ALA A 198 24.88 5.32 2.49
N GLY A 199 25.95 4.75 3.02
CA GLY A 199 27.28 5.26 2.76
C GLY A 199 27.88 4.82 1.43
N TYR A 200 27.71 3.55 1.09
CA TYR A 200 28.35 2.98 -0.10
C TYR A 200 27.37 2.66 -1.23
N GLY A 201 26.08 2.62 -0.93
CA GLY A 201 25.07 2.25 -1.92
C GLY A 201 24.29 3.41 -2.51
N GLN A 202 23.67 4.20 -1.64
CA GLN A 202 22.82 5.33 -2.02
C GLN A 202 23.58 6.64 -2.03
N GLY A 203 24.61 6.73 -1.21
CA GLY A 203 25.46 7.91 -1.18
C GLY A 203 24.95 9.06 -0.33
N GLY A 204 23.91 8.83 0.46
CA GLY A 204 23.37 9.85 1.35
C GLY A 204 24.24 10.09 2.57
N HIS A 205 25.04 9.09 2.92
CA HIS A 205 26.00 9.16 4.00
C HIS A 205 27.41 9.09 3.44
N ALA A 206 28.38 9.53 4.25
CA ALA A 206 29.79 9.38 3.89
C ALA A 206 30.10 7.89 3.69
N PRO A 207 30.92 7.55 2.69
CA PRO A 207 31.69 8.40 1.79
C PRO A 207 30.94 8.93 0.56
N GLY A 208 29.66 8.63 0.45
CA GLY A 208 28.83 9.17 -0.61
C GLY A 208 28.87 8.44 -1.94
N LEU A 209 29.19 7.15 -1.90
CA LEU A 209 29.30 6.36 -3.12
C LEU A 209 27.94 5.82 -3.54
N LYS A 210 27.81 5.54 -4.83
CA LYS A 210 26.53 5.16 -5.42
C LYS A 210 26.67 3.91 -6.28
N ASN A 211 26.15 2.80 -5.76
CA ASN A 211 26.09 1.52 -6.45
C ASN A 211 25.29 0.59 -5.57
N MET A 212 24.12 0.17 -6.03
CA MET A 212 23.24 -0.65 -5.18
C MET A 212 23.32 -2.14 -5.54
N ALA A 213 23.99 -2.45 -6.64
CA ALA A 213 24.13 -3.82 -7.10
C ALA A 213 25.15 -4.60 -6.26
N GLU A 214 26.30 -3.97 -6.01
CA GLU A 214 27.45 -4.65 -5.41
C GLU A 214 27.98 -3.99 -4.15
N ASN A 215 28.04 -2.66 -4.12
CA ASN A 215 28.68 -1.98 -2.99
C ASN A 215 28.10 -2.34 -1.62
N PRO A 216 26.76 -2.44 -1.50
CA PRO A 216 26.28 -2.72 -0.14
C PRO A 216 26.79 -4.05 0.41
N TYR A 217 26.82 -5.05 -0.46
CA TYR A 217 27.25 -6.37 -0.05
C TYR A 217 28.76 -6.40 0.24
N MET A 218 29.56 -5.67 -0.54
CA MET A 218 31.00 -5.63 -0.28
C MET A 218 31.31 -4.87 1.00
N ALA A 219 30.64 -3.74 1.22
CA ALA A 219 30.87 -2.96 2.43
C ALA A 219 30.39 -3.74 3.64
N GLY A 220 29.29 -4.47 3.51
CA GLY A 220 28.83 -5.30 4.61
C GLY A 220 29.85 -6.39 4.92
N HIS A 221 30.41 -6.96 3.87
CA HIS A 221 31.38 -8.05 3.97
C HIS A 221 32.62 -7.64 4.77
N ASN A 222 33.20 -6.51 4.42
CA ASN A 222 34.42 -6.08 5.10
C ASN A 222 34.15 -5.58 6.52
N GLN A 223 32.97 -5.02 6.77
CA GLN A 223 32.60 -4.69 8.14
C GLN A 223 32.52 -5.96 8.99
N LEU A 224 31.96 -7.02 8.43
CA LEU A 224 31.91 -8.29 9.15
C LEU A 224 33.31 -8.84 9.42
N LEU A 225 34.20 -8.73 8.44
CA LEU A 225 35.58 -9.16 8.68
C LEU A 225 36.22 -8.30 9.77
N GLY A 226 35.89 -7.00 9.80
CA GLY A 226 36.38 -6.12 10.85
C GLY A 226 35.89 -6.56 12.23
N HIS A 227 34.58 -6.81 12.32
CA HIS A 227 34.00 -7.35 13.54
C HIS A 227 34.75 -8.60 14.03
N ALA A 228 34.97 -9.56 13.13
CA ALA A 228 35.60 -10.81 13.49
C ALA A 228 37.01 -10.59 14.01
N ALA A 229 37.72 -9.66 13.38
CA ALA A 229 39.10 -9.35 13.79
C ALA A 229 39.14 -8.75 15.19
N ALA A 230 38.23 -7.82 15.47
CA ALA A 230 38.19 -7.16 16.78
C ALA A 230 37.82 -8.17 17.87
N VAL A 231 36.85 -9.03 17.60
CA VAL A 231 36.45 -10.01 18.60
C VAL A 231 37.57 -11.03 18.83
N LYS A 232 38.29 -11.39 17.77
CA LYS A 232 39.40 -12.35 17.91
C LYS A 232 40.46 -11.80 18.85
N VAL A 233 40.84 -10.54 18.65
CA VAL A 233 41.77 -9.86 19.53
C VAL A 233 41.26 -9.85 20.97
N TYR A 234 40.00 -9.50 21.13
CA TYR A 234 39.44 -9.38 22.46
C TYR A 234 39.46 -10.73 23.18
N ARG A 235 38.97 -11.79 22.52
CA ARG A 235 38.93 -13.10 23.16
C ARG A 235 40.31 -13.63 23.49
N GLU A 236 41.27 -13.40 22.59
CA GLU A 236 42.58 -14.03 22.72
C GLU A 236 43.51 -13.31 23.69
N LYS A 237 43.36 -11.99 23.78
CA LYS A 237 44.32 -11.17 24.51
C LYS A 237 43.76 -10.49 25.76
N TYR A 238 42.45 -10.27 25.82
CA TYR A 238 41.90 -9.42 26.87
C TYR A 238 40.76 -10.03 27.69
N GLN A 239 39.97 -10.91 27.10
CA GLN A 239 38.70 -11.27 27.74
C GLN A 239 38.85 -12.03 29.07
N GLU A 240 39.78 -12.98 29.15
CA GLU A 240 39.94 -13.73 30.39
C GLU A 240 40.39 -12.79 31.51
N LYS A 241 41.35 -11.94 31.17
CA LYS A 241 41.94 -10.99 32.11
C LYS A 241 40.96 -9.90 32.55
N GLN A 242 40.24 -9.33 31.59
CA GLN A 242 39.40 -8.15 31.86
C GLN A 242 37.98 -8.52 32.24
N GLY A 243 37.53 -9.67 31.77
CA GLY A 243 36.22 -10.19 32.15
C GLY A 243 35.06 -9.42 31.58
N GLY A 244 35.26 -8.83 30.41
CA GLY A 244 34.19 -8.10 29.74
C GLY A 244 33.53 -8.90 28.64
N LYS A 245 32.61 -8.25 27.93
CA LYS A 245 31.83 -8.88 26.86
C LYS A 245 31.85 -8.01 25.60
N ILE A 246 31.69 -8.63 24.44
CA ILE A 246 31.75 -7.93 23.16
C ILE A 246 30.67 -8.43 22.19
N GLY A 247 30.16 -7.52 21.36
CA GLY A 247 29.16 -7.88 20.37
C GLY A 247 29.00 -6.76 19.35
N ALA A 248 28.16 -6.99 18.36
CA ALA A 248 27.87 -5.98 17.34
C ALA A 248 26.58 -5.25 17.68
N VAL A 249 26.39 -4.08 17.08
CA VAL A 249 25.13 -3.36 17.15
C VAL A 249 24.50 -3.37 15.78
N LEU A 250 23.49 -4.22 15.63
CA LEU A 250 22.80 -4.36 14.37
C LEU A 250 21.50 -3.57 14.44
N SER A 251 20.67 -3.66 13.40
CA SER A 251 19.52 -2.78 13.28
C SER A 251 18.51 -3.31 12.28
N THR A 252 17.24 -3.07 12.57
CA THR A 252 16.18 -3.25 11.59
C THR A 252 14.87 -2.74 12.15
N GLU A 253 14.01 -2.30 11.24
CA GLU A 253 12.60 -2.15 11.57
C GLU A 253 11.99 -3.52 11.85
N TRP A 254 10.94 -3.56 12.65
CA TRP A 254 10.11 -4.75 12.64
C TRP A 254 9.46 -4.78 11.26
N LYS A 255 9.31 -5.99 10.70
CA LYS A 255 8.69 -6.17 9.41
C LYS A 255 7.43 -6.98 9.61
N GLU A 256 6.29 -6.33 9.39
CA GLU A 256 5.00 -6.94 9.66
C GLU A 256 4.30 -7.21 8.33
N PRO A 257 3.73 -8.40 8.17
CA PRO A 257 3.01 -8.67 6.92
C PRO A 257 1.80 -7.75 6.72
N LEU A 258 1.63 -7.21 5.52
CA LEU A 258 0.51 -6.33 5.25
C LEU A 258 -0.81 -7.07 5.40
N CYS A 259 -0.88 -8.26 4.81
CA CYS A 259 -2.06 -9.11 4.85
C CYS A 259 -1.76 -10.46 5.47
N HIS A 260 -2.80 -11.15 5.89
CA HIS A 260 -2.67 -12.51 6.43
C HIS A 260 -2.67 -13.53 5.31
N THR A 261 -1.61 -13.49 4.53
CA THR A 261 -1.35 -14.42 3.44
C THR A 261 0.05 -14.95 3.62
N GLN A 262 0.31 -16.14 3.07
CA GLN A 262 1.65 -16.71 3.19
C GLN A 262 2.65 -15.86 2.39
N GLU A 263 2.20 -15.27 1.28
CA GLU A 263 3.08 -14.43 0.47
C GLU A 263 3.60 -13.21 1.24
N ASP A 264 2.73 -12.57 2.01
CA ASP A 264 3.14 -11.40 2.79
C ASP A 264 3.94 -11.83 4.00
N LYS A 265 3.58 -12.96 4.59
CA LYS A 265 4.37 -13.48 5.71
C LYS A 265 5.79 -13.80 5.24
N ASP A 266 5.91 -14.41 4.07
CA ASP A 266 7.21 -14.73 3.51
C ASP A 266 8.00 -13.46 3.19
N ALA A 267 7.35 -12.45 2.63
CA ALA A 267 8.02 -11.21 2.29
C ALA A 267 8.54 -10.48 3.54
N ALA A 268 7.75 -10.49 4.61
CA ALA A 268 8.17 -9.85 5.86
C ALA A 268 9.38 -10.56 6.46
N GLU A 269 9.31 -11.88 6.52
CA GLU A 269 10.41 -12.68 7.03
C GLU A 269 11.66 -12.43 6.20
N ARG A 270 11.49 -12.37 4.88
CA ARG A 270 12.60 -12.13 3.97
C ARG A 270 13.29 -10.79 4.20
N SER A 271 12.52 -9.75 4.53
CA SER A 271 13.13 -8.45 4.83
C SER A 271 13.91 -8.52 6.14
N LEU A 272 13.42 -9.25 7.13
CA LEU A 272 14.20 -9.45 8.36
C LEU A 272 15.50 -10.17 8.06
N ILE A 273 15.46 -11.15 7.16
CA ILE A 273 16.67 -11.85 6.78
C ILE A 273 17.65 -10.89 6.09
N TRP A 274 17.16 -10.13 5.11
CA TRP A 274 18.05 -9.26 4.34
C TRP A 274 18.60 -8.11 5.17
N TYR A 275 17.83 -7.63 6.15
CA TYR A 275 18.30 -6.51 6.98
C TYR A 275 19.21 -6.98 8.12
N LEU A 276 18.75 -7.97 8.87
CA LEU A 276 19.38 -8.34 10.14
C LEU A 276 20.18 -9.62 10.05
N ALA A 277 19.60 -10.68 9.47
CA ALA A 277 20.31 -11.96 9.38
C ALA A 277 21.53 -11.88 8.46
N TRP A 278 21.49 -10.94 7.52
CA TRP A 278 22.63 -10.60 6.68
C TRP A 278 23.92 -10.50 7.51
N PHE A 279 23.82 -9.85 8.67
CA PHE A 279 24.96 -9.70 9.57
C PHE A 279 24.97 -10.72 10.71
N ALA A 280 23.79 -11.04 11.24
CA ALA A 280 23.71 -11.86 12.43
C ALA A 280 23.94 -13.35 12.14
N ASP A 281 23.56 -13.84 10.97
CA ASP A 281 23.83 -15.25 10.66
C ASP A 281 25.35 -15.46 10.57
N PRO A 282 26.08 -14.56 9.89
CA PRO A 282 27.55 -14.73 9.96
C PRO A 282 28.09 -14.76 11.40
N ILE A 283 27.65 -13.83 12.23
CA ILE A 283 28.18 -13.72 13.59
C ILE A 283 27.78 -14.91 14.48
N TYR A 284 26.59 -15.46 14.27
CA TYR A 284 26.12 -16.54 15.14
C TYR A 284 26.28 -17.92 14.54
N LYS A 285 26.22 -18.01 13.22
CA LYS A 285 26.21 -19.30 12.52
C LYS A 285 27.42 -19.52 11.62
N GLY A 286 28.15 -18.45 11.29
CA GLY A 286 29.39 -18.56 10.56
C GLY A 286 29.35 -18.25 9.07
N ASP A 287 28.17 -18.00 8.53
CA ASP A 287 28.05 -17.67 7.10
C ASP A 287 26.78 -16.88 6.82
N TYR A 288 26.69 -16.27 5.65
CA TYR A 288 25.48 -15.59 5.23
C TYR A 288 24.31 -16.56 5.15
N PRO A 289 23.08 -16.04 5.26
CA PRO A 289 21.91 -16.88 4.98
C PRO A 289 21.99 -17.48 3.57
N GLU A 290 21.68 -18.76 3.47
CA GLU A 290 21.73 -19.45 2.18
C GLU A 290 20.83 -18.79 1.15
N GLU A 291 19.70 -18.25 1.58
CA GLU A 291 18.76 -17.69 0.62
C GLU A 291 19.29 -16.39 0.06
N MET A 292 20.14 -15.69 0.81
CA MET A 292 20.81 -14.51 0.27
C MET A 292 21.88 -14.92 -0.75
N LYS A 293 22.68 -15.92 -0.41
CA LYS A 293 23.72 -16.41 -1.32
C LYS A 293 23.12 -16.86 -2.66
N GLU A 294 21.97 -17.54 -2.60
CA GLU A 294 21.34 -18.05 -3.82
CA GLU A 294 21.34 -18.05 -3.82
C GLU A 294 20.72 -16.93 -4.64
N ARG A 295 20.12 -15.95 -3.96
CA ARG A 295 19.48 -14.84 -4.65
C ARG A 295 20.48 -13.88 -5.30
N VAL A 296 21.52 -13.52 -4.57
CA VAL A 296 22.41 -12.43 -4.93
C VAL A 296 23.55 -12.90 -5.83
N GLY A 297 23.90 -14.18 -5.71
CA GLY A 297 24.87 -14.76 -6.62
C GLY A 297 26.24 -14.12 -6.58
N ASP A 298 26.80 -13.82 -7.74
CA ASP A 298 28.19 -13.35 -7.80
C ASP A 298 28.34 -11.91 -7.28
N ARG A 299 27.24 -11.29 -6.88
CA ARG A 299 27.29 -9.97 -6.24
C ARG A 299 27.49 -10.07 -4.73
N MET A 300 27.45 -11.28 -4.20
CA MET A 300 27.69 -11.51 -2.78
C MET A 300 29.06 -12.15 -2.58
N PRO A 301 29.98 -11.45 -1.87
CA PRO A 301 31.30 -12.06 -1.65
C PRO A 301 31.20 -13.31 -0.79
N ALA A 302 32.17 -14.21 -0.96
CA ALA A 302 32.19 -15.47 -0.22
C ALA A 302 33.26 -15.43 0.85
N PHE A 303 32.90 -15.88 2.04
CA PHE A 303 33.86 -16.04 3.14
C PHE A 303 34.78 -17.23 2.88
N THR A 304 36.04 -17.07 3.24
CA THR A 304 36.98 -18.19 3.25
C THR A 304 36.71 -19.08 4.46
N GLU A 305 37.28 -20.28 4.47
CA GLU A 305 37.05 -21.18 5.58
C GLU A 305 37.54 -20.59 6.90
N GLN A 306 38.68 -19.91 6.88
CA GLN A 306 39.19 -19.27 8.09
C GLN A 306 38.25 -18.17 8.58
N GLN A 307 37.68 -17.43 7.65
CA GLN A 307 36.79 -16.33 8.00
C GLN A 307 35.50 -16.84 8.63
N LYS A 308 34.97 -17.94 8.12
CA LYS A 308 33.78 -18.54 8.71
C LYS A 308 34.05 -18.98 10.16
N GLN A 309 35.24 -19.53 10.40
CA GLN A 309 35.64 -19.94 11.74
C GLN A 309 35.77 -18.72 12.67
N ASP A 310 36.37 -17.66 12.16
CA ASP A 310 36.52 -16.42 12.94
C ASP A 310 35.17 -15.80 13.27
N LEU A 311 34.21 -15.89 12.35
CA LEU A 311 32.91 -15.24 12.53
C LEU A 311 31.96 -16.02 13.43
N LYS A 312 31.92 -17.34 13.30
CA LYS A 312 30.94 -18.12 14.07
C LYS A 312 31.17 -17.99 15.57
N GLY A 313 30.16 -17.50 16.28
CA GLY A 313 30.22 -17.35 17.72
C GLY A 313 30.96 -16.12 18.18
N SER A 314 31.03 -15.11 17.31
CA SER A 314 31.82 -13.91 17.59
C SER A 314 30.99 -12.82 18.27
N ALA A 315 30.05 -13.23 19.13
CA ALA A 315 29.31 -12.28 19.95
C ALA A 315 28.89 -12.88 21.29
N ASP A 316 29.03 -12.10 22.35
CA ASP A 316 28.60 -12.47 23.69
C ASP A 316 27.19 -11.98 23.99
N PHE A 317 26.70 -11.06 23.17
CA PHE A 317 25.37 -10.50 23.31
C PHE A 317 24.92 -10.00 21.97
N PHE A 318 23.62 -9.73 21.85
CA PHE A 318 23.01 -9.22 20.63
C PHE A 318 22.64 -7.75 20.81
N GLY A 319 23.42 -6.86 20.22
CA GLY A 319 23.08 -5.44 20.26
C GLY A 319 22.10 -5.13 19.13
N ILE A 320 21.03 -4.43 19.46
CA ILE A 320 20.03 -4.06 18.46
C ILE A 320 19.54 -2.62 18.63
N ASN A 321 19.66 -1.87 17.55
CA ASN A 321 19.02 -0.57 17.41
C ASN A 321 17.65 -0.78 16.79
N HIS A 322 16.63 -0.16 17.35
CA HIS A 322 15.27 -0.29 16.83
C HIS A 322 14.41 0.95 17.06
N TYR A 323 13.71 1.38 16.01
CA TYR A 323 12.91 2.59 16.05
C TYR A 323 11.48 2.45 15.54
N ALA A 324 11.29 1.61 14.52
CA ALA A 324 10.11 1.70 13.66
C ALA A 324 9.70 0.36 13.08
N THR A 325 8.53 0.36 12.46
CA THR A 325 7.96 -0.82 11.83
C THR A 325 7.57 -0.51 10.38
N ASN A 326 7.79 -1.47 9.50
CA ASN A 326 7.35 -1.41 8.12
C ASN A 326 6.38 -2.53 7.82
N LEU A 327 5.42 -2.28 6.92
CA LEU A 327 4.59 -3.33 6.38
C LEU A 327 5.21 -3.90 5.12
N LEU A 328 5.19 -5.22 4.99
CA LEU A 328 5.74 -5.90 3.82
C LEU A 328 4.67 -6.63 3.04
N GLN A 329 4.76 -6.51 1.72
CA GLN A 329 3.85 -7.16 0.80
C GLN A 329 4.65 -8.04 -0.18
N GLY A 330 4.14 -9.23 -0.46
CA GLY A 330 4.74 -10.07 -1.48
C GLY A 330 4.43 -9.48 -2.85
N PRO A 331 5.48 -9.20 -3.65
CA PRO A 331 5.20 -8.67 -4.99
C PRO A 331 4.31 -9.59 -5.83
N THR A 332 3.44 -8.97 -6.62
CA THR A 332 2.48 -9.67 -7.47
C THR A 332 3.03 -9.93 -8.87
N GLU A 333 4.20 -9.36 -9.17
CA GLU A 333 4.91 -9.60 -10.43
C GLU A 333 6.34 -10.06 -10.11
N LYS A 334 6.89 -10.91 -10.97
CA LYS A 334 8.25 -11.44 -10.74
C LYS A 334 9.27 -10.30 -10.66
N ILE A 335 9.93 -10.16 -9.52
CA ILE A 335 11.01 -9.18 -9.37
C ILE A 335 12.37 -9.82 -9.63
N GLY A 336 13.15 -9.20 -10.52
CA GLY A 336 14.47 -9.69 -10.84
C GLY A 336 15.51 -9.33 -9.80
N ALA A 337 16.40 -10.26 -9.47
CA ALA A 337 17.50 -9.96 -8.56
C ALA A 337 18.54 -9.13 -9.32
N GLU A 338 18.75 -7.89 -8.90
CA GLU A 338 19.64 -6.98 -9.61
C GLU A 338 20.40 -6.04 -8.66
N ASN A 339 19.78 -5.75 -7.52
CA ASN A 339 20.34 -4.82 -6.56
C ASN A 339 19.67 -5.04 -5.22
N TYR A 340 20.20 -4.41 -4.17
CA TYR A 340 19.81 -4.76 -2.80
C TYR A 340 18.29 -4.82 -2.60
N PHE A 341 17.57 -3.77 -2.99
CA PHE A 341 16.14 -3.75 -2.68
C PHE A 341 15.30 -4.62 -3.62
N SER A 342 15.78 -4.93 -4.83
CA SER A 342 15.07 -5.89 -5.65
C SER A 342 15.40 -7.31 -5.18
N ASP A 343 16.59 -7.51 -4.64
CA ASP A 343 17.01 -8.83 -4.17
C ASP A 343 16.07 -9.38 -3.08
N LEU A 344 15.64 -8.52 -2.17
CA LEU A 344 14.83 -8.96 -1.04
C LEU A 344 13.36 -9.20 -1.41
N ASN A 345 12.99 -8.89 -2.65
CA ASN A 345 11.68 -9.23 -3.21
C ASN A 345 10.52 -8.93 -2.26
N GLY A 346 10.33 -7.64 -1.98
CA GLY A 346 9.30 -7.20 -1.07
C GLY A 346 8.94 -5.75 -1.31
N TRP A 347 7.66 -5.43 -1.16
CA TRP A 347 7.18 -4.06 -1.29
C TRP A 347 6.92 -3.51 0.11
N ILE A 348 7.58 -2.40 0.39
CA ILE A 348 7.61 -1.82 1.73
C ILE A 348 6.69 -0.61 1.82
N MET A 349 5.91 -0.52 2.88
CA MET A 349 5.03 0.62 3.11
C MET A 349 4.75 0.85 4.59
N MET A 350 4.17 2.02 4.87
CA MET A 350 3.67 2.36 6.20
C MET A 350 2.15 2.34 6.25
N ASP A 351 1.60 2.03 7.41
CA ASP A 351 0.18 2.25 7.66
C ASP A 351 -0.01 3.76 7.81
N PRO A 352 -0.89 4.38 7.02
CA PRO A 352 -1.07 5.84 7.11
C PRO A 352 -1.63 6.29 8.46
N ARG A 353 -2.15 5.36 9.24
CA ARG A 353 -2.71 5.70 10.54
C ARG A 353 -1.62 5.84 11.61
N TRP A 354 -0.43 5.34 11.35
CA TRP A 354 0.68 5.48 12.29
C TRP A 354 1.21 6.91 12.37
N ALA A 355 1.51 7.37 13.58
CA ALA A 355 2.24 8.61 13.75
C ALA A 355 3.66 8.42 13.22
N VAL A 356 4.31 9.54 12.92
CA VAL A 356 5.68 9.54 12.40
C VAL A 356 6.52 10.58 13.12
N GLY A 357 7.82 10.29 13.24
CA GLY A 357 8.79 11.26 13.74
C GLY A 357 9.12 12.31 12.67
N ASP A 358 10.30 12.92 12.80
CA ASP A 358 10.67 14.05 11.97
C ASP A 358 11.40 13.63 10.71
N ALA A 359 11.22 12.36 10.32
CA ALA A 359 11.68 11.86 9.04
C ALA A 359 10.75 10.70 8.71
N SER A 360 10.52 10.45 7.43
CA SER A 360 9.48 9.51 7.01
C SER A 360 9.75 8.07 7.44
N TRP A 361 11.00 7.73 7.73
CA TRP A 361 11.34 6.36 8.10
C TRP A 361 10.90 6.01 9.52
N LEU A 362 10.64 7.01 10.34
CA LEU A 362 10.40 6.77 11.75
C LEU A 362 8.90 6.67 12.06
N SER A 363 8.34 5.51 11.80
CA SER A 363 6.97 5.23 12.21
C SER A 363 6.94 4.90 13.71
N VAL A 364 5.88 5.34 14.37
CA VAL A 364 5.71 5.14 15.80
C VAL A 364 4.81 3.92 16.03
N VAL A 365 5.46 2.78 16.30
CA VAL A 365 4.79 1.48 16.39
C VAL A 365 5.41 0.69 17.53
N PRO A 366 4.98 0.96 18.77
CA PRO A 366 5.69 0.40 19.92
C PRO A 366 5.78 -1.13 19.91
N TRP A 367 4.73 -1.81 19.45
CA TRP A 367 4.74 -3.28 19.50
C TRP A 367 5.77 -3.91 18.53
N GLY A 368 6.31 -3.13 17.60
CA GLY A 368 7.40 -3.61 16.78
C GLY A 368 8.63 -3.98 17.62
N MET A 369 8.83 -3.26 18.71
CA MET A 369 9.92 -3.54 19.62
C MET A 369 9.78 -4.96 20.17
N ARG A 370 8.58 -5.31 20.62
CA ARG A 370 8.34 -6.62 21.20
C ARG A 370 8.59 -7.72 20.18
N ARG A 371 8.04 -7.52 18.99
CA ARG A 371 8.06 -8.58 17.99
C ARG A 371 9.48 -8.80 17.46
N LEU A 372 10.26 -7.74 17.30
CA LEU A 372 11.63 -7.91 16.86
C LEU A 372 12.45 -8.65 17.93
N LEU A 373 12.27 -8.28 19.18
CA LEU A 373 13.02 -8.92 20.27
C LEU A 373 12.72 -10.42 20.31
N ARG A 374 11.45 -10.76 20.15
CA ARG A 374 11.02 -12.15 20.13
C ARG A 374 11.63 -12.90 18.94
N TRP A 375 11.70 -12.24 17.79
CA TRP A 375 12.28 -12.83 16.59
C TRP A 375 13.75 -13.14 16.78
N ILE A 376 14.46 -12.21 17.43
CA ILE A 376 15.89 -12.38 17.72
C ILE A 376 16.11 -13.57 18.65
N LYS A 377 15.29 -13.65 19.69
CA LYS A 377 15.38 -14.76 20.64
C LYS A 377 15.24 -16.10 19.94
N HIS A 378 14.28 -16.19 19.02
CA HIS A 378 14.02 -17.43 18.33
C HIS A 378 15.15 -17.83 17.40
N ARG A 379 15.64 -16.89 16.60
CA ARG A 379 16.61 -17.23 15.57
C ARG A 379 18.02 -17.42 16.14
N TYR A 380 18.36 -16.70 17.21
CA TYR A 380 19.74 -16.71 17.70
C TYR A 380 19.88 -17.32 19.10
N ASP A 381 18.98 -18.26 19.39
CA ASP A 381 19.12 -19.15 20.55
C ASP A 381 19.23 -18.41 21.88
N ASP A 382 18.32 -17.47 22.07
CA ASP A 382 18.10 -16.82 23.37
C ASP A 382 19.36 -16.09 23.86
N PRO A 383 19.88 -15.14 23.07
CA PRO A 383 21.07 -14.42 23.50
C PRO A 383 20.73 -13.35 24.51
N VAL A 384 21.75 -12.87 25.23
CA VAL A 384 21.65 -11.62 25.95
C VAL A 384 21.41 -10.55 24.91
N VAL A 385 20.43 -9.69 25.15
CA VAL A 385 20.11 -8.61 24.22
C VAL A 385 20.28 -7.26 24.91
N TYR A 386 20.93 -6.32 24.21
CA TYR A 386 20.92 -4.92 24.61
C TYR A 386 20.22 -4.10 23.53
N VAL A 387 19.19 -3.37 23.93
CA VAL A 387 18.59 -2.40 23.04
C VAL A 387 19.50 -1.18 23.11
N THR A 388 20.30 -0.98 22.07
CA THR A 388 21.40 -0.04 22.11
C THR A 388 21.06 1.34 21.54
N GLU A 389 19.90 1.45 20.87
CA GLU A 389 19.30 2.73 20.47
C GLU A 389 17.80 2.57 20.34
N ASN A 390 17.07 3.57 20.82
CA ASN A 390 15.64 3.67 20.63
C ASN A 390 15.24 5.07 21.00
N GLY A 391 14.53 5.78 20.13
CA GLY A 391 14.17 7.16 20.44
C GLY A 391 13.37 7.84 19.35
N LEU A 392 13.02 9.10 19.59
CA LEU A 392 12.11 9.84 18.71
C LEU A 392 12.61 11.22 18.37
N SER A 393 12.50 11.57 17.09
CA SER A 393 12.60 12.95 16.66
C SER A 393 11.18 13.51 16.57
N VAL A 394 10.89 14.50 17.39
CA VAL A 394 9.55 15.10 17.39
C VAL A 394 9.42 15.95 16.13
N PRO A 395 8.33 15.75 15.37
CA PRO A 395 8.19 16.54 14.13
C PRO A 395 8.30 18.04 14.35
N ASN A 396 9.16 18.67 13.56
CA ASN A 396 9.29 20.13 13.56
C ASN A 396 9.72 20.71 14.91
N GLU A 397 10.40 19.91 15.71
CA GLU A 397 10.84 20.36 17.04
C GLU A 397 11.72 21.60 16.95
N SER A 398 12.57 21.69 15.92
CA SER A 398 13.44 22.85 15.81
C SER A 398 12.68 24.14 15.48
N ALA A 399 11.45 24.04 15.00
CA ALA A 399 10.65 25.22 14.67
C ALA A 399 9.81 25.67 15.86
N MET A 400 9.76 24.86 16.90
CA MET A 400 9.10 25.22 18.15
C MET A 400 9.94 26.26 18.89
N THR A 401 9.32 27.01 19.79
CA THR A 401 10.11 27.78 20.73
C THR A 401 10.89 26.77 21.57
N PRO A 402 12.07 27.17 22.07
CA PRO A 402 12.81 26.23 22.93
C PRO A 402 11.96 25.79 24.11
N GLU A 403 11.13 26.70 24.63
CA GLU A 403 10.26 26.42 25.77
C GLU A 403 9.28 25.32 25.42
N ALA A 404 8.65 25.42 24.26
CA ALA A 404 7.65 24.44 23.83
C ALA A 404 8.28 23.08 23.56
N ALA A 405 9.52 23.10 23.07
CA ALA A 405 10.24 21.88 22.75
C ALA A 405 10.50 21.04 24.00
N LEU A 406 10.57 21.68 25.16
CA LEU A 406 10.84 20.98 26.41
C LEU A 406 9.63 20.13 26.83
N ASN A 407 8.43 20.58 26.47
CA ASN A 407 7.23 19.83 26.79
C ASN A 407 7.00 18.77 25.74
N ASP A 408 7.91 17.80 25.70
CA ASP A 408 7.94 16.86 24.57
C ASP A 408 7.09 15.61 24.80
N LYS A 409 5.78 15.84 24.89
CA LYS A 409 4.82 14.81 25.19
C LYS A 409 4.93 13.62 24.26
N MET A 410 5.16 13.87 22.97
CA MET A 410 5.25 12.78 22.02
C MET A 410 6.44 11.87 22.31
N ARG A 411 7.55 12.45 22.74
CA ARG A 411 8.73 11.68 23.08
C ARG A 411 8.49 10.91 24.37
N VAL A 412 7.81 11.54 25.33
CA VAL A 412 7.38 10.84 26.54
C VAL A 412 6.58 9.60 26.16
N ASP A 413 5.61 9.77 25.26
CA ASP A 413 4.73 8.66 24.88
C ASP A 413 5.50 7.57 24.13
N TYR A 414 6.48 7.97 23.32
CA TYR A 414 7.31 7.04 22.58
C TYR A 414 8.16 6.20 23.54
N LEU A 415 8.87 6.88 24.45
CA LEU A 415 9.66 6.23 25.48
C LEU A 415 8.83 5.21 26.26
N GLN A 416 7.69 5.66 26.79
CA GLN A 416 6.85 4.80 27.59
C GLN A 416 6.32 3.62 26.78
N GLY A 417 5.90 3.89 25.55
CA GLY A 417 5.31 2.86 24.72
C GLY A 417 6.29 1.76 24.35
N TYR A 418 7.47 2.14 23.87
CA TYR A 418 8.46 1.18 23.43
C TYR A 418 9.07 0.46 24.62
N VAL A 419 9.27 1.15 25.74
CA VAL A 419 9.77 0.46 26.93
C VAL A 419 8.75 -0.55 27.45
N ALA A 420 7.47 -0.20 27.42
CA ALA A 420 6.42 -1.14 27.87
C ALA A 420 6.41 -2.40 27.00
N GLU A 421 6.61 -2.23 25.70
CA GLU A 421 6.60 -3.37 24.80
C GLU A 421 7.89 -4.17 24.95
N MET A 422 9.00 -3.50 25.23
CA MET A 422 10.23 -4.21 25.60
C MET A 422 9.98 -5.06 26.86
N TRP A 423 9.31 -4.49 27.85
CA TRP A 423 9.01 -5.24 29.06
C TRP A 423 8.19 -6.49 28.74
N LYS A 424 7.23 -6.36 27.82
CA LYS A 424 6.41 -7.49 27.45
C LYS A 424 7.28 -8.61 26.88
N ALA A 425 8.28 -8.23 26.08
CA ALA A 425 9.19 -9.20 25.50
C ALA A 425 9.99 -9.91 26.60
N ILE A 426 10.43 -9.16 27.60
CA ILE A 426 11.15 -9.74 28.74
C ILE A 426 10.25 -10.69 29.55
N ASN A 427 9.06 -10.21 29.91
CA ASN A 427 8.20 -10.92 30.84
C ASN A 427 7.43 -12.08 30.23
N TYR A 428 6.77 -11.82 29.11
CA TYR A 428 5.93 -12.81 28.46
C TYR A 428 6.72 -13.68 27.48
N ASP A 429 7.61 -13.07 26.71
CA ASP A 429 8.31 -13.80 25.65
C ASP A 429 9.67 -14.32 26.11
N LYS A 430 10.08 -13.96 27.32
CA LYS A 430 11.32 -14.43 27.93
C LYS A 430 12.57 -14.05 27.11
N VAL A 431 12.55 -12.87 26.49
CA VAL A 431 13.75 -12.35 25.84
C VAL A 431 14.68 -11.81 26.91
N LYS A 432 15.94 -12.20 26.86
CA LYS A 432 16.90 -11.86 27.91
C LYS A 432 17.50 -10.48 27.68
N VAL A 433 16.66 -9.46 27.68
CA VAL A 433 17.12 -8.09 27.52
C VAL A 433 17.83 -7.62 28.79
N ALA A 434 19.04 -7.09 28.63
CA ALA A 434 19.89 -6.74 29.77
C ALA A 434 20.10 -5.23 29.92
N GLY A 435 19.63 -4.46 28.95
CA GLY A 435 19.74 -3.02 29.02
C GLY A 435 19.02 -2.33 27.89
N TYR A 436 18.80 -1.03 28.06
CA TYR A 436 18.08 -0.18 27.13
C TYR A 436 18.75 1.17 27.08
N TYR A 437 19.23 1.59 25.91
CA TYR A 437 19.89 2.88 25.76
C TYR A 437 19.04 3.76 24.86
N HIS A 438 18.48 4.81 25.44
CA HIS A 438 17.66 5.75 24.68
C HIS A 438 18.52 6.61 23.76
N TRP A 439 18.07 6.75 22.52
CA TRP A 439 18.71 7.67 21.59
C TRP A 439 17.94 9.00 21.58
N SER A 440 18.48 10.09 22.10
CA SER A 440 19.85 10.27 22.58
C SER A 440 19.85 11.06 23.88
N LEU A 441 20.99 11.06 24.58
CA LEU A 441 21.13 11.94 25.73
C LEU A 441 20.85 13.37 25.31
N LEU A 442 21.44 13.78 24.19
CA LEU A 442 21.47 15.16 23.74
C LEU A 442 20.90 15.31 22.36
N ASP A 443 20.24 16.43 22.10
CA ASP A 443 20.07 16.88 20.72
C ASP A 443 21.45 16.88 20.08
N ASN A 444 21.56 16.49 18.81
CA ASN A 444 22.87 16.39 18.22
C ASN A 444 22.84 16.42 16.68
N PHE A 445 24.00 16.23 16.08
CA PHE A 445 24.16 16.22 14.62
C PHE A 445 23.57 14.94 14.06
N GLU A 446 22.37 15.02 13.48
CA GLU A 446 21.67 13.85 12.95
C GLU A 446 22.12 13.58 11.51
N TRP A 447 23.42 13.34 11.38
CA TRP A 447 24.04 12.96 10.12
C TRP A 447 23.58 13.86 8.97
N SER A 448 23.06 13.32 7.86
CA SER A 448 22.75 14.17 6.71
C SER A 448 21.55 15.09 6.94
N ASP A 449 20.81 14.84 8.01
CA ASP A 449 19.71 15.74 8.39
C ASP A 449 20.21 16.94 9.17
N GLY A 450 21.46 16.90 9.64
CA GLY A 450 22.03 18.01 10.38
C GLY A 450 21.37 18.21 11.74
N TYR A 451 21.45 19.43 12.27
CA TYR A 451 20.98 19.70 13.64
C TYR A 451 19.47 19.91 13.74
N LYS A 452 18.82 20.09 12.59
CA LYS A 452 17.38 20.38 12.60
C LYS A 452 16.57 19.25 13.26
N VAL A 453 17.02 18.01 13.09
CA VAL A 453 16.33 16.86 13.63
C VAL A 453 16.85 16.57 15.04
N ARG A 454 15.94 16.62 16.01
CA ARG A 454 16.30 16.55 17.43
C ARG A 454 15.78 15.29 18.11
N PHE A 455 16.72 14.51 18.67
CA PHE A 455 16.42 13.24 19.34
C PHE A 455 16.67 13.28 20.85
N GLY A 456 17.06 14.43 21.39
CA GLY A 456 17.53 14.45 22.76
C GLY A 456 16.48 14.32 23.84
N LEU A 457 16.88 13.68 24.94
CA LEU A 457 16.20 13.81 26.22
C LEU A 457 16.53 15.17 26.80
N VAL A 458 17.69 15.69 26.39
CA VAL A 458 18.21 16.97 26.86
C VAL A 458 18.33 17.90 25.65
N GLN A 459 17.69 19.06 25.76
CA GLN A 459 17.76 20.11 24.78
C GLN A 459 19.11 20.77 24.78
N VAL A 460 19.66 21.02 23.58
CA VAL A 460 20.89 21.79 23.43
C VAL A 460 20.62 23.05 22.64
N ASP A 461 20.99 24.19 23.23
CA ASP A 461 21.02 25.47 22.53
C ASP A 461 22.38 25.57 21.89
N TYR A 462 22.45 25.47 20.56
CA TYR A 462 23.72 25.42 19.89
C TYR A 462 24.44 26.76 19.88
N LYS A 463 23.73 27.84 20.15
CA LYS A 463 24.36 29.16 20.21
C LYS A 463 25.18 29.33 21.49
N THR A 464 24.66 28.81 22.61
CA THR A 464 25.27 28.97 23.92
C THR A 464 25.82 27.66 24.50
N GLN A 465 25.42 26.54 23.87
CA GLN A 465 25.70 25.18 24.34
C GLN A 465 25.01 24.83 25.66
N LYS A 466 24.03 25.64 26.08
CA LYS A 466 23.27 25.33 27.28
C LYS A 466 22.49 24.03 27.12
N ARG A 467 22.55 23.19 28.15
CA ARG A 467 21.72 21.99 28.25
C ARG A 467 20.51 22.23 29.12
N THR A 468 19.35 21.76 28.67
CA THR A 468 18.14 21.84 29.49
C THR A 468 17.35 20.53 29.39
N LEU A 469 17.07 19.91 30.53
CA LEU A 469 16.25 18.69 30.50
C LEU A 469 14.84 18.93 29.96
N LYS A 470 14.43 18.07 29.03
CA LYS A 470 13.06 18.02 28.54
C LYS A 470 12.19 17.19 29.48
N GLU A 471 10.87 17.21 29.27
CA GLU A 471 9.95 16.38 30.06
C GLU A 471 10.37 14.92 30.03
N SER A 472 10.75 14.45 28.83
CA SER A 472 11.11 13.04 28.66
C SER A 472 12.27 12.64 29.58
N ALA A 473 13.23 13.53 29.78
CA ALA A 473 14.36 13.24 30.65
C ALA A 473 13.89 13.01 32.09
N LYS A 474 12.90 13.80 32.51
CA LYS A 474 12.39 13.71 33.87
C LYS A 474 11.53 12.46 34.02
N VAL A 475 10.77 12.13 32.98
CA VAL A 475 9.97 10.91 32.97
C VAL A 475 10.89 9.71 33.03
N TYR A 476 11.97 9.76 32.26
CA TYR A 476 12.94 8.66 32.22
C TYR A 476 13.61 8.48 33.57
N LYS A 477 13.98 9.59 34.21
CA LYS A 477 14.57 9.58 35.54
C LYS A 477 13.68 8.83 36.52
N ASP A 478 12.39 9.17 36.51
CA ASP A 478 11.44 8.56 37.43
C ASP A 478 11.22 7.08 37.12
N MET A 479 11.21 6.75 35.83
CA MET A 479 11.08 5.36 35.38
C MET A 479 12.22 4.51 35.92
N ILE A 480 13.44 4.99 35.77
CA ILE A 480 14.62 4.25 36.21
C ILE A 480 14.59 4.06 37.73
N ALA A 481 14.26 5.12 38.46
CA ALA A 481 14.21 5.05 39.91
C ALA A 481 13.16 4.04 40.36
N LYS A 482 12.02 4.03 39.68
CA LYS A 482 10.92 3.13 40.03
C LYS A 482 11.30 1.67 39.83
N TYR A 483 11.97 1.37 38.72
CA TYR A 483 12.25 -0.01 38.34
C TYR A 483 13.70 -0.41 38.52
N SER A 484 14.48 0.43 39.20
CA SER A 484 15.92 0.23 39.46
C SER A 484 16.61 -0.78 38.54
N VAL B 3 -2.45 31.55 -44.11
CA VAL B 3 -2.46 32.45 -42.96
C VAL B 3 -2.38 31.64 -41.65
N THR B 4 -1.18 31.16 -41.32
CA THR B 4 -0.99 30.46 -40.05
C THR B 4 -0.53 31.42 -38.95
N CYS B 5 -1.27 31.45 -37.84
CA CYS B 5 -0.91 32.28 -36.68
C CYS B 5 -1.02 31.47 -35.39
N TRP B 6 -0.35 31.96 -34.35
CA TRP B 6 -0.40 31.38 -33.01
C TRP B 6 0.09 29.94 -32.93
N LYS B 7 1.00 29.57 -33.82
CA LYS B 7 1.56 28.22 -33.82
C LYS B 7 3.08 28.31 -33.91
N TYR B 8 3.76 27.97 -32.82
CA TYR B 8 5.18 28.26 -32.66
C TYR B 8 6.11 27.06 -32.83
N ALA B 9 5.53 25.87 -32.92
CA ALA B 9 6.35 24.68 -33.11
C ALA B 9 7.13 24.77 -34.42
N ILE B 10 8.37 24.30 -34.38
CA ILE B 10 9.22 24.23 -35.57
C ILE B 10 9.25 22.76 -36.01
N PRO B 11 8.60 22.45 -37.15
CA PRO B 11 8.57 21.06 -37.59
C PRO B 11 9.97 20.47 -37.74
N GLY B 12 10.17 19.28 -37.19
CA GLY B 12 11.42 18.58 -37.32
C GLY B 12 12.52 19.07 -36.40
N GLU B 13 12.21 20.03 -35.53
CA GLU B 13 13.23 20.55 -34.63
C GLU B 13 13.69 19.47 -33.67
N PRO B 14 15.01 19.20 -33.62
CA PRO B 14 15.48 18.18 -32.67
C PRO B 14 15.11 18.51 -31.24
N GLY B 15 14.50 17.54 -30.56
CA GLY B 15 14.10 17.67 -29.18
C GLY B 15 12.96 18.66 -28.98
N GLY B 16 12.39 19.15 -30.07
CA GLY B 16 11.35 20.16 -30.00
C GLY B 16 10.15 19.73 -29.17
N GLU B 17 9.76 18.46 -29.31
CA GLU B 17 8.54 17.97 -28.67
C GLU B 17 8.77 17.42 -27.27
N LEU B 18 10.02 17.31 -26.86
CA LEU B 18 10.32 16.72 -25.55
C LEU B 18 9.82 17.62 -24.43
N THR B 19 9.11 17.02 -23.49
CA THR B 19 8.66 17.73 -22.30
C THR B 19 9.82 17.83 -21.30
N ALA B 20 9.67 18.70 -20.32
CA ALA B 20 10.68 18.85 -19.27
C ALA B 20 10.88 17.52 -18.57
N GLU B 21 9.77 16.83 -18.31
CA GLU B 21 9.81 15.54 -17.63
C GLU B 21 10.62 14.52 -18.44
N GLU B 22 10.41 14.51 -19.76
CA GLU B 22 11.13 13.60 -20.63
C GLU B 22 12.63 13.94 -20.66
N VAL B 23 12.97 15.23 -20.63
CA VAL B 23 14.36 15.63 -20.63
C VAL B 23 15.07 15.10 -19.39
N PHE B 24 14.47 15.29 -18.23
CA PHE B 24 15.12 14.91 -16.98
C PHE B 24 15.06 13.41 -16.71
N ALA B 25 14.16 12.70 -17.37
CA ALA B 25 14.05 11.25 -17.22
C ALA B 25 15.07 10.53 -18.07
N SER B 26 15.55 11.18 -19.11
CA SER B 26 16.51 10.57 -20.03
C SER B 26 17.85 10.38 -19.37
N LYS B 27 18.38 9.17 -19.48
CA LYS B 27 19.67 8.86 -18.90
C LYS B 27 20.79 9.57 -19.64
N ASP B 28 20.50 10.04 -20.85
CA ASP B 28 21.51 10.70 -21.68
C ASP B 28 21.57 12.21 -21.43
N THR B 29 20.71 12.72 -20.56
CA THR B 29 20.74 14.14 -20.22
C THR B 29 21.82 14.42 -19.21
N ALA B 30 22.76 15.28 -19.59
CA ALA B 30 23.84 15.72 -18.72
C ALA B 30 24.19 17.16 -19.04
N PHE B 31 24.84 17.82 -18.08
CA PHE B 31 25.27 19.20 -18.24
C PHE B 31 26.79 19.27 -18.26
N PRO B 32 27.34 20.38 -18.78
CA PRO B 32 28.80 20.52 -18.87
C PRO B 32 29.50 20.35 -17.52
N GLU B 33 30.69 19.78 -17.56
CA GLU B 33 31.53 19.69 -16.36
C GLU B 33 31.81 21.11 -15.86
N GLY B 34 31.69 21.30 -14.55
CA GLY B 34 31.98 22.60 -13.96
C GLY B 34 30.90 23.65 -14.17
N PHE B 35 29.73 23.23 -14.63
CA PHE B 35 28.58 24.13 -14.82
C PHE B 35 28.26 24.86 -13.53
N LEU B 36 28.13 26.19 -13.61
CA LEU B 36 27.87 26.97 -12.41
C LEU B 36 26.38 27.12 -12.16
N TRP B 37 25.84 26.17 -11.41
CA TRP B 37 24.49 26.26 -10.89
C TRP B 37 24.47 27.26 -9.77
N GLY B 38 23.69 28.33 -9.91
CA GLY B 38 23.65 29.34 -8.87
C GLY B 38 22.30 30.00 -8.64
N ALA B 39 22.35 31.05 -7.83
CA ALA B 39 21.21 31.93 -7.61
C ALA B 39 21.76 33.35 -7.60
N ALA B 40 20.90 34.32 -7.92
CA ALA B 40 21.30 35.72 -8.04
C ALA B 40 20.48 36.60 -7.11
N THR B 41 21.13 37.69 -6.68
CA THR B 41 20.50 38.78 -5.94
C THR B 41 21.11 40.11 -6.41
N ALA B 42 20.59 41.21 -5.87
CA ALA B 42 21.17 42.54 -6.03
C ALA B 42 21.17 43.24 -4.68
N ALA B 43 22.15 44.11 -4.49
CA ALA B 43 22.41 44.72 -3.19
C ALA B 43 21.20 45.47 -2.64
N TYR B 44 20.60 46.35 -3.43
CA TYR B 44 19.51 47.16 -2.89
C TYR B 44 18.31 46.31 -2.58
N GLN B 45 18.17 45.20 -3.29
CA GLN B 45 17.00 44.38 -3.12
C GLN B 45 17.03 43.54 -1.85
N ILE B 46 18.22 43.26 -1.32
CA ILE B 46 18.33 42.37 -0.15
C ILE B 46 19.08 42.91 1.07
N GLU B 47 20.00 43.86 0.88
CA GLU B 47 20.94 44.16 1.95
C GLU B 47 20.36 44.86 3.18
N GLY B 48 19.50 45.84 2.97
CA GLY B 48 19.11 46.71 4.05
C GLY B 48 20.30 47.51 4.51
N ALA B 49 20.32 47.88 5.79
CA ALA B 49 21.40 48.70 6.34
C ALA B 49 21.70 49.88 5.42
N ALA B 50 20.65 50.52 4.92
CA ALA B 50 20.77 51.49 3.82
C ALA B 50 21.51 52.76 4.22
N ALA B 51 21.38 53.16 5.48
CA ALA B 51 22.02 54.37 6.00
C ALA B 51 22.89 54.01 7.19
N GLU B 52 23.40 52.78 7.20
CA GLU B 52 24.27 52.32 8.27
C GLU B 52 25.68 52.12 7.79
N ASP B 53 26.62 52.20 8.73
CA ASP B 53 28.01 51.89 8.47
C ASP B 53 28.55 52.63 7.24
N GLY B 54 28.17 53.90 7.13
CA GLY B 54 28.77 54.78 6.16
C GLY B 54 28.19 54.75 4.75
N ARG B 55 27.18 53.92 4.50
CA ARG B 55 26.62 53.85 3.15
C ARG B 55 25.99 55.19 2.77
N GLY B 56 26.35 55.67 1.60
CA GLY B 56 25.72 56.86 1.04
C GLY B 56 24.47 56.47 0.26
N PRO B 57 23.54 57.41 0.08
CA PRO B 57 22.31 57.06 -0.63
C PRO B 57 22.53 56.80 -2.11
N SER B 58 21.79 55.84 -2.64
CA SER B 58 21.68 55.63 -4.08
C SER B 58 20.44 56.35 -4.60
N MET B 59 20.30 56.42 -5.91
CA MET B 59 19.12 57.06 -6.49
C MET B 59 17.85 56.24 -6.21
N TRP B 60 17.99 54.97 -5.84
CA TRP B 60 16.81 54.18 -5.45
C TRP B 60 16.36 54.49 -4.01
N ASP B 61 17.29 54.91 -3.15
CA ASP B 61 16.94 55.43 -1.85
C ASP B 61 16.11 56.69 -2.04
N THR B 62 16.59 57.58 -2.90
CA THR B 62 15.90 58.83 -3.18
C THR B 62 14.51 58.60 -3.76
N PHE B 63 14.46 57.76 -4.79
CA PHE B 63 13.24 57.42 -5.50
C PHE B 63 12.19 56.77 -4.59
N SER B 64 12.62 55.79 -3.80
CA SER B 64 11.68 55.01 -3.01
C SER B 64 11.12 55.84 -1.85
N LYS B 65 11.82 56.92 -1.51
CA LYS B 65 11.39 57.82 -0.44
C LYS B 65 10.34 58.83 -0.93
N ILE B 66 10.12 58.89 -2.25
CA ILE B 66 9.08 59.76 -2.78
C ILE B 66 7.75 59.01 -2.71
N PRO B 67 6.77 59.55 -1.95
CA PRO B 67 5.48 58.85 -1.93
C PRO B 67 4.89 58.64 -3.32
N GLY B 68 4.38 57.44 -3.57
CA GLY B 68 3.68 57.13 -4.80
C GLY B 68 4.51 56.39 -5.84
N LYS B 69 5.83 56.39 -5.69
CA LYS B 69 6.69 55.74 -6.67
C LYS B 69 6.72 54.21 -6.54
N ILE B 70 6.69 53.73 -5.30
CA ILE B 70 6.78 52.29 -5.02
C ILE B 70 5.45 51.79 -4.48
N ASP B 71 5.03 50.63 -4.95
CA ASP B 71 3.81 50.04 -4.44
C ASP B 71 3.91 49.94 -2.90
N ASN B 72 2.82 50.36 -2.26
CA ASN B 72 2.66 50.34 -0.81
C ASN B 72 3.68 51.21 -0.05
N GLY B 73 4.41 52.06 -0.75
CA GLY B 73 5.36 52.93 -0.10
C GLY B 73 6.59 52.19 0.42
N ASP B 74 6.85 51.00 -0.12
CA ASP B 74 8.00 50.21 0.32
C ASP B 74 9.33 50.87 -0.05
N THR B 75 10.37 50.56 0.72
CA THR B 75 11.74 50.98 0.43
C THR B 75 12.70 49.84 0.71
N GLY B 76 13.95 50.02 0.31
CA GLY B 76 15.02 49.09 0.60
C GLY B 76 15.77 49.37 1.90
N ASP B 77 15.19 50.16 2.81
CA ASP B 77 15.89 50.50 4.04
C ASP B 77 16.35 49.28 4.81
N VAL B 78 15.49 48.25 4.85
CA VAL B 78 15.76 47.05 5.62
C VAL B 78 15.81 45.80 4.74
N ALA B 79 14.85 45.67 3.82
CA ALA B 79 14.83 44.54 2.89
C ALA B 79 14.93 43.21 3.65
N CYS B 80 15.86 42.34 3.25
CA CYS B 80 16.07 41.05 3.90
C CYS B 80 17.15 41.13 4.97
N ASP B 81 17.64 42.34 5.24
CA ASP B 81 18.69 42.55 6.24
C ASP B 81 19.90 41.65 5.98
N HIS B 82 20.21 41.41 4.71
CA HIS B 82 21.31 40.52 4.36
C HIS B 82 22.68 41.08 4.78
N TYR B 83 22.79 42.40 4.85
CA TYR B 83 24.04 43.01 5.30
C TYR B 83 24.45 42.46 6.67
N HIS B 84 23.48 42.25 7.54
CA HIS B 84 23.75 41.70 8.86
C HIS B 84 23.69 40.17 8.89
N ARG B 85 22.92 39.58 8.00
CA ARG B 85 22.62 38.14 8.06
C ARG B 85 23.33 37.32 6.98
N TYR B 86 24.38 37.88 6.39
CA TYR B 86 24.99 37.24 5.23
C TYR B 86 25.59 35.87 5.56
N LYS B 87 26.11 35.67 6.75
CA LYS B 87 26.70 34.40 7.09
C LYS B 87 25.64 33.29 7.05
N GLU B 88 24.47 33.56 7.57
CA GLU B 88 23.41 32.58 7.54
C GLU B 88 22.90 32.29 6.11
N ASP B 89 22.86 33.33 5.30
CA ASP B 89 22.43 33.16 3.92
C ASP B 89 23.46 32.34 3.14
N VAL B 90 24.75 32.54 3.41
CA VAL B 90 25.77 31.71 2.75
C VAL B 90 25.66 30.25 3.18
N LYS B 91 25.41 30.02 4.47
CA LYS B 91 25.26 28.65 4.96
C LYS B 91 24.06 27.99 4.30
N LEU B 92 22.98 28.74 4.12
CA LEU B 92 21.80 28.23 3.42
C LEU B 92 22.15 27.81 1.99
N MET B 93 22.94 28.63 1.31
CA MET B 93 23.35 28.31 -0.05
C MET B 93 24.23 27.06 -0.09
N LYS B 94 25.07 26.89 0.92
CA LYS B 94 25.88 25.69 1.03
C LYS B 94 24.98 24.47 1.13
N GLY B 95 23.95 24.56 1.97
CA GLY B 95 23.01 23.46 2.12
C GLY B 95 22.29 23.09 0.84
N MET B 96 22.02 24.10 -0.01
CA MET B 96 21.39 23.85 -1.30
C MET B 96 22.37 23.28 -2.32
N GLY B 97 23.66 23.33 -2.00
CA GLY B 97 24.68 22.81 -2.90
C GLY B 97 24.93 23.73 -4.11
N LEU B 98 24.62 25.01 -3.97
CA LEU B 98 24.90 25.96 -5.04
C LEU B 98 26.39 25.92 -5.39
N LYS B 99 26.69 25.96 -6.69
CA LYS B 99 28.06 26.03 -7.16
C LYS B 99 28.57 27.47 -7.13
N SER B 100 27.65 28.43 -7.24
CA SER B 100 28.01 29.81 -7.42
C SER B 100 26.90 30.73 -6.93
N TYR B 101 27.26 31.95 -6.62
CA TYR B 101 26.34 32.98 -6.16
C TYR B 101 26.65 34.26 -6.90
N ARG B 102 25.65 34.87 -7.49
CA ARG B 102 25.77 36.15 -8.17
C ARG B 102 25.16 37.24 -7.30
N PHE B 103 26.01 38.15 -6.84
CA PHE B 103 25.54 39.28 -6.05
C PHE B 103 26.07 40.57 -6.64
N SER B 104 25.49 41.69 -6.23
CA SER B 104 26.00 42.99 -6.67
C SER B 104 26.61 43.74 -5.49
N VAL B 105 27.49 44.67 -5.83
CA VAL B 105 28.12 45.57 -4.88
C VAL B 105 27.39 46.88 -4.94
N SER B 106 26.97 47.38 -3.79
CA SER B 106 26.40 48.72 -3.71
C SER B 106 27.50 49.76 -3.85
N TRP B 107 27.55 50.41 -5.01
CA TRP B 107 28.52 51.45 -5.32
C TRP B 107 28.62 52.50 -4.20
N SER B 108 27.47 52.98 -3.70
CA SER B 108 27.50 54.02 -2.70
C SER B 108 27.74 53.45 -1.30
N ARG B 109 27.75 52.12 -1.14
CA ARG B 109 28.18 51.56 0.14
C ARG B 109 29.72 51.59 0.21
N VAL B 110 30.39 51.48 -0.94
CA VAL B 110 31.85 51.49 -1.00
C VAL B 110 32.41 52.90 -1.21
N LEU B 111 31.76 53.64 -2.10
CA LEU B 111 32.12 55.03 -2.39
C LEU B 111 30.87 55.89 -2.24
N PRO B 112 30.62 56.40 -1.03
CA PRO B 112 29.34 57.08 -0.74
C PRO B 112 28.99 58.20 -1.71
N GLU B 113 29.96 58.99 -2.14
CA GLU B 113 29.72 60.06 -3.11
C GLU B 113 29.92 59.62 -4.56
N GLY B 114 30.28 58.35 -4.76
CA GLY B 114 30.45 57.82 -6.10
C GLY B 114 31.89 57.85 -6.58
N THR B 115 32.65 58.81 -6.05
CA THR B 115 34.08 58.93 -6.32
C THR B 115 34.78 59.22 -5.00
N GLY B 116 36.10 59.14 -4.99
CA GLY B 116 36.84 59.53 -3.81
C GLY B 116 37.08 58.41 -2.80
N ALA B 117 36.86 58.76 -1.53
CA ALA B 117 37.29 57.89 -0.42
C ALA B 117 36.47 56.64 -0.28
N ILE B 118 37.17 55.53 -0.06
CA ILE B 118 36.52 54.25 0.23
C ILE B 118 35.97 54.28 1.64
N ASN B 119 34.71 53.85 1.78
CA ASN B 119 34.06 53.68 3.06
C ASN B 119 34.48 52.36 3.69
N PRO B 120 35.29 52.41 4.76
CA PRO B 120 35.91 51.18 5.26
C PRO B 120 34.93 50.04 5.60
N LYS B 121 33.86 50.32 6.34
CA LYS B 121 32.96 49.23 6.73
C LYS B 121 32.22 48.66 5.53
N GLY B 122 31.99 49.49 4.52
CA GLY B 122 31.35 49.01 3.30
C GLY B 122 32.23 48.05 2.53
N MET B 123 33.49 48.41 2.33
CA MET B 123 34.42 47.51 1.66
C MET B 123 34.61 46.24 2.49
N GLU B 124 34.67 46.40 3.81
CA GLU B 124 34.84 45.26 4.73
C GLU B 124 33.72 44.23 4.55
N PHE B 125 32.50 44.71 4.38
CA PHE B 125 31.39 43.80 4.18
C PHE B 125 31.60 42.93 2.94
N TYR B 126 32.00 43.53 1.81
CA TYR B 126 32.14 42.74 0.59
C TYR B 126 33.37 41.83 0.66
N GLN B 127 34.41 42.25 1.38
CA GLN B 127 35.55 41.38 1.62
C GLN B 127 35.10 40.16 2.43
N ASN B 128 34.33 40.40 3.50
CA ASN B 128 33.83 39.33 4.36
C ASN B 128 32.89 38.38 3.62
N LEU B 129 31.99 38.94 2.82
CA LEU B 129 31.04 38.14 2.07
C LEU B 129 31.78 37.23 1.09
N THR B 130 32.75 37.81 0.39
CA THR B 130 33.53 37.07 -0.58
C THR B 130 34.26 35.92 0.11
N ASN B 131 34.89 36.21 1.24
CA ASN B 131 35.61 35.18 1.97
C ASN B 131 34.66 34.09 2.48
N GLU B 132 33.47 34.50 2.91
CA GLU B 132 32.48 33.56 3.46
C GLU B 132 32.03 32.59 2.38
N LEU B 133 31.80 33.12 1.18
CA LEU B 133 31.40 32.28 0.05
C LEU B 133 32.47 31.25 -0.28
N ILE B 134 33.71 31.70 -0.41
CA ILE B 134 34.80 30.79 -0.75
C ILE B 134 35.04 29.75 0.33
N ALA B 135 34.92 30.16 1.59
CA ALA B 135 35.12 29.25 2.71
C ALA B 135 34.05 28.17 2.72
N ASN B 136 32.91 28.43 2.07
CA ASN B 136 31.83 27.45 2.04
C ASN B 136 31.67 26.79 0.67
N GLY B 137 32.68 26.94 -0.18
CA GLY B 137 32.74 26.21 -1.42
C GLY B 137 31.84 26.76 -2.52
N ILE B 138 31.45 28.03 -2.39
CA ILE B 138 30.59 28.69 -3.35
C ILE B 138 31.40 29.71 -4.15
N VAL B 139 31.35 29.63 -5.49
CA VAL B 139 32.09 30.55 -6.34
C VAL B 139 31.44 31.93 -6.38
N PRO B 140 32.12 32.97 -5.88
CA PRO B 140 31.53 34.32 -5.92
C PRO B 140 31.64 34.96 -7.30
N THR B 141 30.54 35.51 -7.78
CA THR B 141 30.53 36.26 -9.04
C THR B 141 29.82 37.57 -8.76
N VAL B 142 30.33 38.65 -9.33
CA VAL B 142 29.99 39.99 -8.87
C VAL B 142 29.53 40.92 -9.99
N THR B 143 28.35 41.49 -9.78
CA THR B 143 27.82 42.57 -10.59
C THR B 143 28.26 43.91 -10.01
N LEU B 144 28.98 44.71 -10.79
CA LEU B 144 29.44 46.01 -10.31
C LEU B 144 28.30 47.01 -10.22
N TYR B 145 27.44 47.05 -11.24
CA TYR B 145 26.30 47.97 -11.28
C TYR B 145 24.98 47.25 -11.45
N HIS B 146 24.19 47.25 -10.38
CA HIS B 146 22.83 46.72 -10.43
C HIS B 146 21.85 47.78 -9.93
N TRP B 147 21.94 48.93 -10.61
CA TRP B 147 20.94 50.00 -10.65
C TRP B 147 21.01 51.01 -9.51
N ASP B 148 21.84 50.74 -8.50
CA ASP B 148 21.91 51.61 -7.34
C ASP B 148 23.00 52.68 -7.52
N LEU B 149 22.83 53.50 -8.56
CA LEU B 149 23.73 54.61 -8.81
C LEU B 149 23.79 55.55 -7.61
N PRO B 150 25.01 55.93 -7.17
CA PRO B 150 25.07 56.90 -6.08
C PRO B 150 24.27 58.17 -6.40
N GLU B 151 23.52 58.64 -5.43
CA GLU B 151 22.69 59.83 -5.60
C GLU B 151 23.52 61.03 -6.04
N ALA B 152 24.74 61.14 -5.53
CA ALA B 152 25.60 62.26 -5.90
C ALA B 152 25.84 62.31 -7.41
N LEU B 153 25.97 61.15 -8.03
CA LEU B 153 26.17 61.08 -9.48
C LEU B 153 24.85 61.28 -10.20
N SER B 154 23.78 60.77 -9.62
CA SER B 154 22.45 60.93 -10.19
C SER B 154 22.07 62.42 -10.26
N LYS B 155 22.41 63.17 -9.22
CA LYS B 155 22.13 64.61 -9.19
C LYS B 155 22.83 65.36 -10.31
N ASN B 156 23.96 64.82 -10.77
CA ASN B 156 24.74 65.43 -11.84
C ASN B 156 24.39 64.86 -13.22
N GLY B 157 23.24 64.20 -13.32
CA GLY B 157 22.75 63.73 -14.61
C GLY B 157 22.72 62.23 -14.77
N GLY B 158 23.34 61.50 -13.85
CA GLY B 158 23.36 60.06 -13.92
C GLY B 158 23.82 59.57 -15.28
N TRP B 159 23.10 58.60 -15.83
CA TRP B 159 23.53 58.01 -17.08
C TRP B 159 23.23 58.87 -18.30
N LEU B 160 22.73 60.09 -18.09
CA LEU B 160 22.68 61.08 -19.19
C LEU B 160 23.98 61.89 -19.26
N ASN B 161 24.86 61.69 -18.30
CA ASN B 161 26.15 62.40 -18.22
C ASN B 161 27.31 61.43 -18.38
N GLU B 162 28.16 61.67 -19.36
CA GLU B 162 29.28 60.77 -19.62
C GLU B 162 30.23 60.70 -18.42
N ASP B 163 30.20 61.73 -17.57
CA ASP B 163 31.01 61.70 -16.34
C ASP B 163 30.71 60.46 -15.49
N THR B 164 29.49 59.97 -15.58
CA THR B 164 29.09 58.79 -14.82
C THR B 164 29.80 57.54 -15.34
N ALA B 165 30.03 57.46 -16.65
CA ALA B 165 30.80 56.35 -17.22
C ALA B 165 32.24 56.37 -16.71
N VAL B 166 32.83 57.57 -16.66
CA VAL B 166 34.19 57.74 -16.18
C VAL B 166 34.27 57.31 -14.71
N ALA B 167 33.32 57.77 -13.90
CA ALA B 167 33.27 57.40 -12.49
C ALA B 167 33.09 55.89 -12.32
N PHE B 168 32.29 55.27 -13.19
CA PHE B 168 32.05 53.85 -13.11
C PHE B 168 33.35 53.06 -13.35
N GLY B 169 34.15 53.48 -14.32
CA GLY B 169 35.43 52.83 -14.59
C GLY B 169 36.35 52.87 -13.38
N GLN B 170 36.37 54.01 -12.70
CA GLN B 170 37.20 54.22 -11.54
C GLN B 170 36.71 53.37 -10.35
N TYR B 171 35.40 53.22 -10.24
CA TYR B 171 34.80 52.38 -9.21
C TYR B 171 35.12 50.91 -9.46
N ALA B 172 35.05 50.48 -10.72
CA ALA B 172 35.41 49.12 -11.09
C ALA B 172 36.85 48.83 -10.67
N ASP B 173 37.74 49.78 -10.97
CA ASP B 173 39.16 49.74 -10.60
C ASP B 173 39.29 49.42 -9.10
N VAL B 174 38.54 50.14 -8.28
CA VAL B 174 38.57 49.94 -6.84
C VAL B 174 38.15 48.50 -6.46
N MET B 175 37.09 48.00 -7.07
CA MET B 175 36.60 46.68 -6.71
C MET B 175 37.50 45.56 -7.21
N PHE B 176 38.07 45.72 -8.40
CA PHE B 176 39.01 44.73 -8.94
C PHE B 176 40.21 44.58 -8.01
N GLN B 177 40.75 45.71 -7.55
CA GLN B 177 41.90 45.69 -6.65
C GLN B 177 41.55 45.00 -5.34
N ALA B 178 40.34 45.25 -4.83
CA ALA B 178 39.98 44.76 -3.52
C ALA B 178 39.64 43.26 -3.51
N LEU B 179 38.88 42.81 -4.50
CA LEU B 179 38.29 41.46 -4.48
C LEU B 179 38.81 40.50 -5.54
N GLY B 180 39.52 41.02 -6.53
CA GLY B 180 39.85 40.25 -7.73
C GLY B 180 40.85 39.11 -7.56
N ASP B 181 41.53 39.06 -6.42
CA ASP B 181 42.38 37.92 -6.10
C ASP B 181 41.53 36.69 -5.82
N ARG B 182 40.26 36.92 -5.49
CA ARG B 182 39.32 35.86 -5.17
C ARG B 182 38.15 35.77 -6.15
N VAL B 183 37.62 36.93 -6.56
CA VAL B 183 36.52 36.97 -7.53
C VAL B 183 37.09 36.90 -8.95
N LYS B 184 36.65 35.91 -9.72
CA LYS B 184 37.19 35.67 -11.05
C LYS B 184 36.15 35.77 -12.16
N LEU B 185 34.93 36.14 -11.81
CA LEU B 185 33.87 36.39 -12.79
C LEU B 185 33.16 37.67 -12.44
N TRP B 186 33.26 38.64 -13.34
CA TRP B 186 32.73 39.99 -13.15
C TRP B 186 31.68 40.33 -14.19
N PHE B 187 30.57 40.88 -13.71
CA PHE B 187 29.52 41.44 -14.56
C PHE B 187 29.57 42.97 -14.42
N THR B 188 29.65 43.69 -15.53
CA THR B 188 29.79 45.13 -15.45
C THR B 188 28.47 45.79 -15.07
N LEU B 189 27.51 45.78 -15.99
CA LEU B 189 26.20 46.37 -15.70
C LEU B 189 25.12 45.31 -15.89
N ASN B 190 24.14 45.36 -15.00
CA ASN B 190 22.95 44.53 -15.10
C ASN B 190 21.85 45.23 -15.89
N GLU B 191 21.38 44.59 -16.96
CA GLU B 191 20.23 45.08 -17.73
C GLU B 191 20.27 46.58 -18.02
N PRO B 192 21.25 47.03 -18.81
CA PRO B 192 21.25 48.42 -19.22
C PRO B 192 19.96 48.83 -19.98
N TRP B 193 19.28 47.87 -20.61
CA TRP B 193 18.01 48.13 -21.27
C TRP B 193 17.01 48.71 -20.27
N THR B 194 16.90 48.08 -19.13
CA THR B 194 15.90 48.45 -18.14
C THR B 194 16.22 49.80 -17.51
N THR B 195 17.47 50.01 -17.17
CA THR B 195 17.90 51.30 -16.67
C THR B 195 17.51 52.38 -17.65
N ALA B 196 17.82 52.16 -18.93
CA ALA B 196 17.55 53.16 -19.96
C ALA B 196 16.06 53.42 -20.15
N ILE B 197 15.28 52.36 -20.33
CA ILE B 197 13.86 52.49 -20.65
C ILE B 197 13.04 52.83 -19.41
N ALA B 198 13.18 52.03 -18.36
CA ALA B 198 12.36 52.23 -17.17
C ALA B 198 12.84 53.42 -16.34
N GLY B 199 14.15 53.61 -16.23
CA GLY B 199 14.71 54.64 -15.39
C GLY B 199 14.71 56.02 -16.00
N TYR B 200 15.13 56.13 -17.26
CA TYR B 200 15.28 57.43 -17.91
C TYR B 200 14.22 57.72 -18.97
N GLY B 201 13.47 56.70 -19.38
CA GLY B 201 12.50 56.85 -20.44
C GLY B 201 11.05 56.95 -19.99
N GLN B 202 10.62 55.95 -19.22
CA GLN B 202 9.25 55.84 -18.73
C GLN B 202 9.06 56.39 -17.33
N GLY B 203 10.14 56.35 -16.54
CA GLY B 203 10.14 56.90 -15.21
C GLY B 203 9.58 55.99 -14.14
N GLY B 204 9.36 54.72 -14.46
CA GLY B 204 8.86 53.77 -13.48
C GLY B 204 9.94 53.35 -12.49
N HIS B 205 11.20 53.47 -12.90
CA HIS B 205 12.36 53.19 -12.06
C HIS B 205 13.13 54.47 -11.79
N ALA B 206 13.97 54.45 -10.76
CA ALA B 206 14.88 55.56 -10.51
C ALA B 206 15.77 55.77 -11.74
N PRO B 207 16.05 57.03 -12.09
CA PRO B 207 15.72 58.28 -11.39
C PRO B 207 14.32 58.85 -11.67
N GLY B 208 13.49 58.15 -12.45
CA GLY B 208 12.11 58.57 -12.65
C GLY B 208 11.89 59.61 -13.74
N LEU B 209 12.81 59.67 -14.70
CA LEU B 209 12.74 60.65 -15.78
C LEU B 209 11.86 60.14 -16.91
N LYS B 210 11.31 61.09 -17.67
CA LYS B 210 10.30 60.76 -18.67
C LYS B 210 10.64 61.43 -19.99
N ASN B 211 11.15 60.62 -20.90
CA ASN B 211 11.45 61.06 -22.27
C ASN B 211 11.79 59.80 -23.05
N MET B 212 10.93 59.44 -24.00
CA MET B 212 11.13 58.21 -24.76
C MET B 212 11.78 58.44 -26.11
N ALA B 213 11.90 59.70 -26.51
CA ALA B 213 12.50 60.03 -27.80
C ALA B 213 14.01 59.86 -27.80
N GLU B 214 14.66 60.35 -26.74
CA GLU B 214 16.11 60.46 -26.68
C GLU B 214 16.73 59.81 -25.46
N ASN B 215 16.09 59.95 -24.29
CA ASN B 215 16.74 59.48 -23.06
C ASN B 215 17.15 58.00 -23.07
N PRO B 216 16.31 57.10 -23.62
CA PRO B 216 16.77 55.71 -23.56
C PRO B 216 18.06 55.48 -24.33
N TYR B 217 18.19 56.13 -25.48
CA TYR B 217 19.38 55.96 -26.29
C TYR B 217 20.61 56.60 -25.63
N MET B 218 20.42 57.74 -24.98
CA MET B 218 21.54 58.40 -24.31
C MET B 218 21.98 57.62 -23.08
N ALA B 219 21.04 57.13 -22.29
CA ALA B 219 21.38 56.35 -21.10
C ALA B 219 22.03 55.03 -21.50
N GLY B 220 21.55 54.41 -22.56
CA GLY B 220 22.18 53.21 -23.09
C GLY B 220 23.62 53.50 -23.53
N HIS B 221 23.80 54.62 -24.21
CA HIS B 221 25.11 55.03 -24.72
C HIS B 221 26.12 55.16 -23.60
N ASN B 222 25.79 55.91 -22.54
CA ASN B 222 26.77 56.12 -21.48
C ASN B 222 26.99 54.88 -20.63
N GLN B 223 25.99 54.00 -20.54
CA GLN B 223 26.20 52.72 -19.89
C GLN B 223 27.22 51.89 -20.67
N LEU B 224 27.12 51.92 -21.99
CA LEU B 224 28.08 51.21 -22.84
C LEU B 224 29.47 51.79 -22.65
N LEU B 225 29.58 53.11 -22.57
CA LEU B 225 30.89 53.71 -22.31
C LEU B 225 31.42 53.30 -20.95
N GLY B 226 30.54 53.19 -19.95
CA GLY B 226 30.94 52.70 -18.63
C GLY B 226 31.46 51.29 -18.70
N HIS B 227 30.70 50.42 -19.37
CA HIS B 227 31.12 49.05 -19.59
C HIS B 227 32.52 49.01 -20.19
N ALA B 228 32.73 49.78 -21.26
CA ALA B 228 34.01 49.78 -21.96
C ALA B 228 35.14 50.23 -21.04
N ALA B 229 34.87 51.24 -20.22
CA ALA B 229 35.88 51.76 -19.30
C ALA B 229 36.26 50.71 -18.26
N ALA B 230 35.27 50.02 -17.72
CA ALA B 230 35.54 49.01 -16.69
C ALA B 230 36.33 47.84 -17.26
N VAL B 231 35.97 47.40 -18.46
CA VAL B 231 36.68 46.29 -19.08
C VAL B 231 38.12 46.71 -19.45
N LYS B 232 38.29 47.96 -19.90
CA LYS B 232 39.62 48.46 -20.25
C LYS B 232 40.55 48.40 -19.03
N VAL B 233 40.06 48.90 -17.89
CA VAL B 233 40.78 48.82 -16.62
C VAL B 233 41.08 47.37 -16.27
N TYR B 234 40.09 46.50 -16.42
CA TYR B 234 40.28 45.11 -16.02
C TYR B 234 41.39 44.46 -16.86
N ARG B 235 41.31 44.61 -18.17
CA ARG B 235 42.29 43.99 -19.06
C ARG B 235 43.68 44.59 -18.84
N GLU B 236 43.77 45.89 -18.63
CA GLU B 236 45.08 46.55 -18.60
C GLU B 236 45.80 46.38 -17.27
N LYS B 237 45.04 46.30 -16.18
CA LYS B 237 45.62 46.32 -14.85
C LYS B 237 45.46 45.04 -14.03
N TYR B 238 44.44 44.22 -14.32
CA TYR B 238 44.07 43.12 -13.45
C TYR B 238 44.01 41.74 -14.09
N GLN B 239 43.65 41.66 -15.36
CA GLN B 239 43.31 40.35 -15.93
C GLN B 239 44.53 39.41 -15.98
N GLU B 240 45.71 39.93 -16.29
CA GLU B 240 46.93 39.12 -16.30
C GLU B 240 47.24 38.58 -14.91
N LYS B 241 47.20 39.47 -13.92
CA LYS B 241 47.55 39.14 -12.55
C LYS B 241 46.53 38.19 -11.92
N GLN B 242 45.25 38.46 -12.17
CA GLN B 242 44.16 37.78 -11.48
C GLN B 242 43.56 36.58 -12.23
N GLY B 243 43.63 36.59 -13.56
CA GLY B 243 43.16 35.46 -14.34
C GLY B 243 41.65 35.26 -14.33
N GLY B 244 40.90 36.35 -14.22
CA GLY B 244 39.45 36.28 -14.25
C GLY B 244 38.88 36.68 -15.61
N LYS B 245 37.55 36.71 -15.67
CA LYS B 245 36.81 37.01 -16.90
C LYS B 245 35.75 38.05 -16.64
N ILE B 246 35.40 38.82 -17.66
CA ILE B 246 34.46 39.92 -17.49
C ILE B 246 33.51 40.05 -18.66
N GLY B 247 32.28 40.50 -18.39
CA GLY B 247 31.29 40.69 -19.42
C GLY B 247 30.11 41.48 -18.90
N ALA B 248 29.15 41.77 -19.78
CA ALA B 248 27.94 42.47 -19.39
C ALA B 248 26.79 41.50 -19.14
N VAL B 249 25.77 41.95 -18.43
CA VAL B 249 24.53 41.21 -18.27
C VAL B 249 23.43 41.95 -19.03
N LEU B 250 23.11 41.42 -20.20
CA LEU B 250 22.10 42.00 -21.06
C LEU B 250 20.81 41.21 -20.86
N SER B 251 19.80 41.54 -21.64
CA SER B 251 18.47 41.01 -21.38
C SER B 251 17.55 41.18 -22.57
N THR B 252 16.65 40.21 -22.75
CA THR B 252 15.53 40.36 -23.67
C THR B 252 14.58 39.19 -23.52
N GLU B 253 13.31 39.43 -23.81
CA GLU B 253 12.38 38.36 -24.09
C GLU B 253 12.78 37.66 -25.37
N TRP B 254 12.41 36.40 -25.53
CA TRP B 254 12.46 35.81 -26.84
C TRP B 254 11.38 36.54 -27.65
N LYS B 255 11.66 36.79 -28.91
CA LYS B 255 10.70 37.46 -29.79
C LYS B 255 10.33 36.49 -30.90
N GLU B 256 9.08 36.05 -30.89
CA GLU B 256 8.57 35.02 -31.81
C GLU B 256 7.55 35.62 -32.77
N PRO B 257 7.64 35.29 -34.07
CA PRO B 257 6.62 35.84 -34.98
C PRO B 257 5.20 35.39 -34.64
N LEU B 258 4.27 36.34 -34.62
CA LEU B 258 2.88 36.04 -34.30
C LEU B 258 2.30 35.13 -35.36
N CYS B 259 2.53 35.48 -36.62
CA CYS B 259 2.09 34.67 -37.75
C CYS B 259 3.29 34.23 -38.58
N HIS B 260 3.08 33.21 -39.42
CA HIS B 260 4.13 32.70 -40.28
C HIS B 260 4.17 33.52 -41.58
N THR B 261 4.56 34.78 -41.43
CA THR B 261 4.72 35.69 -42.54
C THR B 261 6.10 36.33 -42.46
N GLN B 262 6.60 36.81 -43.60
CA GLN B 262 7.91 37.45 -43.61
C GLN B 262 7.89 38.74 -42.80
N GLU B 263 6.74 39.43 -42.84
CA GLU B 263 6.58 40.67 -42.09
C GLU B 263 6.77 40.44 -40.59
N ASP B 264 6.20 39.36 -40.09
CA ASP B 264 6.29 39.04 -38.65
C ASP B 264 7.67 38.47 -38.30
N LYS B 265 8.26 37.70 -39.21
CA LYS B 265 9.62 37.23 -38.99
C LYS B 265 10.57 38.41 -38.89
N ASP B 266 10.38 39.39 -39.78
CA ASP B 266 11.20 40.59 -39.77
C ASP B 266 10.99 41.41 -38.51
N ALA B 267 9.74 41.55 -38.10
CA ALA B 267 9.43 42.32 -36.89
C ALA B 267 10.02 41.68 -35.64
N ALA B 268 9.96 40.35 -35.55
CA ALA B 268 10.49 39.65 -34.39
C ALA B 268 12.00 39.83 -34.32
N GLU B 269 12.67 39.64 -35.45
CA GLU B 269 14.13 39.84 -35.52
C GLU B 269 14.47 41.28 -35.14
N ARG B 270 13.68 42.22 -35.65
CA ARG B 270 13.91 43.63 -35.38
C ARG B 270 13.85 43.95 -33.88
N SER B 271 12.93 43.31 -33.17
CA SER B 271 12.82 43.53 -31.72
C SER B 271 14.01 42.94 -30.97
N LEU B 272 14.52 41.79 -31.42
CA LEU B 272 15.74 41.24 -30.82
C LEU B 272 16.91 42.20 -31.06
N ILE B 273 16.96 42.82 -32.23
CA ILE B 273 17.99 43.79 -32.52
C ILE B 273 17.87 44.99 -31.58
N TRP B 274 16.66 45.54 -31.44
CA TRP B 274 16.47 46.76 -30.65
C TRP B 274 16.70 46.52 -29.16
N TYR B 275 16.36 45.32 -28.69
CA TYR B 275 16.51 45.00 -27.26
C TYR B 275 17.94 44.60 -26.92
N LEU B 276 18.48 43.64 -27.67
CA LEU B 276 19.71 42.96 -27.28
C LEU B 276 20.93 43.42 -28.11
N ALA B 277 20.81 43.45 -29.43
CA ALA B 277 21.95 43.83 -30.27
C ALA B 277 22.31 45.30 -30.06
N TRP B 278 21.34 46.10 -29.64
CA TRP B 278 21.57 47.48 -29.24
C TRP B 278 22.82 47.60 -28.36
N PHE B 279 22.96 46.67 -27.43
CA PHE B 279 24.12 46.64 -26.53
C PHE B 279 25.16 45.63 -26.96
N ALA B 280 24.75 44.48 -27.48
CA ALA B 280 25.71 43.42 -27.77
C ALA B 280 26.52 43.67 -29.06
N ASP B 281 25.94 44.34 -30.05
CA ASP B 281 26.71 44.62 -31.25
C ASP B 281 27.88 45.56 -30.91
N PRO B 282 27.61 46.62 -30.11
CA PRO B 282 28.78 47.41 -29.68
C PRO B 282 29.87 46.60 -28.97
N ILE B 283 29.47 45.73 -28.06
CA ILE B 283 30.41 44.96 -27.24
C ILE B 283 31.17 43.93 -28.06
N TYR B 284 30.53 43.35 -29.08
CA TYR B 284 31.17 42.30 -29.87
C TYR B 284 31.73 42.78 -31.20
N LYS B 285 31.10 43.81 -31.79
CA LYS B 285 31.44 44.27 -33.13
C LYS B 285 31.99 45.70 -33.14
N GLY B 286 31.76 46.46 -32.08
CA GLY B 286 32.35 47.77 -31.92
C GLY B 286 31.45 48.97 -32.21
N ASP B 287 30.24 48.72 -32.71
CA ASP B 287 29.33 49.82 -33.02
C ASP B 287 27.89 49.32 -32.93
N TYR B 288 26.95 50.25 -32.87
CA TYR B 288 25.54 49.93 -32.90
C TYR B 288 25.15 49.23 -34.21
N PRO B 289 24.05 48.48 -34.20
CA PRO B 289 23.53 47.97 -35.46
C PRO B 289 23.24 49.12 -36.43
N GLU B 290 23.66 48.97 -37.67
CA GLU B 290 23.43 50.01 -38.66
C GLU B 290 21.95 50.33 -38.81
N GLU B 291 21.09 49.32 -38.65
CA GLU B 291 19.67 49.57 -38.90
C GLU B 291 19.10 50.45 -37.80
N MET B 292 19.67 50.39 -36.61
CA MET B 292 19.27 51.28 -35.53
C MET B 292 19.76 52.70 -35.83
N LYS B 293 21.02 52.83 -36.22
CA LYS B 293 21.57 54.13 -36.55
C LYS B 293 20.74 54.82 -37.64
N GLU B 294 20.34 54.06 -38.65
CA GLU B 294 19.57 54.63 -39.76
C GLU B 294 18.16 55.04 -39.33
N ARG B 295 17.52 54.20 -38.54
CA ARG B 295 16.15 54.44 -38.09
C ARG B 295 16.05 55.60 -37.14
N VAL B 296 16.97 55.65 -36.18
CA VAL B 296 16.88 56.55 -35.03
C VAL B 296 17.53 57.90 -35.33
N GLY B 297 18.48 57.94 -36.25
CA GLY B 297 19.03 59.21 -36.69
C GLY B 297 19.70 60.03 -35.59
N ASP B 298 19.34 61.31 -35.51
CA ASP B 298 20.02 62.22 -34.58
C ASP B 298 19.66 61.92 -33.13
N ARG B 299 18.72 61.03 -32.89
CA ARG B 299 18.36 60.67 -31.52
C ARG B 299 19.26 59.58 -30.96
N MET B 300 20.12 59.03 -31.82
CA MET B 300 21.09 58.04 -31.39
C MET B 300 22.49 58.64 -31.34
N PRO B 301 23.13 58.66 -30.16
CA PRO B 301 24.50 59.19 -30.14
C PRO B 301 25.47 58.32 -30.93
N ALA B 302 26.56 58.94 -31.38
CA ALA B 302 27.59 58.26 -32.16
C ALA B 302 28.87 58.04 -31.35
N PHE B 303 29.41 56.84 -31.43
CA PHE B 303 30.71 56.54 -30.84
C PHE B 303 31.82 57.17 -31.67
N THR B 304 32.86 57.64 -30.99
CA THR B 304 34.11 58.04 -31.63
C THR B 304 34.90 56.78 -32.01
N GLU B 305 35.90 56.93 -32.87
CA GLU B 305 36.68 55.79 -33.29
C GLU B 305 37.35 55.12 -32.10
N GLN B 306 37.85 55.92 -31.16
CA GLN B 306 38.47 55.37 -29.96
C GLN B 306 37.48 54.58 -29.12
N GLN B 307 36.26 55.09 -29.01
CA GLN B 307 35.22 54.41 -28.24
C GLN B 307 34.84 53.09 -28.89
N LYS B 308 34.79 53.07 -30.21
CA LYS B 308 34.52 51.82 -30.94
C LYS B 308 35.62 50.80 -30.67
N GLN B 309 36.85 51.26 -30.61
CA GLN B 309 37.99 50.40 -30.33
C GLN B 309 37.91 49.86 -28.89
N ASP B 310 37.55 50.73 -27.95
CA ASP B 310 37.40 50.32 -26.55
C ASP B 310 36.27 49.29 -26.40
N LEU B 311 35.22 49.44 -27.18
CA LEU B 311 34.06 48.57 -27.06
C LEU B 311 34.24 47.21 -27.75
N LYS B 312 34.82 47.19 -28.94
CA LYS B 312 34.92 45.94 -29.69
C LYS B 312 35.74 44.91 -28.92
N GLY B 313 35.13 43.76 -28.66
CA GLY B 313 35.80 42.67 -27.97
C GLY B 313 35.86 42.84 -26.45
N SER B 314 34.96 43.65 -25.91
CA SER B 314 35.00 43.99 -24.50
C SER B 314 34.16 43.03 -23.65
N ALA B 315 34.10 41.75 -24.04
CA ALA B 315 33.46 40.73 -23.21
C ALA B 315 34.11 39.38 -23.40
N ASP B 316 34.29 38.66 -22.29
CA ASP B 316 34.85 37.32 -22.29
C ASP B 316 33.76 36.26 -22.34
N PHE B 317 32.54 36.70 -22.05
CA PHE B 317 31.37 35.83 -22.06
C PHE B 317 30.15 36.69 -22.29
N PHE B 318 29.04 36.03 -22.60
CA PHE B 318 27.77 36.67 -22.85
C PHE B 318 26.81 36.42 -21.68
N GLY B 319 26.61 37.43 -20.85
CA GLY B 319 25.65 37.34 -19.77
C GLY B 319 24.27 37.68 -20.27
N ILE B 320 23.27 36.85 -19.94
CA ILE B 320 21.91 37.08 -20.39
C ILE B 320 20.87 36.77 -19.29
N ASN B 321 20.05 37.78 -19.00
CA ASN B 321 18.85 37.62 -18.19
C ASN B 321 17.68 37.31 -19.10
N HIS B 322 16.88 36.30 -18.75
CA HIS B 322 15.76 35.92 -19.57
C HIS B 322 14.62 35.32 -18.76
N TYR B 323 13.41 35.79 -19.05
CA TYR B 323 12.20 35.38 -18.31
C TYR B 323 11.03 34.93 -19.16
N ALA B 324 10.86 35.56 -20.34
CA ALA B 324 9.57 35.56 -21.01
C ALA B 324 9.70 35.64 -22.51
N THR B 325 8.57 35.48 -23.19
CA THR B 325 8.49 35.53 -24.64
C THR B 325 7.40 36.50 -25.07
N ASN B 326 7.67 37.25 -26.14
CA ASN B 326 6.68 38.11 -26.76
C ASN B 326 6.40 37.67 -28.19
N LEU B 327 5.17 37.81 -28.64
CA LEU B 327 4.86 37.64 -30.05
C LEU B 327 4.93 38.97 -30.79
N LEU B 328 5.52 38.96 -31.98
CA LEU B 328 5.68 40.19 -32.76
C LEU B 328 4.91 40.16 -34.08
N GLN B 329 4.23 41.27 -34.35
CA GLN B 329 3.48 41.49 -35.58
C GLN B 329 3.98 42.75 -36.29
N GLY B 330 4.11 42.67 -37.61
CA GLY B 330 4.41 43.82 -38.42
C GLY B 330 3.20 44.75 -38.49
N PRO B 331 3.37 46.04 -38.18
CA PRO B 331 2.30 47.05 -38.29
C PRO B 331 1.73 47.20 -39.70
N THR B 332 0.47 47.61 -39.81
CA THR B 332 -0.22 47.71 -41.10
C THR B 332 0.63 48.45 -42.12
N GLU B 333 1.11 49.62 -41.72
CA GLU B 333 2.07 50.41 -42.48
C GLU B 333 3.18 50.80 -41.50
N LYS B 334 4.37 51.12 -42.02
CA LYS B 334 5.51 51.47 -41.18
C LYS B 334 5.17 52.65 -40.24
N ILE B 335 5.50 52.47 -38.97
CA ILE B 335 5.30 53.46 -37.93
C ILE B 335 6.37 54.55 -38.04
N GLY B 336 6.00 55.81 -37.77
CA GLY B 336 6.98 56.87 -37.83
C GLY B 336 7.96 56.73 -36.67
N ALA B 337 9.24 56.92 -36.96
CA ALA B 337 10.27 56.83 -35.92
C ALA B 337 10.29 58.11 -35.09
N GLU B 338 9.92 58.00 -33.82
CA GLU B 338 9.83 59.18 -32.95
C GLU B 338 10.34 58.86 -31.54
N ASN B 339 10.34 57.59 -31.18
CA ASN B 339 10.75 57.19 -29.84
C ASN B 339 11.05 55.69 -29.80
N TYR B 340 11.61 55.21 -28.69
CA TYR B 340 12.15 53.84 -28.65
C TYR B 340 11.19 52.78 -29.21
N PHE B 341 9.95 52.73 -28.74
CA PHE B 341 9.08 51.64 -29.15
C PHE B 341 8.48 51.83 -30.55
N SER B 342 8.39 53.06 -31.02
CA SER B 342 7.96 53.27 -32.40
C SER B 342 9.13 52.98 -33.32
N ASP B 343 10.35 53.23 -32.86
CA ASP B 343 11.53 52.98 -33.67
C ASP B 343 11.65 51.51 -34.10
N LEU B 344 11.31 50.58 -33.20
CA LEU B 344 11.47 49.16 -33.53
C LEU B 344 10.33 48.64 -34.42
N ASN B 345 9.36 49.50 -34.74
CA ASN B 345 8.31 49.21 -35.72
C ASN B 345 7.72 47.80 -35.57
N GLY B 346 7.06 47.57 -34.44
CA GLY B 346 6.51 46.26 -34.15
C GLY B 346 5.38 46.33 -33.15
N TRP B 347 4.40 45.46 -33.36
CA TRP B 347 3.27 45.29 -32.48
C TRP B 347 3.48 44.03 -31.63
N ILE B 348 3.41 44.20 -30.32
CA ILE B 348 3.74 43.16 -29.35
C ILE B 348 2.49 42.51 -28.78
N MET B 349 2.51 41.18 -28.64
CA MET B 349 1.36 40.45 -28.12
C MET B 349 1.79 39.27 -27.27
N MET B 350 0.91 38.86 -26.36
CA MET B 350 1.07 37.61 -25.59
C MET B 350 -0.01 36.64 -26.07
N ASP B 351 0.31 35.35 -26.10
CA ASP B 351 -0.70 34.32 -26.35
C ASP B 351 -1.56 34.20 -25.11
N PRO B 352 -2.89 34.33 -25.26
CA PRO B 352 -3.74 34.27 -24.08
C PRO B 352 -3.71 32.91 -23.37
N ARG B 353 -3.18 31.89 -24.04
CA ARG B 353 -3.13 30.56 -23.45
C ARG B 353 -1.91 30.37 -22.52
N TRP B 354 -0.95 31.28 -22.61
CA TRP B 354 0.21 31.23 -21.74
C TRP B 354 -0.16 31.61 -20.31
N ALA B 355 0.43 30.89 -19.35
CA ALA B 355 0.39 31.31 -17.96
C ALA B 355 1.23 32.57 -17.79
N VAL B 356 0.95 33.32 -16.73
CA VAL B 356 1.67 34.56 -16.46
C VAL B 356 2.08 34.60 -15.00
N GLY B 357 3.22 35.23 -14.74
CA GLY B 357 3.66 35.48 -13.38
C GLY B 357 2.90 36.64 -12.78
N ASP B 358 3.50 37.27 -11.76
CA ASP B 358 2.82 38.30 -10.99
C ASP B 358 3.02 39.70 -11.56
N ALA B 359 3.31 39.75 -12.84
CA ALA B 359 3.30 40.99 -13.61
C ALA B 359 3.00 40.61 -15.05
N SER B 360 2.36 41.49 -15.79
CA SER B 360 1.88 41.14 -17.12
C SER B 360 3.02 40.81 -18.09
N TRP B 361 4.22 41.28 -17.80
CA TRP B 361 5.35 41.05 -18.70
C TRP B 361 5.91 39.63 -18.62
N LEU B 362 5.58 38.90 -17.57
CA LEU B 362 6.21 37.61 -17.30
C LEU B 362 5.34 36.47 -17.84
N SER B 363 5.43 36.25 -19.14
CA SER B 363 4.78 35.08 -19.75
C SER B 363 5.64 33.83 -19.49
N VAL B 364 4.97 32.71 -19.26
CA VAL B 364 5.65 31.45 -18.96
C VAL B 364 5.75 30.64 -20.24
N VAL B 365 6.92 30.72 -20.88
CA VAL B 365 7.17 30.16 -22.19
C VAL B 365 8.57 29.56 -22.21
N PRO B 366 8.72 28.34 -21.67
CA PRO B 366 10.07 27.81 -21.47
C PRO B 366 10.92 27.74 -22.75
N TRP B 367 10.32 27.45 -23.89
CA TRP B 367 11.10 27.27 -25.13
C TRP B 367 11.70 28.60 -25.62
N GLY B 368 11.22 29.72 -25.10
CA GLY B 368 11.84 30.99 -25.39
C GLY B 368 13.29 31.00 -24.94
N MET B 369 13.59 30.31 -23.85
CA MET B 369 14.96 30.19 -23.34
C MET B 369 15.87 29.55 -24.38
N ARG B 370 15.44 28.43 -24.95
CA ARG B 370 16.24 27.74 -25.95
C ARG B 370 16.48 28.62 -27.17
N ARG B 371 15.42 29.24 -27.67
CA ARG B 371 15.51 29.95 -28.93
C ARG B 371 16.39 31.20 -28.80
N LEU B 372 16.32 31.88 -27.66
CA LEU B 372 17.16 33.04 -27.43
C LEU B 372 18.62 32.63 -27.35
N LEU B 373 18.91 31.54 -26.64
CA LEU B 373 20.30 31.08 -26.52
C LEU B 373 20.87 30.74 -27.90
N ARG B 374 20.07 30.08 -28.73
CA ARG B 374 20.46 29.71 -30.09
C ARG B 374 20.74 30.96 -30.95
N TRP B 375 19.91 31.98 -30.79
CA TRP B 375 20.06 33.24 -31.51
C TRP B 375 21.36 33.94 -31.12
N ILE B 376 21.67 33.91 -29.82
CA ILE B 376 22.90 34.52 -29.32
C ILE B 376 24.12 33.81 -29.91
N LYS B 377 24.09 32.48 -29.92
CA LYS B 377 25.19 31.71 -30.48
C LYS B 377 25.44 32.09 -31.93
N HIS B 378 24.37 32.23 -32.69
CA HIS B 378 24.50 32.52 -34.11
C HIS B 378 25.07 33.92 -34.35
N ARG B 379 24.55 34.91 -33.64
CA ARG B 379 24.92 36.29 -33.95
C ARG B 379 26.30 36.67 -33.40
N TYR B 380 26.69 36.06 -32.27
CA TYR B 380 27.90 36.48 -31.57
C TYR B 380 28.98 35.40 -31.55
N ASP B 381 28.98 34.57 -32.61
CA ASP B 381 30.09 33.67 -32.91
C ASP B 381 30.38 32.69 -31.78
N ASP B 382 29.33 32.06 -31.25
CA ASP B 382 29.49 30.95 -30.33
C ASP B 382 30.28 31.33 -29.08
N PRO B 383 29.79 32.33 -28.34
CA PRO B 383 30.46 32.75 -27.12
C PRO B 383 30.13 31.84 -25.95
N VAL B 384 30.95 31.89 -24.91
CA VAL B 384 30.55 31.34 -23.62
C VAL B 384 29.36 32.16 -23.11
N VAL B 385 28.32 31.47 -22.66
CA VAL B 385 27.10 32.12 -22.17
C VAL B 385 26.81 31.78 -20.71
N TYR B 386 26.44 32.79 -19.92
CA TYR B 386 25.90 32.57 -18.58
C TYR B 386 24.48 33.10 -18.53
N VAL B 387 23.54 32.24 -18.13
CA VAL B 387 22.18 32.69 -17.87
C VAL B 387 22.20 33.28 -16.48
N THR B 388 22.16 34.60 -16.39
CA THR B 388 22.49 35.27 -15.16
C THR B 388 21.27 35.64 -14.31
N GLU B 389 20.08 35.50 -14.89
CA GLU B 389 18.79 35.57 -14.17
C GLU B 389 17.74 34.80 -14.92
N ASN B 390 16.92 34.09 -14.17
CA ASN B 390 15.74 33.40 -14.69
C ASN B 390 14.92 32.98 -13.48
N GLY B 391 13.63 33.31 -13.48
CA GLY B 391 12.80 32.99 -12.33
C GLY B 391 11.37 33.46 -12.46
N LEU B 392 10.58 33.19 -11.43
CA LEU B 392 9.14 33.42 -11.47
C LEU B 392 8.60 34.07 -10.22
N SER B 393 7.75 35.06 -10.43
CA SER B 393 6.90 35.58 -9.37
C SER B 393 5.55 34.90 -9.44
N VAL B 394 5.20 34.16 -8.39
CA VAL B 394 3.94 33.44 -8.38
C VAL B 394 2.78 34.39 -8.06
N PRO B 395 1.73 34.43 -8.91
CA PRO B 395 0.62 35.34 -8.63
C PRO B 395 0.03 35.14 -7.24
N ASN B 396 -0.18 36.25 -6.54
CA ASN B 396 -0.84 36.25 -5.23
C ASN B 396 -0.09 35.47 -4.14
N GLU B 397 1.22 35.24 -4.33
CA GLU B 397 1.98 34.48 -3.33
C GLU B 397 1.95 35.17 -1.96
N SER B 398 1.98 36.49 -1.94
CA SER B 398 2.00 37.23 -0.69
C SER B 398 0.67 37.14 0.06
N ALA B 399 -0.41 36.77 -0.64
CA ALA B 399 -1.74 36.65 -0.04
C ALA B 399 -2.05 35.22 0.41
N MET B 400 -1.17 34.30 0.02
CA MET B 400 -1.28 32.93 0.46
C MET B 400 -0.85 32.87 1.93
N THR B 401 -1.26 31.84 2.64
CA THR B 401 -0.65 31.57 3.94
C THR B 401 0.83 31.28 3.66
N PRO B 402 1.71 31.55 4.64
CA PRO B 402 3.11 31.21 4.42
C PRO B 402 3.27 29.73 4.06
N GLU B 403 2.42 28.88 4.62
CA GLU B 403 2.47 27.45 4.35
C GLU B 403 2.17 27.13 2.88
N ALA B 404 1.11 27.71 2.35
CA ALA B 404 0.72 27.46 0.96
C ALA B 404 1.75 28.09 0.02
N ALA B 405 2.33 29.20 0.44
CA ALA B 405 3.34 29.86 -0.35
C ALA B 405 4.57 28.97 -0.52
N LEU B 406 4.81 28.11 0.48
CA LEU B 406 5.99 27.25 0.42
C LEU B 406 5.86 26.15 -0.62
N ASN B 407 4.63 25.69 -0.86
N ASN B 407 4.63 25.68 -0.87
CA ASN B 407 4.38 24.67 -1.87
CA ASN B 407 4.42 24.66 -1.89
C ASN B 407 4.24 25.31 -3.24
C ASN B 407 4.24 25.33 -3.24
N ASP B 408 5.34 25.87 -3.74
CA ASP B 408 5.30 26.72 -4.93
C ASP B 408 5.46 25.94 -6.23
N LYS B 409 4.46 25.10 -6.49
CA LYS B 409 4.46 24.22 -7.65
C LYS B 409 4.69 24.97 -8.97
N MET B 410 4.11 26.16 -9.08
N MET B 410 4.10 26.15 -9.09
CA MET B 410 4.25 26.92 -10.31
CA MET B 410 4.25 26.93 -10.32
C MET B 410 5.70 27.30 -10.55
C MET B 410 5.71 27.30 -10.55
N ARG B 411 6.41 27.62 -9.48
CA ARG B 411 7.83 27.98 -9.57
C ARG B 411 8.68 26.73 -9.84
N VAL B 412 8.32 25.61 -9.22
CA VAL B 412 8.95 24.33 -9.54
C VAL B 412 8.86 24.05 -11.05
N ASP B 413 7.66 24.20 -11.59
CA ASP B 413 7.43 23.91 -13.00
C ASP B 413 8.16 24.90 -13.91
N TYR B 414 8.26 26.15 -13.48
CA TYR B 414 8.99 27.17 -14.22
C TYR B 414 10.49 26.82 -14.24
N LEU B 415 11.06 26.56 -13.07
CA LEU B 415 12.44 26.15 -12.96
C LEU B 415 12.75 24.95 -13.87
N GLN B 416 11.95 23.89 -13.74
CA GLN B 416 12.18 22.69 -14.50
C GLN B 416 12.04 22.94 -16.01
N GLY B 417 11.03 23.71 -16.38
CA GLY B 417 10.74 23.95 -17.79
C GLY B 417 11.84 24.73 -18.46
N TYR B 418 12.26 25.82 -17.84
CA TYR B 418 13.26 26.67 -18.46
C TYR B 418 14.64 26.01 -18.43
N VAL B 419 14.96 25.28 -17.35
CA VAL B 419 16.23 24.56 -17.31
C VAL B 419 16.27 23.46 -18.38
N ALA B 420 15.17 22.76 -18.58
CA ALA B 420 15.12 21.71 -19.60
C ALA B 420 15.35 22.32 -20.99
N GLU B 421 14.80 23.50 -21.23
CA GLU B 421 14.96 24.12 -22.54
C GLU B 421 16.37 24.70 -22.72
N MET B 422 16.95 25.18 -21.64
CA MET B 422 18.37 25.55 -21.65
C MET B 422 19.20 24.32 -22.01
N TRP B 423 18.89 23.16 -21.44
CA TRP B 423 19.63 21.95 -21.77
C TRP B 423 19.52 21.63 -23.27
N LYS B 424 18.34 21.84 -23.84
CA LYS B 424 18.17 21.59 -25.28
C LYS B 424 19.11 22.48 -26.09
N ALA B 425 19.26 23.74 -25.68
CA ALA B 425 20.17 24.66 -26.35
C ALA B 425 21.60 24.17 -26.27
N ILE B 426 22.00 23.66 -25.10
CA ILE B 426 23.34 23.12 -24.92
C ILE B 426 23.55 21.88 -25.79
N ASN B 427 22.60 20.95 -25.71
CA ASN B 427 22.78 19.64 -26.32
C ASN B 427 22.56 19.62 -27.83
N TYR B 428 21.43 20.17 -28.28
CA TYR B 428 21.05 20.13 -29.68
C TYR B 428 21.61 21.31 -30.47
N ASP B 429 21.58 22.48 -29.87
CA ASP B 429 21.98 23.71 -30.56
C ASP B 429 23.43 24.07 -30.29
N LYS B 430 24.08 23.33 -29.41
CA LYS B 430 25.51 23.49 -29.12
C LYS B 430 25.88 24.87 -28.59
N VAL B 431 24.98 25.46 -27.82
CA VAL B 431 25.28 26.73 -27.15
C VAL B 431 26.16 26.45 -25.93
N LYS B 432 27.22 27.23 -25.78
CA LYS B 432 28.18 26.98 -24.71
C LYS B 432 27.76 27.64 -23.39
N VAL B 433 26.63 27.19 -22.85
CA VAL B 433 26.15 27.71 -21.58
C VAL B 433 27.02 27.16 -20.46
N ALA B 434 27.55 28.04 -19.63
CA ALA B 434 28.51 27.66 -18.58
C ALA B 434 27.94 27.80 -17.17
N GLY B 435 26.74 28.36 -17.06
CA GLY B 435 26.09 28.52 -15.78
C GLY B 435 24.67 29.05 -15.89
N TYR B 436 23.93 28.89 -14.79
CA TYR B 436 22.54 29.29 -14.69
C TYR B 436 22.30 29.83 -13.29
N TYR B 437 21.89 31.09 -13.19
CA TYR B 437 21.62 31.72 -11.89
C TYR B 437 20.13 32.01 -11.78
N HIS B 438 19.45 31.32 -10.87
CA HIS B 438 18.04 31.50 -10.68
C HIS B 438 17.77 32.84 -9.96
N TRP B 439 16.79 33.58 -10.46
CA TRP B 439 16.32 34.79 -9.77
C TRP B 439 15.07 34.44 -8.95
N SER B 440 15.13 34.44 -7.63
CA SER B 440 16.24 34.88 -6.79
C SER B 440 16.45 33.88 -5.66
N LEU B 441 17.58 33.98 -4.98
CA LEU B 441 17.78 33.19 -3.79
C LEU B 441 16.65 33.47 -2.80
N LEU B 442 16.36 34.76 -2.61
CA LEU B 442 15.47 35.23 -1.57
C LEU B 442 14.32 36.04 -2.12
N ASP B 443 13.15 35.91 -1.51
CA ASP B 443 12.13 36.94 -1.66
C ASP B 443 12.82 38.26 -1.33
N ASN B 444 12.51 39.32 -2.07
CA ASN B 444 13.20 40.57 -1.86
C ASN B 444 12.41 41.79 -2.38
N PHE B 445 13.04 42.96 -2.34
CA PHE B 445 12.44 44.22 -2.80
C PHE B 445 12.39 44.24 -4.31
N GLU B 446 11.22 43.99 -4.88
CA GLU B 446 11.07 43.91 -6.32
C GLU B 446 10.83 45.31 -6.92
N TRP B 447 11.82 46.18 -6.68
CA TRP B 447 11.84 47.52 -7.26
C TRP B 447 10.48 48.23 -7.10
N SER B 448 9.85 48.72 -8.17
CA SER B 448 8.66 49.55 -7.98
C SER B 448 7.45 48.72 -7.54
N ASP B 449 7.56 47.41 -7.61
CA ASP B 449 6.52 46.52 -7.10
C ASP B 449 6.63 46.28 -5.59
N GLY B 450 7.75 46.67 -4.99
CA GLY B 450 7.93 46.49 -3.56
C GLY B 450 8.05 45.04 -3.15
N TYR B 451 7.72 44.76 -1.90
CA TYR B 451 7.88 43.41 -1.35
C TYR B 451 6.74 42.47 -1.69
N LYS B 452 5.65 43.00 -2.24
CA LYS B 452 4.49 42.17 -2.53
C LYS B 452 4.82 41.10 -3.54
N VAL B 453 5.71 41.41 -4.49
CA VAL B 453 6.04 40.47 -5.56
C VAL B 453 7.22 39.60 -5.12
N ARG B 454 6.98 38.29 -5.14
CA ARG B 454 7.89 37.29 -4.57
C ARG B 454 8.56 36.42 -5.64
N PHE B 455 9.89 36.46 -5.71
CA PHE B 455 10.69 35.69 -6.67
C PHE B 455 11.58 34.62 -6.02
N GLY B 456 11.51 34.48 -4.70
CA GLY B 456 12.48 33.64 -4.02
C GLY B 456 12.32 32.13 -4.17
N LEU B 457 13.46 31.44 -4.18
CA LEU B 457 13.51 30.01 -3.87
C LEU B 457 13.33 29.84 -2.37
N VAL B 458 13.69 30.90 -1.64
CA VAL B 458 13.65 30.92 -0.18
C VAL B 458 12.70 32.02 0.28
N GLN B 459 11.72 31.62 1.08
CA GLN B 459 10.77 32.53 1.68
C GLN B 459 11.44 33.37 2.74
N VAL B 460 11.14 34.66 2.74
CA VAL B 460 11.56 35.54 3.82
C VAL B 460 10.33 36.10 4.51
N ASP B 461 10.25 35.87 5.81
CA ASP B 461 9.26 36.52 6.66
C ASP B 461 9.85 37.86 7.10
N TYR B 462 9.34 38.97 6.57
CA TYR B 462 9.97 40.26 6.81
C TYR B 462 9.76 40.77 8.24
N LYS B 463 8.81 40.19 8.95
CA LYS B 463 8.61 40.57 10.34
C LYS B 463 9.74 40.01 11.23
N THR B 464 10.19 38.80 10.93
CA THR B 464 11.19 38.10 11.76
C THR B 464 12.52 37.89 11.05
N GLN B 465 12.50 38.12 9.73
CA GLN B 465 13.62 37.85 8.81
C GLN B 465 13.97 36.37 8.72
N LYS B 466 13.09 35.51 9.20
CA LYS B 466 13.30 34.07 9.06
C LYS B 466 13.34 33.65 7.61
N ARG B 467 14.32 32.83 7.26
CA ARG B 467 14.38 32.18 5.95
C ARG B 467 13.81 30.77 6.02
N THR B 468 12.99 30.42 5.03
CA THR B 468 12.46 29.06 4.90
C THR B 468 12.53 28.59 3.44
N LEU B 469 13.16 27.43 3.20
CA LEU B 469 13.24 26.89 1.85
C LEU B 469 11.84 26.55 1.33
N LYS B 470 11.54 27.03 0.12
CA LYS B 470 10.31 26.63 -0.57
C LYS B 470 10.56 25.28 -1.24
N GLU B 471 9.49 24.67 -1.75
CA GLU B 471 9.63 23.44 -2.51
C GLU B 471 10.60 23.64 -3.67
N SER B 472 10.55 24.80 -4.32
CA SER B 472 11.43 25.06 -5.46
C SER B 472 12.90 24.99 -5.05
N ALA B 473 13.24 25.45 -3.86
CA ALA B 473 14.62 25.39 -3.37
C ALA B 473 15.07 23.94 -3.21
N LYS B 474 14.16 23.09 -2.74
CA LYS B 474 14.46 21.69 -2.50
C LYS B 474 14.59 20.94 -3.83
N VAL B 475 13.74 21.30 -4.78
CA VAL B 475 13.83 20.72 -6.12
C VAL B 475 15.15 21.13 -6.78
N TYR B 476 15.50 22.40 -6.64
CA TYR B 476 16.75 22.91 -7.22
C TYR B 476 17.94 22.21 -6.59
N LYS B 477 17.92 22.05 -5.27
CA LYS B 477 18.96 21.32 -4.55
C LYS B 477 19.16 19.93 -5.15
N ASP B 478 18.07 19.21 -5.37
CA ASP B 478 18.19 17.85 -5.92
C ASP B 478 18.67 17.85 -7.38
N MET B 479 18.22 18.83 -8.15
CA MET B 479 18.61 18.98 -9.54
C MET B 479 20.12 19.18 -9.65
N ILE B 480 20.66 20.07 -8.85
CA ILE B 480 22.09 20.35 -8.89
C ILE B 480 22.89 19.10 -8.55
N ALA B 481 22.45 18.39 -7.53
CA ALA B 481 23.14 17.19 -7.11
C ALA B 481 23.15 16.15 -8.22
N LYS B 482 22.03 16.03 -8.92
N LYS B 482 22.03 16.06 -8.92
CA LYS B 482 21.91 15.05 -10.00
CA LYS B 482 21.87 15.07 -9.98
C LYS B 482 22.85 15.39 -11.15
C LYS B 482 22.76 15.39 -11.20
N TYR B 483 22.89 16.68 -11.51
CA TYR B 483 23.62 17.13 -12.70
C TYR B 483 24.91 17.89 -12.41
N SER B 484 25.69 17.37 -11.48
CA SER B 484 26.99 17.94 -11.18
C SER B 484 27.73 16.95 -10.31
N GLY B 485 29.06 17.01 -10.33
CA GLY B 485 29.87 16.21 -9.42
C GLY B 485 30.06 16.99 -8.13
N ASP B 486 30.72 16.38 -7.15
CA ASP B 486 31.00 17.05 -5.89
C ASP B 486 31.89 18.27 -6.11
N THR B 487 31.66 19.33 -5.33
CA THR B 487 32.53 20.50 -5.37
C THR B 487 33.84 20.19 -4.65
N ALA B 488 34.94 20.74 -5.13
CA ALA B 488 36.26 20.49 -4.57
C ALA B 488 36.46 21.26 -3.27
N PRO B 489 37.21 20.68 -2.31
CA PRO B 489 37.44 21.38 -1.04
C PRO B 489 38.24 22.67 -1.21
N PRO B 490 37.96 23.70 -0.37
CA PRO B 490 38.75 24.93 -0.40
C PRO B 490 40.06 24.82 0.38
N ASP C 2 11.24 12.90 1.57
CA ASP C 2 10.46 14.12 1.36
C ASP C 2 9.26 13.87 0.45
N VAL C 3 8.85 12.61 0.38
CA VAL C 3 7.67 12.19 -0.37
C VAL C 3 6.40 12.10 0.50
N THR C 4 5.40 12.91 0.17
CA THR C 4 4.10 12.89 0.83
C THR C 4 3.17 11.82 0.23
N CYS C 5 2.58 10.98 1.10
CA CYS C 5 1.68 9.92 0.67
C CYS C 5 0.36 9.92 1.45
N TRP C 6 -0.65 9.25 0.88
CA TRP C 6 -1.94 9.06 1.53
C TRP C 6 -2.69 10.36 1.82
N LYS C 7 -2.46 11.38 0.99
CA LYS C 7 -3.12 12.68 1.15
C LYS C 7 -3.71 13.12 -0.18
N TYR C 8 -5.03 13.07 -0.26
CA TYR C 8 -5.72 13.19 -1.54
C TYR C 8 -6.39 14.54 -1.73
N ALA C 9 -6.43 15.36 -0.67
CA ALA C 9 -7.04 16.68 -0.77
C ALA C 9 -6.29 17.52 -1.78
N ILE C 10 -7.05 18.27 -2.58
CA ILE C 10 -6.48 19.20 -3.55
C ILE C 10 -6.62 20.61 -2.99
N PRO C 11 -5.49 21.23 -2.59
CA PRO C 11 -5.59 22.58 -2.02
C PRO C 11 -6.29 23.58 -2.95
N GLY C 12 -7.24 24.33 -2.40
CA GLY C 12 -7.93 25.36 -3.15
C GLY C 12 -8.99 24.82 -4.08
N GLU C 13 -9.21 23.51 -4.07
CA GLU C 13 -10.24 22.93 -4.92
C GLU C 13 -11.62 23.45 -4.52
N PRO C 14 -12.35 24.08 -5.47
CA PRO C 14 -13.69 24.57 -5.12
C PRO C 14 -14.59 23.47 -4.61
N GLY C 15 -15.23 23.71 -3.47
CA GLY C 15 -16.14 22.74 -2.89
C GLY C 15 -15.46 21.49 -2.35
N GLY C 16 -14.13 21.48 -2.37
CA GLY C 16 -13.36 20.31 -1.97
C GLY C 16 -13.67 19.82 -0.55
N GLU C 17 -13.84 20.76 0.37
CA GLU C 17 -14.05 20.41 1.78
C GLU C 17 -15.52 20.24 2.15
N LEU C 18 -16.43 20.55 1.23
CA LEU C 18 -17.85 20.45 1.53
C LEU C 18 -18.26 19.00 1.77
N THR C 19 -18.94 18.77 2.90
CA THR C 19 -19.48 17.45 3.21
C THR C 19 -20.78 17.24 2.44
N ALA C 20 -21.23 15.99 2.36
CA ALA C 20 -22.48 15.68 1.71
C ALA C 20 -23.63 16.44 2.37
N GLU C 21 -23.58 16.51 3.70
CA GLU C 21 -24.62 17.19 4.47
C GLU C 21 -24.69 18.68 4.11
N GLU C 22 -23.54 19.30 3.95
CA GLU C 22 -23.46 20.71 3.61
C GLU C 22 -23.98 20.98 2.19
N VAL C 23 -23.70 20.07 1.26
CA VAL C 23 -24.16 20.21 -0.11
C VAL C 23 -25.69 20.23 -0.14
N PHE C 24 -26.29 19.27 0.56
CA PHE C 24 -27.74 19.11 0.53
C PHE C 24 -28.43 20.16 1.41
N ALA C 25 -27.68 20.78 2.31
CA ALA C 25 -28.23 21.85 3.15
C ALA C 25 -28.25 23.20 2.42
N SER C 26 -27.41 23.35 1.41
CA SER C 26 -27.32 24.61 0.69
C SER C 26 -28.53 24.88 -0.19
N LYS C 27 -29.10 26.07 -0.06
CA LYS C 27 -30.24 26.49 -0.86
C LYS C 27 -29.86 26.66 -2.32
N ASP C 28 -28.56 26.80 -2.58
CA ASP C 28 -28.08 27.01 -3.94
C ASP C 28 -27.81 25.70 -4.68
N THR C 29 -27.99 24.57 -3.99
CA THR C 29 -27.82 23.26 -4.61
C THR C 29 -29.03 22.90 -5.45
N ALA C 30 -28.81 22.71 -6.74
CA ALA C 30 -29.85 22.30 -7.67
C ALA C 30 -29.24 21.42 -8.74
N PHE C 31 -30.08 20.66 -9.42
CA PHE C 31 -29.62 19.78 -10.50
C PHE C 31 -30.19 20.27 -11.83
N PRO C 32 -29.57 19.85 -12.94
CA PRO C 32 -30.02 20.31 -14.27
C PRO C 32 -31.50 20.02 -14.52
N GLU C 33 -32.16 20.89 -15.27
CA GLU C 33 -33.55 20.65 -15.65
C GLU C 33 -33.65 19.33 -16.40
N GLY C 34 -34.64 18.53 -16.04
CA GLY C 34 -34.88 17.27 -16.72
C GLY C 34 -33.93 16.16 -16.35
N PHE C 35 -33.18 16.35 -15.28
CA PHE C 35 -32.24 15.34 -14.79
C PHE C 35 -32.95 14.01 -14.56
N LEU C 36 -32.40 12.94 -15.10
CA LEU C 36 -33.04 11.62 -15.01
C LEU C 36 -32.57 10.85 -13.79
N TRP C 37 -33.31 11.00 -12.69
CA TRP C 37 -33.11 10.17 -11.51
C TRP C 37 -33.68 8.78 -11.74
N GLY C 38 -32.86 7.75 -11.66
CA GLY C 38 -33.35 6.40 -11.88
C GLY C 38 -32.69 5.32 -11.06
N ALA C 39 -33.01 4.09 -11.43
CA ALA C 39 -32.37 2.90 -10.90
C ALA C 39 -32.15 1.95 -12.07
N ALA C 40 -31.18 1.07 -11.90
CA ALA C 40 -30.77 0.13 -12.94
C ALA C 40 -30.88 -1.32 -12.49
N THR C 41 -31.14 -2.19 -13.46
CA THR C 41 -31.12 -3.63 -13.29
C THR C 41 -30.55 -4.26 -14.57
N ALA C 42 -30.41 -5.58 -14.56
CA ALA C 42 -30.09 -6.34 -15.75
C ALA C 42 -30.96 -7.58 -15.80
N ALA C 43 -31.27 -8.04 -17.01
CA ALA C 43 -32.25 -9.11 -17.23
C ALA C 43 -31.92 -10.39 -16.47
N TYR C 44 -30.69 -10.90 -16.61
CA TYR C 44 -30.38 -12.19 -16.00
C TYR C 44 -30.42 -12.09 -14.47
N GLN C 45 -30.13 -10.91 -13.95
CA GLN C 45 -30.07 -10.75 -12.51
C GLN C 45 -31.45 -10.70 -11.82
N ILE C 46 -32.51 -10.33 -12.56
CA ILE C 46 -33.82 -10.18 -11.94
C ILE C 46 -34.99 -10.96 -12.55
N GLU C 47 -34.92 -11.32 -13.83
CA GLU C 47 -36.10 -11.78 -14.55
C GLU C 47 -36.63 -13.15 -14.14
N GLY C 48 -35.72 -14.12 -13.98
CA GLY C 48 -36.14 -15.49 -13.86
C GLY C 48 -36.80 -15.95 -15.15
N ALA C 49 -37.73 -16.89 -15.03
CA ALA C 49 -38.39 -17.46 -16.21
C ALA C 49 -37.35 -17.81 -17.26
N ALA C 50 -36.26 -18.42 -16.81
CA ALA C 50 -35.07 -18.58 -17.66
C ALA C 50 -35.33 -19.51 -18.84
N ALA C 51 -36.20 -20.49 -18.63
CA ALA C 51 -36.51 -21.47 -19.67
C ALA C 51 -38.01 -21.49 -19.96
N GLU C 52 -38.65 -20.34 -19.79
CA GLU C 52 -40.08 -20.24 -20.05
C GLU C 52 -40.35 -19.36 -21.27
N ASP C 53 -41.50 -19.56 -21.88
CA ASP C 53 -41.97 -18.72 -22.97
C ASP C 53 -40.92 -18.52 -24.05
N GLY C 54 -40.23 -19.60 -24.40
CA GLY C 54 -39.37 -19.62 -25.56
C GLY C 54 -37.95 -19.10 -25.36
N ARG C 55 -37.61 -18.64 -24.17
CA ARG C 55 -36.25 -18.11 -23.96
C ARG C 55 -35.20 -19.21 -24.15
N GLY C 56 -34.19 -18.90 -24.95
CA GLY C 56 -33.05 -19.78 -25.11
C GLY C 56 -32.00 -19.50 -24.05
N PRO C 57 -31.13 -20.48 -23.79
CA PRO C 57 -30.12 -20.26 -22.75
C PRO C 57 -29.07 -19.24 -23.14
N SER C 58 -28.62 -18.47 -22.14
CA SER C 58 -27.44 -17.62 -22.28
C SER C 58 -26.24 -18.35 -21.71
N MET C 59 -25.04 -17.81 -21.93
CA MET C 59 -23.85 -18.42 -21.40
C MET C 59 -23.84 -18.37 -19.87
N TRP C 60 -24.66 -17.51 -19.26
CA TRP C 60 -24.77 -17.49 -17.80
C TRP C 60 -25.67 -18.60 -17.28
N ASP C 61 -26.64 -19.03 -18.07
CA ASP C 61 -27.40 -20.22 -17.75
C ASP C 61 -26.44 -21.42 -17.72
N THR C 62 -25.60 -21.52 -18.74
CA THR C 62 -24.63 -22.59 -18.85
C THR C 62 -23.64 -22.58 -17.69
N PHE C 63 -23.07 -21.40 -17.46
CA PHE C 63 -22.05 -21.18 -16.43
C PHE C 63 -22.56 -21.56 -15.04
N SER C 64 -23.78 -21.12 -14.73
N SER C 64 -23.78 -21.14 -14.72
CA SER C 64 -24.36 -21.31 -13.40
CA SER C 64 -24.30 -21.33 -13.37
C SER C 64 -24.68 -22.78 -13.11
C SER C 64 -24.74 -22.76 -13.12
N LYS C 65 -24.77 -23.59 -14.16
CA LYS C 65 -25.04 -25.02 -14.01
C LYS C 65 -23.78 -25.81 -13.68
N ILE C 66 -22.62 -25.18 -13.83
CA ILE C 66 -21.35 -25.84 -13.56
C ILE C 66 -21.00 -25.75 -12.07
N PRO C 67 -20.77 -26.89 -11.41
CA PRO C 67 -20.40 -26.85 -10.00
C PRO C 67 -19.18 -25.97 -9.71
N GLY C 68 -19.29 -25.12 -8.68
CA GLY C 68 -18.15 -24.34 -8.23
C GLY C 68 -18.07 -22.93 -8.77
N LYS C 69 -18.84 -22.61 -9.81
CA LYS C 69 -18.75 -21.30 -10.44
C LYS C 69 -19.48 -20.19 -9.68
N ILE C 70 -20.64 -20.51 -9.10
CA ILE C 70 -21.43 -19.53 -8.37
C ILE C 70 -21.46 -19.88 -6.89
N ASP C 71 -21.23 -18.88 -6.05
CA ASP C 71 -21.32 -19.06 -4.60
C ASP C 71 -22.67 -19.68 -4.25
N ASN C 72 -22.61 -20.69 -3.37
CA ASN C 72 -23.78 -21.39 -2.86
C ASN C 72 -24.56 -22.18 -3.92
N GLY C 73 -24.01 -22.30 -5.12
CA GLY C 73 -24.68 -23.03 -6.17
C GLY C 73 -25.89 -22.28 -6.71
N ASP C 74 -25.95 -20.96 -6.52
CA ASP C 74 -27.08 -20.17 -6.98
C ASP C 74 -27.12 -20.09 -8.51
N THR C 75 -28.31 -19.85 -9.06
CA THR C 75 -28.49 -19.61 -10.49
C THR C 75 -29.50 -18.48 -10.69
N GLY C 76 -29.61 -18.01 -11.93
CA GLY C 76 -30.64 -17.05 -12.29
C GLY C 76 -31.95 -17.66 -12.78
N ASP C 77 -32.21 -18.93 -12.49
CA ASP C 77 -33.43 -19.58 -12.97
C ASP C 77 -34.72 -18.83 -12.58
N VAL C 78 -34.77 -18.35 -11.35
CA VAL C 78 -35.95 -17.67 -10.81
C VAL C 78 -35.64 -16.21 -10.44
N ALA C 79 -34.51 -15.98 -9.78
CA ALA C 79 -34.08 -14.64 -9.41
C ALA C 79 -35.20 -13.89 -8.69
N CYS C 80 -35.56 -12.69 -9.15
CA CYS C 80 -36.64 -11.91 -8.55
C CYS C 80 -37.99 -12.16 -9.20
N ASP C 81 -38.04 -13.12 -10.12
CA ASP C 81 -39.27 -13.43 -10.85
C ASP C 81 -39.87 -12.16 -11.47
N HIS C 82 -39.01 -11.24 -11.91
CA HIS C 82 -39.46 -9.96 -12.47
C HIS C 82 -40.21 -10.16 -13.79
N TYR C 83 -39.89 -11.22 -14.51
CA TYR C 83 -40.60 -11.51 -15.75
C TYR C 83 -42.12 -11.59 -15.52
N HIS C 84 -42.51 -12.19 -14.40
CA HIS C 84 -43.91 -12.32 -14.06
C HIS C 84 -44.43 -11.14 -13.24
N ARG C 85 -43.56 -10.48 -12.50
CA ARG C 85 -43.98 -9.49 -11.52
C ARG C 85 -43.69 -8.05 -11.96
N TYR C 86 -43.44 -7.85 -13.26
CA TYR C 86 -42.94 -6.55 -13.72
C TYR C 86 -43.92 -5.40 -13.47
N LYS C 87 -45.22 -5.65 -13.54
CA LYS C 87 -46.19 -4.58 -13.31
C LYS C 87 -46.09 -4.03 -11.89
N GLU C 88 -45.93 -4.93 -10.93
CA GLU C 88 -45.77 -4.57 -9.53
C GLU C 88 -44.49 -3.77 -9.32
N ASP C 89 -43.42 -4.21 -9.97
CA ASP C 89 -42.14 -3.54 -9.82
C ASP C 89 -42.18 -2.13 -10.44
N VAL C 90 -42.89 -1.97 -11.56
CA VAL C 90 -43.02 -0.64 -12.17
C VAL C 90 -43.83 0.28 -11.26
N LYS C 91 -44.90 -0.24 -10.68
CA LYS C 91 -45.70 0.57 -9.77
C LYS C 91 -44.88 0.99 -8.56
N LEU C 92 -44.05 0.07 -8.08
CA LEU C 92 -43.14 0.35 -6.97
C LEU C 92 -42.19 1.50 -7.35
N MET C 93 -41.65 1.46 -8.56
CA MET C 93 -40.74 2.51 -9.01
C MET C 93 -41.42 3.85 -9.10
N LYS C 94 -42.66 3.84 -9.55
CA LYS C 94 -43.44 5.07 -9.62
C LYS C 94 -43.61 5.67 -8.21
N GLY C 95 -43.92 4.83 -7.24
CA GLY C 95 -44.06 5.28 -5.86
C GLY C 95 -42.77 5.85 -5.28
N MET C 96 -41.64 5.33 -5.73
CA MET C 96 -40.33 5.81 -5.29
C MET C 96 -39.97 7.14 -5.94
N GLY C 97 -40.77 7.54 -6.92
CA GLY C 97 -40.56 8.77 -7.66
C GLY C 97 -39.45 8.75 -8.69
N LEU C 98 -39.07 7.55 -9.15
CA LEU C 98 -38.07 7.43 -10.22
C LEU C 98 -38.57 8.10 -11.49
N LYS C 99 -37.69 8.89 -12.11
CA LYS C 99 -37.98 9.52 -13.39
C LYS C 99 -37.66 8.59 -14.55
N SER C 100 -36.78 7.63 -14.31
CA SER C 100 -36.29 6.79 -15.38
C SER C 100 -35.86 5.43 -14.81
N TYR C 101 -35.83 4.43 -15.68
CA TYR C 101 -35.45 3.06 -15.32
C TYR C 101 -34.54 2.53 -16.40
N ARG C 102 -33.42 1.97 -15.99
CA ARG C 102 -32.46 1.36 -16.91
C ARG C 102 -32.55 -0.15 -16.75
N PHE C 103 -32.98 -0.84 -17.80
CA PHE C 103 -33.05 -2.29 -17.81
C PHE C 103 -32.34 -2.82 -19.04
N SER C 104 -32.03 -4.11 -19.03
CA SER C 104 -31.47 -4.74 -20.20
C SER C 104 -32.45 -5.73 -20.80
N VAL C 105 -32.23 -5.99 -22.09
CA VAL C 105 -32.97 -6.97 -22.84
C VAL C 105 -32.15 -8.25 -22.87
N SER C 106 -32.78 -9.37 -22.51
CA SER C 106 -32.16 -10.67 -22.68
C SER C 106 -32.16 -11.05 -24.16
N TRP C 107 -30.99 -10.95 -24.77
CA TRP C 107 -30.81 -11.29 -26.18
C TRP C 107 -31.46 -12.64 -26.51
N SER C 108 -31.21 -13.64 -25.66
CA SER C 108 -31.69 -14.98 -25.99
C SER C 108 -33.17 -15.17 -25.62
N ARG C 109 -33.77 -14.21 -24.93
CA ARG C 109 -35.22 -14.26 -24.75
C ARG C 109 -35.91 -13.79 -26.03
N VAL C 110 -35.25 -12.90 -26.78
CA VAL C 110 -35.83 -12.38 -28.01
C VAL C 110 -35.41 -13.21 -29.22
N LEU C 111 -34.14 -13.58 -29.26
CA LEU C 111 -33.58 -14.42 -30.32
C LEU C 111 -32.87 -15.61 -29.68
N PRO C 112 -33.61 -16.71 -29.45
CA PRO C 112 -33.07 -17.82 -28.67
C PRO C 112 -31.70 -18.34 -29.14
N GLU C 113 -31.48 -18.39 -30.45
CA GLU C 113 -30.20 -18.86 -30.99
C GLU C 113 -29.21 -17.71 -31.24
N GLY C 114 -29.63 -16.48 -30.96
CA GLY C 114 -28.79 -15.31 -31.15
C GLY C 114 -29.00 -14.61 -32.49
N THR C 115 -29.43 -15.38 -33.47
CA THR C 115 -29.78 -14.87 -34.79
C THR C 115 -31.07 -15.54 -35.21
N GLY C 116 -31.73 -15.04 -36.23
CA GLY C 116 -32.92 -15.69 -36.69
C GLY C 116 -34.25 -15.15 -36.30
N ALA C 117 -35.18 -16.03 -36.08
CA ALA C 117 -36.54 -15.65 -35.86
C ALA C 117 -36.75 -15.09 -34.45
N ILE C 118 -37.62 -14.12 -34.39
CA ILE C 118 -37.99 -13.50 -33.15
C ILE C 118 -38.87 -14.48 -32.35
N ASN C 119 -38.57 -14.62 -31.07
CA ASN C 119 -39.43 -15.33 -30.12
C ASN C 119 -40.53 -14.38 -29.68
N PRO C 120 -41.77 -14.60 -30.16
CA PRO C 120 -42.85 -13.63 -29.95
C PRO C 120 -43.09 -13.25 -28.51
N LYS C 121 -43.14 -14.23 -27.61
CA LYS C 121 -43.47 -13.94 -26.21
C LYS C 121 -42.36 -13.13 -25.55
N GLY C 122 -41.13 -13.36 -26.01
CA GLY C 122 -39.97 -12.62 -25.52
C GLY C 122 -40.04 -11.15 -25.91
N MET C 123 -40.27 -10.90 -27.19
CA MET C 123 -40.41 -9.52 -27.66
C MET C 123 -41.58 -8.86 -26.97
N GLU C 124 -42.68 -9.59 -26.83
CA GLU C 124 -43.88 -9.07 -26.20
C GLU C 124 -43.64 -8.61 -24.76
N PHE C 125 -42.83 -9.36 -24.01
CA PHE C 125 -42.50 -8.95 -22.65
C PHE C 125 -41.86 -7.57 -22.62
N TYR C 126 -40.88 -7.33 -23.48
CA TYR C 126 -40.19 -6.06 -23.44
C TYR C 126 -41.08 -4.93 -23.97
N GLN C 127 -41.97 -5.24 -24.89
CA GLN C 127 -42.97 -4.28 -25.32
C GLN C 127 -43.91 -3.91 -24.16
N ASN C 128 -44.38 -4.92 -23.43
CA ASN C 128 -45.24 -4.69 -22.27
C ASN C 128 -44.57 -3.90 -21.17
N LEU C 129 -43.32 -4.22 -20.89
CA LEU C 129 -42.54 -3.53 -19.86
C LEU C 129 -42.35 -2.06 -20.25
N THR C 130 -41.97 -1.83 -21.51
CA THR C 130 -41.78 -0.47 -22.02
C THR C 130 -43.09 0.32 -21.91
N ASN C 131 -44.21 -0.27 -22.31
CA ASN C 131 -45.49 0.43 -22.23
C ASN C 131 -45.89 0.70 -20.78
N GLU C 132 -45.59 -0.24 -19.89
CA GLU C 132 -45.97 -0.11 -18.49
C GLU C 132 -45.20 1.04 -17.85
N LEU C 133 -43.91 1.16 -18.19
CA LEU C 133 -43.10 2.24 -17.67
C LEU C 133 -43.66 3.60 -18.11
N ILE C 134 -43.94 3.73 -19.41
CA ILE C 134 -44.45 4.98 -19.95
C ILE C 134 -45.83 5.31 -19.35
N ALA C 135 -46.66 4.28 -19.15
CA ALA C 135 -47.99 4.45 -18.57
C ALA C 135 -47.92 4.93 -17.11
N ASN C 136 -46.76 4.69 -16.47
CA ASN C 136 -46.55 5.09 -15.08
C ASN C 136 -45.60 6.29 -14.95
N GLY C 137 -45.35 6.98 -16.07
CA GLY C 137 -44.63 8.24 -16.07
C GLY C 137 -43.13 8.14 -15.95
N ILE C 138 -42.60 6.96 -16.24
CA ILE C 138 -41.18 6.67 -16.12
C ILE C 138 -40.53 6.52 -17.49
N VAL C 139 -39.40 7.20 -17.69
CA VAL C 139 -38.66 7.12 -18.95
C VAL C 139 -37.88 5.81 -19.07
N PRO C 140 -38.24 4.95 -20.05
CA PRO C 140 -37.52 3.69 -20.24
C PRO C 140 -36.20 3.89 -20.98
N THR C 141 -35.13 3.29 -20.47
CA THR C 141 -33.82 3.30 -21.14
C THR C 141 -33.32 1.86 -21.13
N VAL C 142 -32.67 1.46 -22.21
CA VAL C 142 -32.44 0.05 -22.49
C VAL C 142 -30.98 -0.27 -22.81
N THR C 143 -30.44 -1.22 -22.07
CA THR C 143 -29.16 -1.81 -22.36
C THR C 143 -29.35 -3.02 -23.28
N LEU C 144 -28.74 -3.00 -24.46
CA LEU C 144 -28.89 -4.12 -25.38
C LEU C 144 -28.13 -5.36 -24.88
N TYR C 145 -26.88 -5.18 -24.42
CA TYR C 145 -26.08 -6.30 -23.95
C TYR C 145 -25.60 -6.11 -22.52
N HIS C 146 -26.14 -6.90 -21.60
CA HIS C 146 -25.70 -6.91 -20.22
C HIS C 146 -25.32 -8.34 -19.81
N TRP C 147 -24.39 -8.89 -20.60
CA TRP C 147 -23.56 -10.07 -20.28
C TRP C 147 -24.20 -11.42 -20.58
N ASP C 148 -25.48 -11.43 -20.94
CA ASP C 148 -26.19 -12.69 -21.19
C ASP C 148 -26.14 -13.09 -22.66
N LEU C 149 -24.93 -13.27 -23.18
CA LEU C 149 -24.74 -13.72 -24.55
C LEU C 149 -25.45 -15.05 -24.78
N PRO C 150 -26.21 -15.17 -25.88
CA PRO C 150 -26.83 -16.47 -26.18
C PRO C 150 -25.81 -17.60 -26.20
N GLU C 151 -26.16 -18.73 -25.59
CA GLU C 151 -25.25 -19.86 -25.52
C GLU C 151 -24.83 -20.31 -26.92
N ALA C 152 -25.74 -20.21 -27.90
CA ALA C 152 -25.43 -20.64 -29.26
C ALA C 152 -24.24 -19.86 -29.82
N LEU C 153 -24.14 -18.58 -29.50
CA LEU C 153 -23.03 -17.76 -29.96
C LEU C 153 -21.77 -18.01 -29.13
N SER C 154 -21.96 -18.24 -27.84
CA SER C 154 -20.84 -18.52 -26.94
C SER C 154 -20.12 -19.79 -27.37
N LYS C 155 -20.87 -20.80 -27.80
CA LYS C 155 -20.29 -22.06 -28.26
C LYS C 155 -19.38 -21.85 -29.47
N ASN C 156 -19.69 -20.82 -30.25
CA ASN C 156 -18.92 -20.50 -31.46
C ASN C 156 -17.84 -19.47 -31.19
N GLY C 157 -17.48 -19.30 -29.92
CA GLY C 157 -16.34 -18.47 -29.54
C GLY C 157 -16.70 -17.19 -28.81
N GLY C 158 -17.99 -16.84 -28.81
CA GLY C 158 -18.46 -15.64 -28.14
C GLY C 158 -17.69 -14.41 -28.59
N TRP C 159 -17.23 -13.60 -27.63
CA TRP C 159 -16.58 -12.33 -27.97
C TRP C 159 -15.13 -12.50 -28.43
N LEU C 160 -14.67 -13.73 -28.57
CA LEU C 160 -13.40 -13.98 -29.24
C LEU C 160 -13.60 -14.18 -30.74
N ASN C 161 -14.86 -14.21 -31.15
CA ASN C 161 -15.24 -14.39 -32.56
C ASN C 161 -15.98 -13.16 -33.09
N GLU C 162 -15.46 -12.57 -34.16
CA GLU C 162 -16.06 -11.35 -34.72
C GLU C 162 -17.49 -11.59 -35.21
N ASP C 163 -17.85 -12.84 -35.50
CA ASP C 163 -19.22 -13.16 -35.89
C ASP C 163 -20.21 -12.69 -34.82
N THR C 164 -19.77 -12.66 -33.57
CA THR C 164 -20.63 -12.23 -32.47
C THR C 164 -20.94 -10.74 -32.59
N ALA C 165 -19.97 -9.95 -33.03
CA ALA C 165 -20.20 -8.53 -33.25
C ALA C 165 -21.25 -8.32 -34.34
N VAL C 166 -21.15 -9.10 -35.41
CA VAL C 166 -22.10 -9.00 -36.51
C VAL C 166 -23.51 -9.35 -36.05
N ALA C 167 -23.62 -10.44 -35.30
CA ALA C 167 -24.91 -10.87 -34.77
C ALA C 167 -25.48 -9.82 -33.83
N PHE C 168 -24.61 -9.18 -33.05
CA PHE C 168 -25.08 -8.16 -32.11
C PHE C 168 -25.72 -6.97 -32.83
N GLY C 169 -25.11 -6.53 -33.92
CA GLY C 169 -25.65 -5.45 -34.73
C GLY C 169 -27.04 -5.78 -35.26
N GLN C 170 -27.19 -7.03 -35.71
CA GLN C 170 -28.47 -7.48 -36.25
C GLN C 170 -29.54 -7.57 -35.17
N TYR C 171 -29.13 -7.96 -33.97
CA TYR C 171 -30.01 -8.03 -32.81
C TYR C 171 -30.45 -6.62 -32.39
N ALA C 172 -29.50 -5.68 -32.39
CA ALA C 172 -29.81 -4.29 -32.08
C ALA C 172 -30.86 -3.75 -33.04
N ASP C 173 -30.68 -4.07 -34.32
CA ASP C 173 -31.62 -3.70 -35.39
C ASP C 173 -33.05 -4.10 -35.05
N VAL C 174 -33.23 -5.35 -34.66
CA VAL C 174 -34.54 -5.85 -34.28
C VAL C 174 -35.14 -5.06 -33.11
N MET C 175 -34.33 -4.74 -32.09
CA MET C 175 -34.86 -4.05 -30.92
C MET C 175 -35.22 -2.59 -31.21
N PHE C 176 -34.40 -1.92 -32.02
CA PHE C 176 -34.69 -0.55 -32.45
C PHE C 176 -36.03 -0.49 -33.17
N GLN C 177 -36.23 -1.44 -34.07
CA GLN C 177 -37.45 -1.45 -34.86
C GLN C 177 -38.68 -1.64 -33.99
N ALA C 178 -38.57 -2.51 -32.98
CA ALA C 178 -39.71 -2.89 -32.15
C ALA C 178 -40.06 -1.85 -31.07
N LEU C 179 -39.03 -1.28 -30.43
CA LEU C 179 -39.22 -0.44 -29.24
C LEU C 179 -38.84 1.02 -29.41
N GLY C 180 -38.16 1.34 -30.50
CA GLY C 180 -37.53 2.64 -30.66
C GLY C 180 -38.51 3.80 -30.84
N ASP C 181 -39.77 3.47 -31.09
CA ASP C 181 -40.82 4.47 -31.13
C ASP C 181 -41.08 5.01 -29.71
N ARG C 182 -40.68 4.23 -28.71
CA ARG C 182 -40.91 4.56 -27.31
C ARG C 182 -39.62 4.78 -26.53
N VAL C 183 -38.62 3.94 -26.79
CA VAL C 183 -37.32 4.04 -26.15
C VAL C 183 -36.44 5.02 -26.90
N LYS C 184 -35.94 6.05 -26.20
CA LYS C 184 -35.15 7.10 -26.86
C LYS C 184 -33.74 7.21 -26.30
N LEU C 185 -33.38 6.31 -25.38
CA LEU C 185 -32.02 6.25 -24.86
C LEU C 185 -31.58 4.79 -24.81
N TRP C 186 -30.54 4.49 -25.58
CA TRP C 186 -30.04 3.13 -25.76
C TRP C 186 -28.60 3.02 -25.27
N PHE C 187 -28.32 1.97 -24.50
CA PHE C 187 -26.96 1.59 -24.12
C PHE C 187 -26.58 0.31 -24.88
N THR C 188 -25.46 0.33 -25.57
CA THR C 188 -25.07 -0.80 -26.39
C THR C 188 -24.59 -1.97 -25.55
N LEU C 189 -23.42 -1.84 -24.95
CA LEU C 189 -22.87 -2.87 -24.09
C LEU C 189 -22.60 -2.32 -22.70
N ASN C 190 -22.90 -3.13 -21.70
CA ASN C 190 -22.60 -2.82 -20.30
C ASN C 190 -21.21 -3.33 -19.91
N GLU C 191 -20.36 -2.44 -19.44
CA GLU C 191 -19.04 -2.82 -18.90
C GLU C 191 -18.28 -3.85 -19.73
N PRO C 192 -17.90 -3.49 -20.95
CA PRO C 192 -17.08 -4.40 -21.73
C PRO C 192 -15.75 -4.75 -21.03
N TRP C 193 -15.26 -3.91 -20.13
CA TRP C 193 -14.07 -4.23 -19.35
C TRP C 193 -14.26 -5.54 -18.59
N THR C 194 -15.41 -5.65 -17.92
CA THR C 194 -15.67 -6.79 -17.03
C THR C 194 -15.90 -8.06 -17.84
N THR C 195 -16.67 -7.95 -18.91
CA THR C 195 -16.83 -9.09 -19.80
C THR C 195 -15.45 -9.61 -20.24
N ALA C 196 -14.58 -8.70 -20.67
CA ALA C 196 -13.26 -9.08 -21.19
C ALA C 196 -12.36 -9.70 -20.13
N ILE C 197 -12.24 -9.02 -18.99
CA ILE C 197 -11.33 -9.44 -17.94
C ILE C 197 -11.91 -10.61 -17.15
N ALA C 198 -13.12 -10.45 -16.62
CA ALA C 198 -13.69 -11.48 -15.75
C ALA C 198 -14.18 -12.70 -16.53
N GLY C 199 -14.77 -12.46 -17.70
CA GLY C 199 -15.35 -13.54 -18.49
C GLY C 199 -14.35 -14.32 -19.32
N TYR C 200 -13.44 -13.62 -19.98
CA TYR C 200 -12.50 -14.25 -20.91
C TYR C 200 -11.08 -14.31 -20.41
N GLY C 201 -10.76 -13.55 -19.36
CA GLY C 201 -9.40 -13.48 -18.85
C GLY C 201 -9.15 -14.28 -17.59
N GLN C 202 -9.96 -14.01 -16.56
CA GLN C 202 -9.82 -14.63 -15.24
C GLN C 202 -10.73 -15.83 -15.07
N GLY C 203 -11.85 -15.82 -15.78
CA GLY C 203 -12.79 -16.93 -15.74
C GLY C 203 -13.76 -16.92 -14.57
N GLY C 204 -13.85 -15.80 -13.86
CA GLY C 204 -14.78 -15.70 -12.75
C GLY C 204 -16.22 -15.53 -13.21
N HIS C 205 -16.36 -14.99 -14.41
CA HIS C 205 -17.65 -14.78 -15.06
C HIS C 205 -17.76 -15.67 -16.29
N ALA C 206 -18.99 -15.89 -16.75
CA ALA C 206 -19.19 -16.60 -18.00
C ALA C 206 -18.47 -15.87 -19.13
N PRO C 207 -17.85 -16.62 -20.06
CA PRO C 207 -17.85 -18.08 -20.22
C PRO C 207 -16.82 -18.86 -19.39
N GLY C 208 -16.07 -18.17 -18.53
CA GLY C 208 -15.16 -18.84 -17.62
C GLY C 208 -13.80 -19.22 -18.20
N LEU C 209 -13.38 -18.49 -19.23
CA LEU C 209 -12.12 -18.79 -19.89
C LEU C 209 -10.97 -18.11 -19.17
N LYS C 210 -9.77 -18.67 -19.32
CA LYS C 210 -8.62 -18.23 -18.55
C LYS C 210 -7.42 -17.98 -19.45
N ASN C 211 -7.14 -16.70 -19.65
CA ASN C 211 -5.99 -16.24 -20.41
C ASN C 211 -5.91 -14.73 -20.27
N MET C 212 -4.88 -14.23 -19.61
CA MET C 212 -4.78 -12.79 -19.34
C MET C 212 -3.85 -12.07 -20.32
N ALA C 213 -3.12 -12.84 -21.12
CA ALA C 213 -2.18 -12.25 -22.07
C ALA C 213 -2.90 -11.64 -23.28
N GLU C 214 -3.87 -12.37 -23.82
CA GLU C 214 -4.49 -12.01 -25.10
C GLU C 214 -6.01 -11.90 -25.08
N ASN C 215 -6.69 -12.79 -24.36
CA ASN C 215 -8.15 -12.81 -24.38
C ASN C 215 -8.82 -11.48 -24.00
N PRO C 216 -8.31 -10.78 -22.97
CA PRO C 216 -9.03 -9.56 -22.60
C PRO C 216 -9.05 -8.55 -23.74
N TYR C 217 -7.92 -8.42 -24.43
CA TYR C 217 -7.82 -7.48 -25.54
C TYR C 217 -8.67 -7.92 -26.73
N MET C 218 -8.72 -9.22 -26.99
CA MET C 218 -9.51 -9.72 -28.11
C MET C 218 -11.00 -9.56 -27.82
N ALA C 219 -11.40 -9.89 -26.60
CA ALA C 219 -12.82 -9.76 -26.21
C ALA C 219 -13.24 -8.29 -26.21
N GLY C 220 -12.35 -7.42 -25.76
CA GLY C 220 -12.61 -5.99 -25.80
C GLY C 220 -12.78 -5.49 -27.23
N HIS C 221 -11.93 -5.99 -28.11
CA HIS C 221 -11.93 -5.63 -29.53
C HIS C 221 -13.27 -5.92 -30.20
N ASN C 222 -13.75 -7.15 -30.06
CA ASN C 222 -14.96 -7.57 -30.73
C ASN C 222 -16.21 -6.92 -30.10
N GLN C 223 -16.15 -6.61 -28.81
CA GLN C 223 -17.20 -5.83 -28.20
C GLN C 223 -17.27 -4.44 -28.81
N LEU C 224 -16.11 -3.83 -29.07
CA LEU C 224 -16.09 -2.52 -29.71
C LEU C 224 -16.66 -2.59 -31.12
N LEU C 225 -16.33 -3.64 -31.87
CA LEU C 225 -16.90 -3.82 -33.20
C LEU C 225 -18.42 -4.00 -33.09
N GLY C 226 -18.86 -4.72 -32.05
CA GLY C 226 -20.28 -4.90 -31.79
C GLY C 226 -20.95 -3.56 -31.52
N HIS C 227 -20.36 -2.76 -30.64
CA HIS C 227 -20.84 -1.41 -30.37
C HIS C 227 -20.98 -0.61 -31.67
N ALA C 228 -19.91 -0.60 -32.47
CA ALA C 228 -19.91 0.18 -33.71
C ALA C 228 -21.00 -0.28 -34.67
N ALA C 229 -21.22 -1.58 -34.74
CA ALA C 229 -22.24 -2.14 -35.63
C ALA C 229 -23.64 -1.68 -35.21
N ALA C 230 -23.92 -1.72 -33.92
CA ALA C 230 -25.22 -1.34 -33.40
C ALA C 230 -25.48 0.15 -33.62
N VAL C 231 -24.48 0.98 -33.37
CA VAL C 231 -24.65 2.41 -33.54
C VAL C 231 -24.83 2.74 -35.03
N LYS C 232 -24.10 2.04 -35.90
CA LYS C 232 -24.21 2.26 -37.34
C LYS C 232 -25.64 1.98 -37.81
N VAL C 233 -26.18 0.85 -37.37
CA VAL C 233 -27.57 0.50 -37.65
C VAL C 233 -28.52 1.57 -37.12
N TYR C 234 -28.31 2.01 -35.89
CA TYR C 234 -29.20 2.98 -35.28
C TYR C 234 -29.19 4.28 -36.09
N ARG C 235 -28.01 4.79 -36.37
CA ARG C 235 -27.90 6.07 -37.07
C ARG C 235 -28.48 6.00 -38.48
N GLU C 236 -28.25 4.88 -39.17
CA GLU C 236 -28.61 4.78 -40.58
C GLU C 236 -30.09 4.48 -40.82
N LYS C 237 -30.72 3.76 -39.88
CA LYS C 237 -32.09 3.27 -40.10
C LYS C 237 -33.14 3.85 -39.17
N TYR C 238 -32.75 4.33 -37.99
CA TYR C 238 -33.73 4.66 -36.95
C TYR C 238 -33.62 6.06 -36.34
N GLN C 239 -32.41 6.61 -36.26
CA GLN C 239 -32.20 7.80 -35.46
C GLN C 239 -32.96 9.02 -35.99
N GLU C 240 -32.98 9.18 -37.31
CA GLU C 240 -33.68 10.30 -37.90
C GLU C 240 -35.17 10.20 -37.57
N LYS C 241 -35.71 9.01 -37.76
CA LYS C 241 -37.13 8.80 -37.55
C LYS C 241 -37.51 8.87 -36.06
N GLN C 242 -36.73 8.20 -35.22
CA GLN C 242 -37.11 8.01 -33.82
C GLN C 242 -36.63 9.11 -32.88
N GLY C 243 -35.54 9.76 -33.24
CA GLY C 243 -35.06 10.89 -32.46
C GLY C 243 -34.52 10.56 -31.07
N GLY C 244 -33.93 9.38 -30.94
CA GLY C 244 -33.30 8.97 -29.70
C GLY C 244 -31.80 9.11 -29.76
N LYS C 245 -31.13 8.67 -28.69
CA LYS C 245 -29.69 8.79 -28.56
C LYS C 245 -29.10 7.45 -28.13
N ILE C 246 -27.84 7.21 -28.47
CA ILE C 246 -27.22 5.92 -28.19
C ILE C 246 -25.78 6.10 -27.73
N GLY C 247 -25.33 5.20 -26.86
CA GLY C 247 -23.97 5.26 -26.36
C GLY C 247 -23.60 3.97 -25.66
N ALA C 248 -22.36 3.89 -25.19
CA ALA C 248 -21.89 2.72 -24.44
C ALA C 248 -21.94 2.98 -22.94
N VAL C 249 -21.92 1.90 -22.17
CA VAL C 249 -21.78 2.01 -20.72
C VAL C 249 -20.42 1.44 -20.34
N LEU C 250 -19.48 2.35 -20.06
CA LEU C 250 -18.13 1.97 -19.70
C LEU C 250 -17.99 2.06 -18.20
N SER C 251 -16.78 1.85 -17.69
CA SER C 251 -16.60 1.70 -16.26
C SER C 251 -15.15 1.84 -15.84
N THR C 252 -14.95 2.40 -14.66
CA THR C 252 -13.65 2.35 -13.99
C THR C 252 -13.77 2.91 -12.58
N GLU C 253 -12.91 2.43 -11.69
CA GLU C 253 -12.64 3.13 -10.44
C GLU C 253 -11.97 4.46 -10.76
N TRP C 254 -12.12 5.42 -9.86
CA TRP C 254 -11.21 6.55 -9.91
C TRP C 254 -9.83 6.01 -9.51
N LYS C 255 -8.80 6.54 -10.15
CA LYS C 255 -7.42 6.13 -9.90
C LYS C 255 -6.65 7.33 -9.35
N GLU C 256 -6.27 7.23 -8.09
CA GLU C 256 -5.63 8.33 -7.38
C GLU C 256 -4.18 7.98 -7.07
N PRO C 257 -3.24 8.91 -7.29
CA PRO C 257 -1.85 8.59 -6.92
C PRO C 257 -1.68 8.33 -5.43
N LEU C 258 -0.95 7.28 -5.08
CA LEU C 258 -0.70 6.97 -3.69
C LEU C 258 0.13 8.08 -3.04
N CYS C 259 1.20 8.48 -3.72
CA CYS C 259 2.10 9.53 -3.24
C CYS C 259 2.13 10.70 -4.20
N HIS C 260 2.63 11.84 -3.72
CA HIS C 260 2.76 13.04 -4.54
C HIS C 260 4.08 13.01 -5.30
N THR C 261 4.17 12.08 -6.24
CA THR C 261 5.32 11.94 -7.12
C THR C 261 4.82 11.85 -8.54
N GLN C 262 5.68 12.21 -9.49
CA GLN C 262 5.30 12.13 -10.89
C GLN C 262 5.12 10.67 -11.29
N GLU C 263 5.89 9.78 -10.65
CA GLU C 263 5.78 8.35 -10.93
C GLU C 263 4.38 7.81 -10.60
N ASP C 264 3.82 8.23 -9.48
CA ASP C 264 2.50 7.77 -9.07
C ASP C 264 1.39 8.46 -9.87
N LYS C 265 1.60 9.74 -10.19
CA LYS C 265 0.65 10.46 -11.03
C LYS C 265 0.55 9.79 -12.39
N ASP C 266 1.68 9.41 -12.95
CA ASP C 266 1.73 8.73 -14.24
C ASP C 266 1.05 7.35 -14.14
N ALA C 267 1.30 6.64 -13.04
CA ALA C 267 0.73 5.31 -12.87
C ALA C 267 -0.80 5.38 -12.76
N ALA C 268 -1.29 6.39 -12.06
CA ALA C 268 -2.74 6.59 -11.89
C ALA C 268 -3.40 6.93 -13.24
N GLU C 269 -2.81 7.86 -13.96
CA GLU C 269 -3.30 8.23 -15.30
C GLU C 269 -3.28 7.02 -16.21
N ARG C 270 -2.20 6.24 -16.14
CA ARG C 270 -2.05 5.05 -16.98
C ARG C 270 -3.17 4.04 -16.74
N SER C 271 -3.59 3.88 -15.49
CA SER C 271 -4.69 2.96 -15.18
C SER C 271 -6.02 3.47 -15.72
N LEU C 272 -6.25 4.77 -15.68
CA LEU C 272 -7.46 5.33 -16.30
C LEU C 272 -7.45 5.07 -17.80
N ILE C 273 -6.27 5.17 -18.40
CA ILE C 273 -6.14 4.89 -19.83
C ILE C 273 -6.47 3.41 -20.10
N TRP C 274 -5.88 2.51 -19.32
CA TRP C 274 -6.06 1.07 -19.58
C TRP C 274 -7.48 0.58 -19.28
N TYR C 275 -8.14 1.19 -18.30
CA TYR C 275 -9.49 0.77 -17.92
C TYR C 275 -10.54 1.40 -18.83
N LEU C 276 -10.45 2.71 -19.01
CA LEU C 276 -11.53 3.48 -19.64
C LEU C 276 -11.21 3.92 -21.06
N ALA C 277 -10.03 4.53 -21.27
CA ALA C 277 -9.68 5.01 -22.60
C ALA C 277 -9.52 3.86 -23.58
N TRP C 278 -9.20 2.68 -23.06
CA TRP C 278 -9.17 1.44 -23.83
C TRP C 278 -10.39 1.32 -24.74
N PHE C 279 -11.56 1.64 -24.20
CA PHE C 279 -12.81 1.61 -24.96
C PHE C 279 -13.24 3.00 -25.46
N ALA C 280 -13.02 4.02 -24.66
CA ALA C 280 -13.58 5.34 -24.98
C ALA C 280 -12.78 6.07 -26.08
N ASP C 281 -11.47 5.83 -26.16
CA ASP C 281 -10.69 6.47 -27.23
C ASP C 281 -11.15 5.92 -28.59
N PRO C 282 -11.34 4.59 -28.71
CA PRO C 282 -11.93 4.12 -29.97
C PRO C 282 -13.27 4.77 -30.31
N ILE C 283 -14.16 4.87 -29.33
CA ILE C 283 -15.50 5.38 -29.56
C ILE C 283 -15.51 6.88 -29.87
N TYR C 284 -14.58 7.64 -29.27
CA TYR C 284 -14.56 9.09 -29.45
C TYR C 284 -13.52 9.55 -30.45
N LYS C 285 -12.40 8.84 -30.55
CA LYS C 285 -11.27 9.28 -31.36
C LYS C 285 -10.99 8.34 -32.55
N GLY C 286 -11.51 7.12 -32.49
CA GLY C 286 -11.44 6.20 -33.61
C GLY C 286 -10.41 5.09 -33.51
N ASP C 287 -9.57 5.10 -32.49
CA ASP C 287 -8.53 4.09 -32.33
C ASP C 287 -8.14 3.91 -30.87
N TYR C 288 -7.45 2.82 -30.57
CA TYR C 288 -6.92 2.59 -29.23
C TYR C 288 -5.91 3.69 -28.86
N PRO C 289 -5.70 3.90 -27.55
CA PRO C 289 -4.60 4.79 -27.14
C PRO C 289 -3.27 4.29 -27.69
N GLU C 290 -2.47 5.19 -28.25
CA GLU C 290 -1.20 4.81 -28.84
C GLU C 290 -0.31 4.09 -27.80
N GLU C 291 -0.39 4.51 -26.55
CA GLU C 291 0.50 3.94 -25.54
C GLU C 291 0.11 2.49 -25.24
N MET C 292 -1.16 2.13 -25.42
CA MET C 292 -1.56 0.74 -25.28
C MET C 292 -1.00 -0.10 -26.43
N LYS C 293 -1.13 0.42 -27.65
CA LYS C 293 -0.63 -0.26 -28.84
C LYS C 293 0.88 -0.53 -28.74
N GLU C 294 1.63 0.45 -28.26
CA GLU C 294 3.08 0.28 -28.14
C GLU C 294 3.44 -0.70 -27.02
N ARG C 295 2.73 -0.61 -25.90
CA ARG C 295 3.00 -1.47 -24.75
C ARG C 295 2.61 -2.93 -25.01
N VAL C 296 1.43 -3.12 -25.59
CA VAL C 296 0.84 -4.46 -25.70
C VAL C 296 1.33 -5.17 -26.96
N GLY C 297 1.73 -4.41 -27.97
CA GLY C 297 2.35 -4.99 -29.16
C GLY C 297 1.47 -5.97 -29.90
N ASP C 298 2.01 -7.14 -30.22
CA ASP C 298 1.31 -8.11 -31.05
C ASP C 298 0.13 -8.77 -30.32
N ARG C 299 -0.01 -8.48 -29.02
CA ARG C 299 -1.14 -8.98 -28.25
C ARG C 299 -2.34 -8.04 -28.36
N MET C 300 -2.14 -6.91 -29.04
CA MET C 300 -3.21 -5.92 -29.23
C MET C 300 -3.77 -6.01 -30.64
N PRO C 301 -5.07 -6.34 -30.78
CA PRO C 301 -5.63 -6.37 -32.13
C PRO C 301 -5.68 -4.99 -32.77
N ALA C 302 -5.62 -4.92 -34.10
CA ALA C 302 -5.64 -3.65 -34.83
C ALA C 302 -6.94 -3.45 -35.61
N PHE C 303 -7.52 -2.25 -35.52
CA PHE C 303 -8.68 -1.90 -36.33
C PHE C 303 -8.28 -1.63 -37.78
N THR C 304 -9.15 -2.02 -38.71
CA THR C 304 -9.02 -1.62 -40.10
C THR C 304 -9.47 -0.18 -40.24
N GLU C 305 -9.17 0.47 -41.36
CA GLU C 305 -9.56 1.86 -41.56
C GLU C 305 -11.08 2.04 -41.54
N GLN C 306 -11.81 1.09 -42.12
CA GLN C 306 -13.26 1.15 -42.11
C GLN C 306 -13.80 1.05 -40.68
N GLN C 307 -13.17 0.18 -39.89
CA GLN C 307 -13.59 -0.01 -38.50
C GLN C 307 -13.31 1.24 -37.67
N LYS C 308 -12.20 1.92 -37.93
CA LYS C 308 -11.91 3.18 -37.27
C LYS C 308 -12.97 4.23 -37.60
N GLN C 309 -13.40 4.25 -38.86
CA GLN C 309 -14.45 5.17 -39.31
C GLN C 309 -15.77 4.85 -38.62
N ASP C 310 -16.09 3.57 -38.54
CA ASP C 310 -17.31 3.12 -37.87
C ASP C 310 -17.29 3.49 -36.38
N LEU C 311 -16.11 3.43 -35.77
CA LEU C 311 -16.00 3.66 -34.33
C LEU C 311 -15.97 5.14 -33.95
N LYS C 312 -15.24 5.96 -34.70
CA LYS C 312 -15.09 7.36 -34.34
C LYS C 312 -16.43 8.09 -34.33
N GLY C 313 -16.78 8.65 -33.17
CA GLY C 313 -18.00 9.42 -33.02
C GLY C 313 -19.22 8.55 -32.84
N SER C 314 -19.01 7.32 -32.36
CA SER C 314 -20.11 6.37 -32.26
C SER C 314 -20.79 6.41 -30.88
N ALA C 315 -20.87 7.59 -30.29
CA ALA C 315 -21.64 7.78 -29.05
C ALA C 315 -22.23 9.18 -28.96
N ASP C 316 -23.48 9.26 -28.54
CA ASP C 316 -24.17 10.54 -28.37
C ASP C 316 -24.01 11.04 -26.95
N PHE C 317 -23.61 10.14 -26.06
CA PHE C 317 -23.41 10.47 -24.66
C PHE C 317 -22.41 9.48 -24.09
N PHE C 318 -21.89 9.80 -22.92
CA PHE C 318 -20.89 8.98 -22.24
C PHE C 318 -21.54 8.27 -21.05
N GLY C 319 -21.80 6.97 -21.20
CA GLY C 319 -22.32 6.18 -20.10
C GLY C 319 -21.18 5.69 -19.24
N ILE C 320 -21.29 5.86 -17.93
CA ILE C 320 -20.24 5.43 -17.00
C ILE C 320 -20.81 4.79 -15.73
N ASN C 321 -20.36 3.56 -15.45
CA ASN C 321 -20.59 2.91 -14.17
C ASN C 321 -19.43 3.23 -13.24
N HIS C 322 -19.73 3.58 -11.99
CA HIS C 322 -18.68 3.91 -11.04
C HIS C 322 -19.07 3.59 -9.60
N TYR C 323 -18.14 2.97 -8.88
CA TYR C 323 -18.39 2.51 -7.52
C TYR C 323 -17.33 2.90 -6.51
N ALA C 324 -16.07 2.94 -6.94
CA ALA C 324 -14.95 2.87 -6.01
C ALA C 324 -13.69 3.58 -6.51
N THR C 325 -12.70 3.68 -5.62
CA THR C 325 -11.43 4.32 -5.92
C THR C 325 -10.27 3.41 -5.54
N ASN C 326 -9.24 3.42 -6.39
CA ASN C 326 -7.99 2.72 -6.11
C ASN C 326 -6.85 3.71 -6.02
N LEU C 327 -5.87 3.42 -5.16
CA LEU C 327 -4.62 4.16 -5.13
C LEU C 327 -3.62 3.48 -6.05
N LEU C 328 -2.89 4.28 -6.84
CA LEU C 328 -1.92 3.75 -7.79
C LEU C 328 -0.50 4.19 -7.46
N GLN C 329 0.42 3.24 -7.55
CA GLN C 329 1.86 3.45 -7.33
C GLN C 329 2.65 3.08 -8.57
N GLY C 330 3.64 3.90 -8.88
CA GLY C 330 4.57 3.58 -9.95
C GLY C 330 5.52 2.50 -9.48
N PRO C 331 5.60 1.38 -10.22
CA PRO C 331 6.52 0.30 -9.78
C PRO C 331 7.96 0.75 -9.66
N THR C 332 8.63 0.20 -8.64
CA THR C 332 10.02 0.56 -8.35
C THR C 332 10.96 -0.04 -9.39
N GLU C 333 10.56 -1.17 -9.96
CA GLU C 333 11.33 -1.83 -11.00
C GLU C 333 10.50 -2.06 -12.24
N LYS C 334 11.19 -2.08 -13.38
CA LYS C 334 10.56 -2.23 -14.67
C LYS C 334 9.73 -3.52 -14.75
N ILE C 335 8.43 -3.37 -14.99
CA ILE C 335 7.55 -4.52 -15.19
C ILE C 335 7.48 -4.90 -16.66
N GLY C 336 7.67 -6.19 -16.95
CA GLY C 336 7.58 -6.67 -18.31
C GLY C 336 6.13 -6.74 -18.77
N ALA C 337 5.87 -6.34 -20.01
CA ALA C 337 4.53 -6.47 -20.59
C ALA C 337 4.25 -7.91 -21.00
N GLU C 338 3.28 -8.54 -20.36
CA GLU C 338 2.99 -9.96 -20.58
C GLU C 338 1.50 -10.24 -20.56
N ASN C 339 0.76 -9.38 -19.87
CA ASN C 339 -0.66 -9.57 -19.68
C ASN C 339 -1.32 -8.28 -19.18
N TYR C 340 -2.65 -8.25 -19.14
CA TYR C 340 -3.38 -7.00 -18.91
C TYR C 340 -2.85 -6.21 -17.71
N PHE C 341 -2.72 -6.84 -16.55
CA PHE C 341 -2.37 -6.10 -15.35
C PHE C 341 -0.88 -5.76 -15.26
N SER C 342 -0.02 -6.53 -15.92
CA SER C 342 1.38 -6.15 -15.99
C SER C 342 1.58 -5.05 -17.05
N ASP C 343 0.75 -5.07 -18.10
CA ASP C 343 0.82 -4.08 -19.17
C ASP C 343 0.58 -2.67 -18.64
N LEU C 344 -0.35 -2.49 -17.73
CA LEU C 344 -0.68 -1.14 -17.28
C LEU C 344 0.36 -0.59 -16.30
N ASN C 345 1.35 -1.41 -15.95
CA ASN C 345 2.51 -0.98 -15.17
C ASN C 345 2.15 -0.10 -13.97
N GLY C 346 1.41 -0.68 -13.03
CA GLY C 346 0.97 0.05 -11.86
C GLY C 346 0.63 -0.90 -10.73
N TRP C 347 0.95 -0.48 -9.51
CA TRP C 347 0.63 -1.22 -8.30
C TRP C 347 -0.57 -0.59 -7.61
N ILE C 348 -1.59 -1.40 -7.34
CA ILE C 348 -2.86 -0.92 -6.82
C ILE C 348 -2.89 -1.11 -5.30
N MET C 349 -3.50 -0.15 -4.61
CA MET C 349 -3.61 -0.20 -3.16
C MET C 349 -4.93 0.46 -2.71
N MET C 350 -5.41 0.06 -1.54
CA MET C 350 -6.53 0.72 -0.87
C MET C 350 -6.02 1.40 0.39
N ASP C 351 -6.63 2.53 0.74
CA ASP C 351 -6.41 3.18 2.03
C ASP C 351 -7.17 2.40 3.12
N PRO C 352 -6.49 1.97 4.19
CA PRO C 352 -7.16 1.20 5.23
C PRO C 352 -8.25 1.96 5.97
N ARG C 353 -8.26 3.28 5.81
CA ARG C 353 -9.25 4.11 6.49
C ARG C 353 -10.58 4.15 5.74
N TRP C 354 -10.58 3.72 4.49
CA TRP C 354 -11.83 3.65 3.71
C TRP C 354 -12.72 2.49 4.16
N ALA C 355 -14.01 2.74 4.26
CA ALA C 355 -14.98 1.67 4.44
C ALA C 355 -15.03 0.86 3.16
N VAL C 356 -15.49 -0.37 3.26
CA VAL C 356 -15.58 -1.25 2.10
C VAL C 356 -16.94 -1.92 2.06
N GLY C 357 -17.47 -2.11 0.85
CA GLY C 357 -18.70 -2.86 0.67
C GLY C 357 -18.47 -4.36 0.79
N ASP C 358 -19.37 -5.13 0.21
CA ASP C 358 -19.38 -6.59 0.37
C ASP C 358 -18.56 -7.30 -0.70
N ALA C 359 -17.56 -6.58 -1.21
CA ALA C 359 -16.55 -7.16 -2.07
C ALA C 359 -15.32 -6.30 -1.88
N SER C 360 -14.13 -6.89 -1.98
CA SER C 360 -12.92 -6.18 -1.63
C SER C 360 -12.68 -4.99 -2.55
N TRP C 361 -13.26 -5.03 -3.75
CA TRP C 361 -13.07 -3.97 -4.73
C TRP C 361 -13.88 -2.71 -4.45
N LEU C 362 -14.88 -2.81 -3.58
CA LEU C 362 -15.82 -1.71 -3.39
C LEU C 362 -15.41 -0.82 -2.21
N SER C 363 -14.44 0.03 -2.44
CA SER C 363 -14.06 1.05 -1.47
C SER C 363 -15.07 2.18 -1.52
N VAL C 364 -15.38 2.74 -0.36
CA VAL C 364 -16.35 3.82 -0.25
C VAL C 364 -15.61 5.14 -0.24
N VAL C 365 -15.56 5.76 -1.42
CA VAL C 365 -14.74 6.95 -1.63
C VAL C 365 -15.52 7.92 -2.51
N PRO C 366 -16.44 8.67 -1.91
CA PRO C 366 -17.38 9.45 -2.73
C PRO C 366 -16.70 10.42 -3.71
N TRP C 367 -15.60 11.05 -3.32
CA TRP C 367 -14.98 12.05 -4.19
C TRP C 367 -14.37 11.46 -5.46
N GLY C 368 -14.19 10.15 -5.50
CA GLY C 368 -13.77 9.49 -6.73
C GLY C 368 -14.78 9.73 -7.84
N MET C 369 -16.05 9.85 -7.48
CA MET C 369 -17.12 10.11 -8.44
C MET C 369 -16.87 11.45 -9.13
N ARG C 370 -16.57 12.47 -8.34
CA ARG C 370 -16.33 13.79 -8.88
C ARG C 370 -15.12 13.78 -9.81
N ARG C 371 -14.03 13.19 -9.33
CA ARG C 371 -12.77 13.27 -10.05
C ARG C 371 -12.84 12.49 -11.36
N LEU C 372 -13.54 11.37 -11.38
CA LEU C 372 -13.70 10.62 -12.62
C LEU C 372 -14.52 11.39 -13.64
N LEU C 373 -15.62 11.99 -13.19
CA LEU C 373 -16.48 12.76 -14.07
C LEU C 373 -15.70 13.92 -14.71
N ARG C 374 -14.90 14.60 -13.90
CA ARG C 374 -14.06 15.70 -14.36
C ARG C 374 -13.03 15.22 -15.40
N TRP C 375 -12.45 14.05 -15.14
CA TRP C 375 -11.47 13.45 -16.06
C TRP C 375 -12.10 13.13 -17.41
N ILE C 376 -13.32 12.62 -17.38
CA ILE C 376 -14.06 12.31 -18.59
C ILE C 376 -14.35 13.58 -19.41
N LYS C 377 -14.80 14.63 -18.73
CA LYS C 377 -15.10 15.90 -19.39
C LYS C 377 -13.88 16.42 -20.12
N HIS C 378 -12.72 16.34 -19.47
CA HIS C 378 -11.49 16.85 -20.05
C HIS C 378 -11.06 16.07 -21.28
N ARG C 379 -11.09 14.74 -21.19
CA ARG C 379 -10.54 13.92 -22.27
C ARG C 379 -11.47 13.79 -23.47
N TYR C 380 -12.78 13.83 -23.24
CA TYR C 380 -13.75 13.54 -24.31
C TYR C 380 -14.60 14.75 -24.67
N ASP C 381 -13.99 15.92 -24.54
CA ASP C 381 -14.53 17.16 -25.09
C ASP C 381 -15.92 17.48 -24.57
N ASP C 382 -16.09 17.36 -23.25
CA ASP C 382 -17.30 17.85 -22.60
C ASP C 382 -18.56 17.17 -23.14
N PRO C 383 -18.64 15.83 -23.02
CA PRO C 383 -19.81 15.09 -23.50
C PRO C 383 -20.95 15.15 -22.50
N VAL C 384 -22.16 14.87 -22.97
CA VAL C 384 -23.26 14.55 -22.07
C VAL C 384 -22.89 13.24 -21.37
N VAL C 385 -23.07 13.19 -20.05
CA VAL C 385 -22.72 12.02 -19.25
C VAL C 385 -23.93 11.47 -18.51
N TYR C 386 -24.08 10.15 -18.52
CA TYR C 386 -25.03 9.47 -17.64
C TYR C 386 -24.27 8.55 -16.69
N VAL C 387 -24.50 8.73 -15.39
CA VAL C 387 -24.00 7.77 -14.41
C VAL C 387 -24.99 6.63 -14.42
N THR C 388 -24.59 5.52 -15.03
CA THR C 388 -25.54 4.47 -15.37
C THR C 388 -25.57 3.36 -14.33
N GLU C 389 -24.60 3.36 -13.42
CA GLU C 389 -24.60 2.53 -12.21
C GLU C 389 -23.78 3.18 -11.12
N ASN C 390 -24.30 3.09 -9.90
CA ASN C 390 -23.59 3.50 -8.69
C ASN C 390 -24.38 2.96 -7.51
N GLY C 391 -23.73 2.23 -6.61
CA GLY C 391 -24.45 1.65 -5.49
C GLY C 391 -23.57 0.86 -4.57
N LEU C 392 -24.18 0.29 -3.53
CA LEU C 392 -23.44 -0.34 -2.45
C LEU C 392 -24.01 -1.67 -2.04
N SER C 393 -23.13 -2.65 -1.88
CA SER C 393 -23.48 -3.89 -1.20
C SER C 393 -23.09 -3.78 0.25
N VAL C 394 -24.09 -3.81 1.13
CA VAL C 394 -23.84 -3.68 2.55
C VAL C 394 -23.35 -5.02 3.12
N PRO C 395 -22.14 -5.03 3.72
CA PRO C 395 -21.62 -6.27 4.31
C PRO C 395 -22.59 -6.87 5.30
N ASN C 396 -22.79 -8.18 5.19
CA ASN C 396 -23.61 -8.97 6.11
C ASN C 396 -25.10 -8.63 6.12
N GLU C 397 -25.58 -7.92 5.11
CA GLU C 397 -26.98 -7.53 5.09
C GLU C 397 -27.91 -8.74 5.11
N SER C 398 -27.53 -9.83 4.43
CA SER C 398 -28.41 -10.99 4.37
C SER C 398 -28.57 -11.66 5.72
N ALA C 399 -27.61 -11.44 6.61
CA ALA C 399 -27.58 -12.05 7.95
C ALA C 399 -28.13 -11.15 9.06
N MET C 400 -28.45 -9.91 8.72
CA MET C 400 -28.99 -8.97 9.71
C MET C 400 -30.40 -9.27 10.19
N THR C 401 -30.73 -8.69 11.34
CA THR C 401 -32.10 -8.69 11.83
C THR C 401 -32.97 -8.00 10.79
N PRO C 402 -34.26 -8.34 10.76
CA PRO C 402 -35.12 -7.69 9.76
C PRO C 402 -35.08 -6.16 9.84
N GLU C 403 -35.03 -5.64 11.05
CA GLU C 403 -34.97 -4.20 11.27
C GLU C 403 -33.69 -3.60 10.73
N ALA C 404 -32.57 -4.25 11.03
CA ALA C 404 -31.27 -3.71 10.63
C ALA C 404 -31.07 -3.76 9.13
N ALA C 405 -31.57 -4.82 8.49
CA ALA C 405 -31.38 -4.92 7.04
C ALA C 405 -32.14 -3.83 6.28
N LEU C 406 -33.34 -3.49 6.76
CA LEU C 406 -34.13 -2.44 6.12
C LEU C 406 -33.61 -1.03 6.45
N ASN C 407 -33.06 -0.88 7.65
CA ASN C 407 -32.44 0.39 8.05
C ASN C 407 -31.01 0.47 7.55
N ASP C 408 -30.86 0.58 6.23
CA ASP C 408 -29.56 0.43 5.58
C ASP C 408 -28.78 1.75 5.54
N LYS C 409 -28.40 2.19 6.73
CA LYS C 409 -27.71 3.46 6.91
C LYS C 409 -26.46 3.57 6.05
N MET C 410 -25.74 2.47 5.90
CA MET C 410 -24.50 2.52 5.12
C MET C 410 -24.78 2.85 3.66
N ARG C 411 -25.86 2.30 3.13
CA ARG C 411 -26.26 2.58 1.76
C ARG C 411 -26.82 4.02 1.63
N VAL C 412 -27.56 4.46 2.63
CA VAL C 412 -28.03 5.83 2.68
C VAL C 412 -26.84 6.79 2.56
N ASP C 413 -25.80 6.52 3.36
CA ASP C 413 -24.62 7.38 3.38
C ASP C 413 -23.85 7.32 2.06
N TYR C 414 -23.83 6.15 1.45
CA TYR C 414 -23.18 5.96 0.17
C TYR C 414 -23.92 6.75 -0.91
N LEU C 415 -25.23 6.56 -0.99
CA LEU C 415 -26.06 7.30 -1.93
C LEU C 415 -25.86 8.80 -1.79
N GLN C 416 -26.00 9.31 -0.58
CA GLN C 416 -25.89 10.74 -0.35
C GLN C 416 -24.49 11.24 -0.71
N GLY C 417 -23.47 10.46 -0.33
CA GLY C 417 -22.10 10.89 -0.54
C GLY C 417 -21.73 10.99 -2.00
N TYR C 418 -22.03 9.95 -2.76
CA TYR C 418 -21.67 9.92 -4.17
C TYR C 418 -22.51 10.90 -4.98
N VAL C 419 -23.79 11.06 -4.65
CA VAL C 419 -24.62 12.03 -5.34
C VAL C 419 -24.12 13.47 -5.08
N ALA C 420 -23.70 13.75 -3.85
CA ALA C 420 -23.18 15.08 -3.52
C ALA C 420 -21.92 15.37 -4.33
N GLU C 421 -21.07 14.36 -4.52
CA GLU C 421 -19.84 14.57 -5.26
C GLU C 421 -20.14 14.66 -6.76
N MET C 422 -21.15 13.93 -7.22
CA MET C 422 -21.62 14.09 -8.58
C MET C 422 -22.11 15.54 -8.80
N TRP C 423 -22.85 16.07 -7.85
CA TRP C 423 -23.31 17.44 -7.94
C TRP C 423 -22.12 18.41 -8.02
N LYS C 424 -21.06 18.14 -7.28
CA LYS C 424 -19.87 19.01 -7.33
C LYS C 424 -19.29 19.04 -8.73
N ALA C 425 -19.29 17.88 -9.39
CA ALA C 425 -18.80 17.80 -10.76
C ALA C 425 -19.65 18.64 -11.70
N ILE C 426 -20.97 18.58 -11.52
CA ILE C 426 -21.88 19.37 -12.32
C ILE C 426 -21.67 20.85 -12.04
N ASN C 427 -21.65 21.22 -10.77
CA ASN C 427 -21.66 22.63 -10.40
C ASN C 427 -20.31 23.32 -10.55
N TYR C 428 -19.28 22.73 -9.96
CA TYR C 428 -17.96 23.35 -9.94
C TYR C 428 -17.15 23.00 -11.18
N ASP C 429 -17.21 21.75 -11.60
CA ASP C 429 -16.39 21.28 -12.71
C ASP C 429 -17.13 21.36 -14.06
N LYS C 430 -18.42 21.71 -14.02
CA LYS C 430 -19.21 21.89 -15.24
C LYS C 430 -19.32 20.64 -16.10
N VAL C 431 -19.39 19.47 -15.47
CA VAL C 431 -19.64 18.23 -16.20
C VAL C 431 -21.13 18.14 -16.52
N LYS C 432 -21.45 17.81 -17.77
CA LYS C 432 -22.84 17.79 -18.22
C LYS C 432 -23.50 16.45 -17.88
N VAL C 433 -23.62 16.16 -16.59
CA VAL C 433 -24.32 14.95 -16.14
C VAL C 433 -25.81 15.14 -16.36
N ALA C 434 -26.45 14.19 -17.04
CA ALA C 434 -27.86 14.30 -17.43
C ALA C 434 -28.75 13.27 -16.71
N GLY C 435 -28.14 12.36 -15.97
CA GLY C 435 -28.89 11.37 -15.21
C GLY C 435 -28.01 10.53 -14.32
N TYR C 436 -28.65 9.88 -13.35
CA TYR C 436 -27.99 9.04 -12.36
C TYR C 436 -28.87 7.82 -12.09
N TYR C 437 -28.34 6.63 -12.35
CA TYR C 437 -29.07 5.39 -12.12
C TYR C 437 -28.40 4.59 -11.00
N HIS C 438 -29.11 4.47 -9.88
CA HIS C 438 -28.59 3.74 -8.73
C HIS C 438 -28.61 2.24 -9.00
N TRP C 439 -27.53 1.56 -8.65
CA TRP C 439 -27.49 0.10 -8.69
C TRP C 439 -27.76 -0.45 -7.29
N SER C 440 -28.91 -1.11 -7.05
CA SER C 440 -29.92 -1.51 -8.03
C SER C 440 -31.31 -1.21 -7.46
N LEU C 441 -32.33 -1.25 -8.32
CA LEU C 441 -33.69 -1.18 -7.82
C LEU C 441 -33.93 -2.27 -6.79
N LEU C 442 -33.53 -3.50 -7.12
CA LEU C 442 -33.85 -4.69 -6.35
C LEU C 442 -32.61 -5.44 -5.91
N ASP C 443 -32.65 -6.04 -4.73
CA ASP C 443 -31.72 -7.14 -4.44
C ASP C 443 -31.84 -8.15 -5.58
N ASN C 444 -30.72 -8.73 -6.00
CA ASN C 444 -30.78 -9.60 -7.15
C ASN C 444 -29.59 -10.58 -7.23
N PHE C 445 -29.52 -11.33 -8.32
CA PHE C 445 -28.46 -12.31 -8.55
C PHE C 445 -27.17 -11.56 -8.88
N GLU C 446 -26.27 -11.47 -7.90
CA GLU C 446 -25.03 -10.72 -8.08
C GLU C 446 -23.96 -11.62 -8.70
N TRP C 447 -24.28 -12.09 -9.90
CA TRP C 447 -23.36 -12.87 -10.73
C TRP C 447 -22.69 -14.00 -9.92
N SER C 448 -21.36 -14.09 -9.91
CA SER C 448 -20.71 -15.24 -9.27
C SER C 448 -20.81 -15.22 -7.74
N ASP C 449 -21.25 -14.10 -7.18
CA ASP C 449 -21.51 -14.00 -5.74
C ASP C 449 -22.90 -14.53 -5.38
N GLY C 450 -23.76 -14.75 -6.38
CA GLY C 450 -25.11 -15.24 -6.11
C GLY C 450 -25.99 -14.26 -5.35
N TYR C 451 -26.99 -14.78 -4.64
CA TYR C 451 -27.99 -13.92 -3.99
C TYR C 451 -27.55 -13.35 -2.63
N LYS C 452 -26.46 -13.87 -2.05
CA LYS C 452 -26.03 -13.40 -0.73
C LYS C 452 -25.70 -11.91 -0.72
N VAL C 453 -25.14 -11.40 -1.81
CA VAL C 453 -24.68 -10.02 -1.89
C VAL C 453 -25.83 -9.10 -2.32
N ARG C 454 -26.10 -8.10 -1.48
CA ARG C 454 -27.32 -7.29 -1.63
C ARG C 454 -27.03 -5.85 -2.03
N PHE C 455 -27.53 -5.43 -3.18
CA PHE C 455 -27.34 -4.07 -3.72
C PHE C 455 -28.63 -3.24 -3.79
N GLY C 456 -29.75 -3.81 -3.38
CA GLY C 456 -31.03 -3.17 -3.65
C GLY C 456 -31.37 -1.95 -2.82
N LEU C 457 -32.10 -1.03 -3.44
CA LEU C 457 -32.87 -0.04 -2.73
C LEU C 457 -34.09 -0.71 -2.10
N VAL C 458 -34.48 -1.82 -2.73
CA VAL C 458 -35.65 -2.60 -2.35
C VAL C 458 -35.24 -4.03 -2.01
N GLN C 459 -35.62 -4.44 -0.81
CA GLN C 459 -35.36 -5.78 -0.33
C GLN C 459 -36.26 -6.77 -1.06
N VAL C 460 -35.69 -7.90 -1.47
CA VAL C 460 -36.48 -9.00 -2.03
C VAL C 460 -36.33 -10.19 -1.11
N ASP C 461 -37.44 -10.70 -0.60
CA ASP C 461 -37.45 -11.95 0.15
C ASP C 461 -37.65 -13.05 -0.87
N TYR C 462 -36.62 -13.85 -1.10
CA TYR C 462 -36.66 -14.81 -2.20
C TYR C 462 -37.59 -15.98 -1.92
N LYS C 463 -37.98 -16.19 -0.67
CA LYS C 463 -38.94 -17.24 -0.36
C LYS C 463 -40.34 -16.88 -0.84
N THR C 464 -40.71 -15.62 -0.69
CA THR C 464 -42.05 -15.13 -0.97
C THR C 464 -42.09 -14.18 -2.17
N GLN C 465 -40.92 -13.72 -2.59
CA GLN C 465 -40.73 -12.69 -3.62
C GLN C 465 -41.32 -11.33 -3.19
N LYS C 466 -41.61 -11.15 -1.91
CA LYS C 466 -42.09 -9.86 -1.44
C LYS C 466 -41.01 -8.79 -1.59
N ARG C 467 -41.43 -7.63 -2.09
CA ARG C 467 -40.58 -6.45 -2.14
C ARG C 467 -40.86 -5.54 -0.93
N THR C 468 -39.80 -5.04 -0.32
CA THR C 468 -39.93 -4.08 0.78
C THR C 468 -38.93 -2.94 0.59
N LEU C 469 -39.45 -1.70 0.59
CA LEU C 469 -38.58 -0.54 0.49
C LEU C 469 -37.63 -0.48 1.67
N LYS C 470 -36.34 -0.30 1.39
CA LYS C 470 -35.37 -0.02 2.44
C LYS C 470 -35.36 1.48 2.74
N GLU C 471 -34.70 1.86 3.83
CA GLU C 471 -34.55 3.28 4.15
C GLU C 471 -33.92 4.04 2.98
N SER C 472 -32.96 3.42 2.29
CA SER C 472 -32.31 4.07 1.15
C SER C 472 -33.32 4.43 0.05
N ALA C 473 -34.32 3.57 -0.17
CA ALA C 473 -35.35 3.87 -1.16
C ALA C 473 -36.16 5.10 -0.77
N LYS C 474 -36.42 5.25 0.52
CA LYS C 474 -37.21 6.36 1.03
C LYS C 474 -36.40 7.67 1.00
N VAL C 475 -35.13 7.58 1.33
CA VAL C 475 -34.23 8.72 1.24
C VAL C 475 -34.06 9.18 -0.21
N TYR C 476 -33.92 8.21 -1.11
CA TYR C 476 -33.79 8.52 -2.53
C TYR C 476 -35.07 9.18 -3.04
N LYS C 477 -36.21 8.66 -2.62
CA LYS C 477 -37.51 9.21 -2.99
C LYS C 477 -37.58 10.69 -2.60
N ASP C 478 -37.19 10.99 -1.37
CA ASP C 478 -37.23 12.37 -0.90
C ASP C 478 -36.22 13.25 -1.61
N MET C 479 -35.06 12.70 -1.92
CA MET C 479 -34.02 13.42 -2.65
C MET C 479 -34.53 13.85 -4.01
N ILE C 480 -35.14 12.91 -4.71
CA ILE C 480 -35.68 13.20 -6.04
C ILE C 480 -36.77 14.27 -5.94
N ALA C 481 -37.65 14.15 -4.95
CA ALA C 481 -38.75 15.11 -4.77
C ALA C 481 -38.21 16.50 -4.49
N LYS C 482 -37.16 16.58 -3.70
N LYS C 482 -37.16 16.59 -3.69
CA LYS C 482 -36.56 17.85 -3.32
CA LYS C 482 -36.58 17.87 -3.33
C LYS C 482 -36.01 18.60 -4.53
C LYS C 482 -36.03 18.60 -4.55
N TYR C 483 -35.39 17.86 -5.45
CA TYR C 483 -34.70 18.46 -6.58
C TYR C 483 -35.45 18.33 -7.92
N SER C 484 -36.71 17.94 -7.87
CA SER C 484 -37.51 17.82 -9.08
C SER C 484 -38.91 18.42 -8.92
N GLY C 485 -39.23 18.83 -7.69
CA GLY C 485 -40.49 19.47 -7.39
C GLY C 485 -40.48 20.97 -7.60
N ASP C 486 -41.62 21.60 -7.31
CA ASP C 486 -41.77 23.04 -7.45
C ASP C 486 -40.76 23.78 -6.57
N THR C 487 -40.30 24.93 -7.06
CA THR C 487 -39.40 25.79 -6.31
C THR C 487 -40.18 26.59 -5.26
N ALA C 488 -39.48 27.05 -4.23
CA ALA C 488 -40.12 27.71 -3.08
C ALA C 488 -40.67 29.13 -3.30
N PRO C 489 -40.27 29.82 -4.38
CA PRO C 489 -40.87 31.16 -4.53
C PRO C 489 -42.40 31.12 -4.71
N PRO C 490 -43.08 32.27 -4.47
CA PRO C 490 -44.54 32.36 -4.65
C PRO C 490 -44.97 32.01 -6.07
N ASP C 491 -46.24 31.64 -6.25
CA ASP C 491 -46.72 31.20 -7.56
C ASP C 491 -47.97 31.97 -7.97
N ASP D 2 1.26 -35.26 48.26
CA ASP D 2 -0.10 -35.57 48.72
C ASP D 2 -1.12 -35.27 47.61
N VAL D 3 -0.66 -35.33 46.37
CA VAL D 3 -1.51 -35.17 45.19
C VAL D 3 -2.03 -36.54 44.78
N THR D 4 -3.36 -36.67 44.76
CA THR D 4 -4.00 -37.92 44.38
C THR D 4 -4.16 -38.05 42.87
N CYS D 5 -3.70 -39.18 42.35
CA CYS D 5 -3.80 -39.49 40.93
C CYS D 5 -4.37 -40.90 40.75
N TRP D 6 -4.85 -41.18 39.55
CA TRP D 6 -5.35 -42.49 39.18
C TRP D 6 -6.57 -42.91 40.00
N LYS D 7 -7.36 -41.93 40.45
CA LYS D 7 -8.57 -42.21 41.23
C LYS D 7 -9.76 -41.52 40.58
N TYR D 8 -10.59 -42.28 39.88
CA TYR D 8 -11.60 -41.69 39.00
C TYR D 8 -12.98 -41.71 39.62
N ALA D 9 -13.13 -42.46 40.71
CA ALA D 9 -14.41 -42.54 41.38
C ALA D 9 -14.79 -41.14 41.87
N ILE D 10 -16.07 -40.81 41.75
CA ILE D 10 -16.58 -39.54 42.24
C ILE D 10 -17.31 -39.83 43.55
N PRO D 11 -16.73 -39.46 44.69
CA PRO D 11 -17.39 -39.74 45.96
C PRO D 11 -18.81 -39.16 46.01
N GLY D 12 -19.76 -39.99 46.43
CA GLY D 12 -21.13 -39.54 46.60
C GLY D 12 -21.93 -39.46 45.32
N GLU D 13 -21.33 -39.84 44.20
CA GLU D 13 -22.03 -39.83 42.93
C GLU D 13 -23.17 -40.86 42.91
N PRO D 14 -24.42 -40.41 42.62
CA PRO D 14 -25.54 -41.36 42.55
C PRO D 14 -25.31 -42.48 41.54
N GLY D 15 -25.50 -43.72 41.98
CA GLY D 15 -25.33 -44.88 41.13
C GLY D 15 -23.87 -45.13 40.76
N GLY D 16 -22.96 -44.36 41.35
CA GLY D 16 -21.55 -44.46 41.00
C GLY D 16 -20.94 -45.84 41.17
N GLU D 17 -21.28 -46.52 42.26
CA GLU D 17 -20.66 -47.80 42.57
C GLU D 17 -21.42 -49.00 41.99
N LEU D 18 -22.57 -48.76 41.38
CA LEU D 18 -23.36 -49.86 40.82
C LEU D 18 -22.66 -50.53 39.65
N THR D 19 -22.58 -51.87 39.71
CA THR D 19 -22.03 -52.65 38.61
C THR D 19 -23.08 -52.82 37.53
N ALA D 20 -22.62 -53.23 36.34
CA ALA D 20 -23.53 -53.50 35.24
C ALA D 20 -24.52 -54.56 35.67
N GLU D 21 -24.03 -55.56 36.39
CA GLU D 21 -24.89 -56.66 36.85
C GLU D 21 -26.00 -56.12 37.75
N GLU D 22 -25.66 -55.22 38.66
CA GLU D 22 -26.65 -54.66 39.59
C GLU D 22 -27.69 -53.79 38.87
N VAL D 23 -27.26 -53.03 37.86
CA VAL D 23 -28.18 -52.19 37.11
C VAL D 23 -29.24 -53.05 36.44
N PHE D 24 -28.82 -54.12 35.79
CA PHE D 24 -29.73 -54.97 35.04
C PHE D 24 -30.54 -55.90 35.95
N ALA D 25 -30.06 -56.13 37.17
CA ALA D 25 -30.79 -56.96 38.11
C ALA D 25 -31.90 -56.17 38.81
N SER D 26 -31.77 -54.84 38.85
CA SER D 26 -32.73 -53.99 39.54
C SER D 26 -34.05 -53.94 38.79
N LYS D 27 -35.15 -54.15 39.52
CA LYS D 27 -36.48 -54.10 38.92
C LYS D 27 -36.89 -52.67 38.55
N ASP D 28 -36.19 -51.68 39.10
CA ASP D 28 -36.51 -50.27 38.84
C ASP D 28 -35.76 -49.72 37.63
N THR D 29 -34.91 -50.54 37.01
CA THR D 29 -34.18 -50.12 35.81
C THR D 29 -35.11 -50.17 34.60
N ALA D 30 -35.30 -49.02 33.97
CA ALA D 30 -36.14 -48.92 32.78
C ALA D 30 -35.58 -47.88 31.82
N PHE D 31 -35.96 -47.98 30.56
CA PHE D 31 -35.51 -47.06 29.52
C PHE D 31 -36.67 -46.24 28.98
N PRO D 32 -36.36 -45.09 28.35
CA PRO D 32 -37.43 -44.23 27.83
C PRO D 32 -38.35 -44.96 26.86
N GLU D 33 -39.62 -44.60 26.85
CA GLU D 33 -40.57 -45.15 25.88
C GLU D 33 -40.11 -44.82 24.46
N GLY D 34 -40.17 -45.83 23.60
CA GLY D 34 -39.81 -45.64 22.20
C GLY D 34 -38.32 -45.56 21.95
N PHE D 35 -37.52 -45.93 22.96
CA PHE D 35 -36.07 -45.94 22.83
C PHE D 35 -35.63 -46.74 21.62
N LEU D 36 -34.78 -46.15 20.78
CA LEU D 36 -34.34 -46.81 19.55
C LEU D 36 -33.08 -47.63 19.78
N TRP D 37 -33.27 -48.90 20.13
CA TRP D 37 -32.19 -49.85 20.19
C TRP D 37 -31.82 -50.28 18.78
N GLY D 38 -30.58 -50.06 18.37
CA GLY D 38 -30.20 -50.41 17.02
C GLY D 38 -28.78 -50.88 16.87
N ALA D 39 -28.38 -51.01 15.61
CA ALA D 39 -27.01 -51.30 15.24
C ALA D 39 -26.66 -50.40 14.08
N ALA D 40 -25.37 -50.11 13.93
CA ALA D 40 -24.90 -49.18 12.92
C ALA D 40 -23.88 -49.82 11.99
N THR D 41 -23.90 -49.37 10.74
CA THR D 41 -22.91 -49.72 9.72
C THR D 41 -22.60 -48.47 8.87
N ALA D 42 -21.67 -48.60 7.92
CA ALA D 42 -21.42 -47.58 6.90
C ALA D 42 -21.26 -48.26 5.55
N ALA D 43 -21.62 -47.55 4.49
CA ALA D 43 -21.72 -48.15 3.16
C ALA D 43 -20.42 -48.79 2.69
N TYR D 44 -19.30 -48.05 2.73
CA TYR D 44 -18.06 -48.60 2.20
C TYR D 44 -17.58 -49.80 3.02
N GLN D 45 -17.95 -49.83 4.30
CA GLN D 45 -17.47 -50.89 5.16
C GLN D 45 -18.19 -52.22 4.96
N ILE D 46 -19.42 -52.22 4.42
CA ILE D 46 -20.17 -53.48 4.28
C ILE D 46 -20.69 -53.78 2.88
N GLU D 47 -20.90 -52.77 2.03
CA GLU D 47 -21.68 -52.99 0.82
C GLU D 47 -21.02 -53.85 -0.26
N GLY D 48 -19.74 -53.62 -0.52
CA GLY D 48 -19.11 -54.24 -1.69
C GLY D 48 -19.74 -53.68 -2.95
N ALA D 49 -19.74 -54.47 -4.02
CA ALA D 49 -20.29 -54.01 -5.30
C ALA D 49 -19.76 -52.61 -5.64
N ALA D 50 -18.47 -52.42 -5.41
CA ALA D 50 -17.86 -51.08 -5.43
C ALA D 50 -17.84 -50.46 -6.81
N ALA D 51 -17.72 -51.29 -7.84
CA ALA D 51 -17.66 -50.80 -9.22
C ALA D 51 -18.73 -51.44 -10.09
N GLU D 52 -19.84 -51.86 -9.50
CA GLU D 52 -20.95 -52.39 -10.28
C GLU D 52 -22.21 -51.55 -10.13
N ASP D 53 -23.13 -51.76 -11.06
CA ASP D 53 -24.41 -51.07 -11.09
C ASP D 53 -24.23 -49.56 -10.98
N GLY D 54 -23.22 -49.06 -11.68
CA GLY D 54 -23.06 -47.63 -11.89
C GLY D 54 -22.34 -46.86 -10.80
N ARG D 55 -21.94 -47.51 -9.72
CA ARG D 55 -21.28 -46.78 -8.65
C ARG D 55 -19.96 -46.19 -9.12
N GLY D 56 -19.78 -44.90 -8.83
CA GLY D 56 -18.52 -44.23 -9.07
C GLY D 56 -17.57 -44.41 -7.91
N PRO D 57 -16.26 -44.24 -8.17
CA PRO D 57 -15.29 -44.45 -7.09
C PRO D 57 -15.38 -43.36 -6.03
N SER D 58 -15.18 -43.76 -4.78
CA SER D 58 -15.00 -42.84 -3.67
C SER D 58 -13.51 -42.70 -3.46
N MET D 59 -13.11 -41.73 -2.64
CA MET D 59 -11.70 -41.57 -2.36
C MET D 59 -11.13 -42.74 -1.55
N TRP D 60 -11.99 -43.54 -0.93
CA TRP D 60 -11.52 -44.75 -0.25
C TRP D 60 -11.26 -45.90 -1.24
N ASP D 61 -11.99 -45.94 -2.35
CA ASP D 61 -11.64 -46.87 -3.43
C ASP D 61 -10.23 -46.55 -3.95
N THR D 62 -9.96 -45.27 -4.17
CA THR D 62 -8.68 -44.80 -4.65
C THR D 62 -7.57 -45.13 -3.67
N PHE D 63 -7.81 -44.76 -2.42
CA PHE D 63 -6.86 -44.95 -1.33
C PHE D 63 -6.48 -46.42 -1.16
N SER D 64 -7.49 -47.28 -1.19
N SER D 64 -7.49 -47.28 -1.19
CA SER D 64 -7.29 -48.70 -0.91
CA SER D 64 -7.29 -48.70 -0.91
C SER D 64 -6.52 -49.43 -2.01
C SER D 64 -6.51 -49.44 -2.02
N LYS D 65 -6.42 -48.82 -3.19
CA LYS D 65 -5.65 -49.42 -4.30
C LYS D 65 -4.15 -49.19 -4.17
N ILE D 66 -3.75 -48.27 -3.31
CA ILE D 66 -2.34 -47.94 -3.14
C ILE D 66 -1.67 -48.83 -2.09
N PRO D 67 -0.58 -49.52 -2.47
CA PRO D 67 0.09 -50.32 -1.44
C PRO D 67 0.46 -49.53 -0.18
N GLY D 68 0.18 -50.11 0.98
CA GLY D 68 0.62 -49.54 2.24
C GLY D 68 -0.43 -48.74 2.98
N LYS D 69 -1.52 -48.39 2.31
CA LYS D 69 -2.54 -47.56 2.92
C LYS D 69 -3.44 -48.35 3.87
N ILE D 70 -3.78 -49.58 3.46
CA ILE D 70 -4.63 -50.44 4.26
C ILE D 70 -3.84 -51.65 4.74
N ASP D 71 -3.97 -51.94 6.03
CA ASP D 71 -3.33 -53.12 6.59
C ASP D 71 -3.71 -54.37 5.80
N ASN D 72 -2.69 -55.20 5.52
CA ASN D 72 -2.86 -56.49 4.85
C ASN D 72 -3.38 -56.40 3.41
N GLY D 73 -3.38 -55.20 2.85
CA GLY D 73 -3.76 -54.98 1.47
C GLY D 73 -5.25 -55.11 1.19
N ASP D 74 -6.06 -54.99 2.23
CA ASP D 74 -7.51 -55.08 2.09
C ASP D 74 -8.15 -53.90 1.36
N THR D 75 -9.31 -54.15 0.77
CA THR D 75 -10.12 -53.12 0.15
C THR D 75 -11.60 -53.35 0.46
N GLY D 76 -12.43 -52.36 0.15
CA GLY D 76 -13.87 -52.50 0.25
C GLY D 76 -14.53 -52.99 -1.03
N ASP D 77 -13.79 -53.59 -1.94
CA ASP D 77 -14.36 -54.02 -3.21
C ASP D 77 -15.58 -54.94 -3.02
N VAL D 78 -15.46 -55.86 -2.06
CA VAL D 78 -16.48 -56.86 -1.79
C VAL D 78 -17.05 -56.72 -0.37
N ALA D 79 -16.18 -56.54 0.62
CA ALA D 79 -16.62 -56.36 2.00
C ALA D 79 -17.58 -57.47 2.42
N CYS D 80 -18.74 -57.11 2.95
CA CYS D 80 -19.73 -58.12 3.37
C CYS D 80 -20.74 -58.41 2.27
N ASP D 81 -20.53 -57.84 1.09
CA ASP D 81 -21.44 -58.04 -0.03
C ASP D 81 -22.88 -57.69 0.36
N HIS D 82 -23.04 -56.69 1.22
CA HIS D 82 -24.36 -56.31 1.73
C HIS D 82 -25.26 -55.76 0.62
N TYR D 83 -24.64 -55.18 -0.40
CA TYR D 83 -25.39 -54.66 -1.54
C TYR D 83 -26.28 -55.75 -2.14
N HIS D 84 -25.74 -56.96 -2.20
CA HIS D 84 -26.48 -58.10 -2.75
C HIS D 84 -27.26 -58.86 -1.68
N ARG D 85 -26.79 -58.80 -0.43
CA ARG D 85 -27.32 -59.66 0.63
C ARG D 85 -28.16 -58.90 1.65
N TYR D 86 -28.61 -57.70 1.30
CA TYR D 86 -29.28 -56.85 2.30
C TYR D 86 -30.57 -57.46 2.86
N LYS D 87 -31.32 -58.22 2.06
CA LYS D 87 -32.57 -58.82 2.54
C LYS D 87 -32.28 -59.79 3.68
N GLU D 88 -31.23 -60.59 3.54
CA GLU D 88 -30.81 -61.53 4.58
C GLU D 88 -30.39 -60.78 5.85
N ASP D 89 -29.67 -59.67 5.66
CA ASP D 89 -29.20 -58.89 6.79
C ASP D 89 -30.35 -58.22 7.55
N VAL D 90 -31.36 -57.75 6.82
CA VAL D 90 -32.53 -57.15 7.47
C VAL D 90 -33.27 -58.23 8.25
N LYS D 91 -33.35 -59.44 7.70
CA LYS D 91 -34.02 -60.54 8.40
C LYS D 91 -33.30 -60.85 9.71
N LEU D 92 -31.96 -60.78 9.69
CA LEU D 92 -31.17 -60.98 10.89
C LEU D 92 -31.54 -59.94 11.95
N MET D 93 -31.67 -58.69 11.53
CA MET D 93 -32.01 -57.62 12.45
C MET D 93 -33.41 -57.78 13.03
N LYS D 94 -34.36 -58.24 12.22
CA LYS D 94 -35.69 -58.51 12.72
C LYS D 94 -35.62 -59.62 13.77
N GLY D 95 -34.81 -60.63 13.50
CA GLY D 95 -34.64 -61.76 14.41
C GLY D 95 -34.09 -61.31 15.75
N MET D 96 -33.23 -60.30 15.72
CA MET D 96 -32.68 -59.73 16.94
C MET D 96 -33.65 -58.76 17.63
N GLY D 97 -34.71 -58.39 16.93
CA GLY D 97 -35.68 -57.47 17.49
C GLY D 97 -35.16 -56.04 17.54
N LEU D 98 -34.22 -55.69 16.67
CA LEU D 98 -33.73 -54.32 16.61
C LEU D 98 -34.88 -53.37 16.33
N LYS D 99 -34.91 -52.24 17.04
CA LYS D 99 -35.93 -51.24 16.83
C LYS D 99 -35.56 -50.36 15.64
N SER D 100 -34.26 -50.25 15.37
CA SER D 100 -33.76 -49.29 14.41
C SER D 100 -32.42 -49.73 13.83
N TYR D 101 -32.09 -49.20 12.66
CA TYR D 101 -30.85 -49.48 11.96
C TYR D 101 -30.29 -48.18 11.43
N ARG D 102 -29.01 -47.93 11.71
CA ARG D 102 -28.30 -46.75 11.20
C ARG D 102 -27.37 -47.20 10.10
N PHE D 103 -27.63 -46.73 8.87
CA PHE D 103 -26.77 -47.04 7.73
C PHE D 103 -26.36 -45.75 7.01
N SER D 104 -25.35 -45.83 6.16
CA SER D 104 -24.99 -44.67 5.36
C SER D 104 -25.29 -44.91 3.88
N VAL D 105 -25.45 -43.81 3.18
CA VAL D 105 -25.64 -43.82 1.74
C VAL D 105 -24.29 -43.49 1.09
N SER D 106 -23.88 -44.35 0.16
CA SER D 106 -22.69 -44.07 -0.65
C SER D 106 -23.03 -42.98 -1.64
N TRP D 107 -22.51 -41.79 -1.38
CA TRP D 107 -22.70 -40.63 -2.24
C TRP D 107 -22.41 -40.98 -3.70
N SER D 108 -21.31 -41.65 -3.96
CA SER D 108 -20.92 -41.94 -5.34
C SER D 108 -21.68 -43.13 -5.93
N ARG D 109 -22.44 -43.85 -5.12
CA ARG D 109 -23.34 -44.87 -5.68
C ARG D 109 -24.57 -44.18 -6.27
N VAL D 110 -24.96 -43.06 -5.67
CA VAL D 110 -26.14 -42.31 -6.12
C VAL D 110 -25.78 -41.26 -7.16
N LEU D 111 -24.68 -40.53 -6.93
CA LEU D 111 -24.18 -39.51 -7.83
C LEU D 111 -22.71 -39.82 -8.12
N PRO D 112 -22.43 -40.61 -9.17
CA PRO D 112 -21.06 -41.11 -9.40
C PRO D 112 -19.98 -40.04 -9.39
N GLU D 113 -20.25 -38.87 -9.95
CA GLU D 113 -19.29 -37.76 -9.96
C GLU D 113 -19.45 -36.82 -8.77
N GLY D 114 -20.45 -37.06 -7.93
CA GLY D 114 -20.70 -36.26 -6.75
C GLY D 114 -21.76 -35.19 -6.99
N THR D 115 -21.90 -34.81 -8.25
CA THR D 115 -22.90 -33.86 -8.69
C THR D 115 -23.54 -34.42 -9.97
N GLY D 116 -24.64 -33.84 -10.39
CA GLY D 116 -25.27 -34.21 -11.65
C GLY D 116 -26.30 -35.33 -11.58
N ALA D 117 -26.26 -36.21 -12.58
CA ALA D 117 -27.33 -37.20 -12.78
C ALA D 117 -27.33 -38.32 -11.74
N ILE D 118 -28.52 -38.67 -11.28
CA ILE D 118 -28.71 -39.78 -10.37
C ILE D 118 -28.49 -41.10 -11.10
N ASN D 119 -27.72 -41.98 -10.46
CA ASN D 119 -27.49 -43.33 -10.94
C ASN D 119 -28.64 -44.23 -10.56
N PRO D 120 -29.48 -44.61 -11.54
CA PRO D 120 -30.75 -45.29 -11.18
C PRO D 120 -30.62 -46.52 -10.27
N LYS D 121 -29.72 -47.44 -10.59
CA LYS D 121 -29.60 -48.66 -9.81
C LYS D 121 -29.09 -48.37 -8.39
N GLY D 122 -28.28 -47.33 -8.25
CA GLY D 122 -27.80 -46.93 -6.94
C GLY D 122 -28.92 -46.42 -6.06
N MET D 123 -29.73 -45.52 -6.59
CA MET D 123 -30.88 -45.02 -5.86
C MET D 123 -31.85 -46.16 -5.57
N GLU D 124 -32.03 -47.04 -6.54
CA GLU D 124 -32.94 -48.17 -6.40
C GLU D 124 -32.57 -49.01 -5.19
N PHE D 125 -31.27 -49.22 -5.00
CA PHE D 125 -30.80 -49.99 -3.87
C PHE D 125 -31.23 -49.38 -2.53
N TYR D 126 -31.04 -48.07 -2.37
CA TYR D 126 -31.38 -47.44 -1.10
C TYR D 126 -32.91 -47.37 -0.92
N GLN D 127 -33.65 -47.25 -2.02
CA GLN D 127 -35.11 -47.36 -1.93
C GLN D 127 -35.51 -48.74 -1.43
N ASN D 128 -34.93 -49.78 -2.02
CA ASN D 128 -35.22 -51.16 -1.65
C ASN D 128 -34.82 -51.47 -0.21
N LEU D 129 -33.65 -51.00 0.20
CA LEU D 129 -33.18 -51.22 1.57
C LEU D 129 -34.12 -50.56 2.57
N THR D 130 -34.50 -49.31 2.30
CA THR D 130 -35.37 -48.56 3.18
C THR D 130 -36.73 -49.25 3.30
N ASN D 131 -37.27 -49.68 2.17
CA ASN D 131 -38.54 -50.38 2.16
C ASN D 131 -38.46 -51.71 2.89
N GLU D 132 -37.32 -52.40 2.77
CA GLU D 132 -37.16 -53.70 3.41
C GLU D 132 -37.17 -53.52 4.93
N LEU D 133 -36.49 -52.47 5.41
CA LEU D 133 -36.45 -52.17 6.83
C LEU D 133 -37.86 -51.86 7.35
N ILE D 134 -38.58 -51.01 6.64
CA ILE D 134 -39.92 -50.64 7.06
C ILE D 134 -40.85 -51.85 7.07
N ALA D 135 -40.71 -52.73 6.06
CA ALA D 135 -41.58 -53.89 5.97
C ALA D 135 -41.35 -54.85 7.13
N ASN D 136 -40.18 -54.76 7.75
CA ASN D 136 -39.82 -55.65 8.84
C ASN D 136 -39.83 -54.96 10.21
N GLY D 137 -40.44 -53.78 10.26
CA GLY D 137 -40.67 -53.10 11.53
C GLY D 137 -39.45 -52.43 12.13
N ILE D 138 -38.45 -52.14 11.30
CA ILE D 138 -37.21 -51.53 11.75
C ILE D 138 -37.17 -50.09 11.27
N VAL D 139 -36.92 -49.15 12.20
CA VAL D 139 -36.88 -47.73 11.87
C VAL D 139 -35.58 -47.39 11.14
N PRO D 140 -35.65 -46.97 9.86
CA PRO D 140 -34.43 -46.63 9.14
C PRO D 140 -33.92 -45.23 9.49
N THR D 141 -32.63 -45.13 9.77
CA THR D 141 -31.99 -43.84 10.02
C THR D 141 -30.73 -43.79 9.18
N VAL D 142 -30.45 -42.62 8.62
CA VAL D 142 -29.50 -42.53 7.52
C VAL D 142 -28.43 -41.49 7.72
N THR D 143 -27.18 -41.93 7.58
CA THR D 143 -26.03 -41.06 7.51
C THR D 143 -25.74 -40.68 6.05
N LEU D 144 -25.77 -39.38 5.77
CA LEU D 144 -25.53 -38.92 4.42
C LEU D 144 -24.06 -39.05 4.04
N TYR D 145 -23.17 -38.64 4.95
CA TYR D 145 -21.73 -38.71 4.68
C TYR D 145 -20.99 -39.54 5.71
N HIS D 146 -20.53 -40.72 5.30
CA HIS D 146 -19.71 -41.56 6.17
C HIS D 146 -18.39 -41.91 5.45
N TRP D 147 -17.72 -40.83 5.03
CA TRP D 147 -16.29 -40.77 4.67
C TRP D 147 -16.00 -41.16 3.23
N ASP D 148 -17.00 -41.65 2.51
CA ASP D 148 -16.79 -42.10 1.13
C ASP D 148 -17.07 -40.97 0.14
N LEU D 149 -16.29 -39.89 0.27
CA LEU D 149 -16.39 -38.76 -0.65
C LEU D 149 -16.16 -39.23 -2.08
N PRO D 150 -17.02 -38.81 -3.02
CA PRO D 150 -16.75 -39.16 -4.42
C PRO D 150 -15.34 -38.75 -4.85
N GLU D 151 -14.64 -39.62 -5.56
CA GLU D 151 -13.28 -39.33 -5.99
C GLU D 151 -13.21 -38.07 -6.84
N ALA D 152 -14.23 -37.83 -7.65
CA ALA D 152 -14.24 -36.65 -8.50
C ALA D 152 -14.15 -35.37 -7.65
N LEU D 153 -14.83 -35.37 -6.51
CA LEU D 153 -14.77 -34.22 -5.60
C LEU D 153 -13.45 -34.19 -4.83
N SER D 154 -12.92 -35.36 -4.47
CA SER D 154 -11.63 -35.44 -3.80
C SER D 154 -10.50 -34.85 -4.68
N LYS D 155 -10.56 -35.14 -5.97
CA LYS D 155 -9.56 -34.63 -6.92
C LYS D 155 -9.57 -33.10 -7.01
N ASN D 156 -10.73 -32.50 -6.70
CA ASN D 156 -10.87 -31.05 -6.72
C ASN D 156 -10.64 -30.42 -5.34
N GLY D 157 -10.02 -31.19 -4.43
CA GLY D 157 -9.63 -30.66 -3.13
C GLY D 157 -10.42 -31.20 -1.96
N GLY D 158 -11.51 -31.91 -2.23
CA GLY D 158 -12.32 -32.50 -1.18
C GLY D 158 -12.70 -31.50 -0.12
N TRP D 159 -12.52 -31.87 1.14
CA TRP D 159 -12.95 -31.00 2.22
C TRP D 159 -12.02 -29.81 2.47
N LEU D 160 -11.00 -29.63 1.64
CA LEU D 160 -10.24 -28.39 1.65
C LEU D 160 -10.83 -27.36 0.68
N ASN D 161 -11.87 -27.77 -0.06
CA ASN D 161 -12.55 -26.92 -1.03
C ASN D 161 -13.99 -26.67 -0.61
N GLU D 162 -14.37 -25.41 -0.46
CA GLU D 162 -15.73 -25.08 -0.03
C GLU D 162 -16.77 -25.55 -1.07
N ASP D 163 -16.35 -25.77 -2.32
CA ASP D 163 -17.25 -26.29 -3.33
C ASP D 163 -17.85 -27.63 -2.91
N THR D 164 -17.10 -28.40 -2.11
CA THR D 164 -17.55 -29.70 -1.66
C THR D 164 -18.74 -29.57 -0.70
N ALA D 165 -18.74 -28.52 0.10
CA ALA D 165 -19.89 -28.27 0.99
C ALA D 165 -21.16 -28.00 0.18
N VAL D 166 -21.03 -27.22 -0.90
CA VAL D 166 -22.18 -26.91 -1.75
C VAL D 166 -22.67 -28.22 -2.38
N ALA D 167 -21.76 -29.02 -2.89
CA ALA D 167 -22.14 -30.30 -3.50
C ALA D 167 -22.83 -31.21 -2.49
N PHE D 168 -22.36 -31.18 -1.24
CA PHE D 168 -22.96 -32.01 -0.21
C PHE D 168 -24.40 -31.59 0.07
N GLY D 169 -24.67 -30.28 0.12
CA GLY D 169 -26.01 -29.80 0.31
C GLY D 169 -26.96 -30.26 -0.79
N GLN D 170 -26.47 -30.24 -2.01
CA GLN D 170 -27.27 -30.63 -3.17
C GLN D 170 -27.54 -32.13 -3.17
N TYR D 171 -26.56 -32.91 -2.70
CA TYR D 171 -26.69 -34.35 -2.56
C TYR D 171 -27.70 -34.68 -1.47
N ALA D 172 -27.64 -33.96 -0.36
CA ALA D 172 -28.62 -34.11 0.71
C ALA D 172 -30.03 -33.88 0.17
N ASP D 173 -30.19 -32.83 -0.62
CA ASP D 173 -31.45 -32.47 -1.26
C ASP D 173 -32.03 -33.68 -2.00
N VAL D 174 -31.19 -34.31 -2.81
CA VAL D 174 -31.60 -35.50 -3.55
C VAL D 174 -32.08 -36.63 -2.64
N MET D 175 -31.36 -36.88 -1.55
CA MET D 175 -31.70 -38.00 -0.69
C MET D 175 -32.96 -37.74 0.14
N PHE D 176 -33.14 -36.51 0.61
CA PHE D 176 -34.36 -36.14 1.34
C PHE D 176 -35.59 -36.40 0.47
N GLN D 177 -35.52 -35.98 -0.78
CA GLN D 177 -36.63 -36.15 -1.70
C GLN D 177 -36.94 -37.62 -1.92
N ALA D 178 -35.88 -38.42 -2.01
CA ALA D 178 -36.04 -39.83 -2.38
C ALA D 178 -36.57 -40.67 -1.23
N LEU D 179 -36.04 -40.45 -0.02
CA LEU D 179 -36.28 -41.36 1.12
C LEU D 179 -37.04 -40.75 2.30
N GLY D 180 -37.20 -39.42 2.32
CA GLY D 180 -37.72 -38.73 3.49
C GLY D 180 -39.17 -38.96 3.84
N ASP D 181 -39.92 -39.57 2.94
CA ASP D 181 -41.28 -39.98 3.24
C ASP D 181 -41.28 -41.14 4.23
N ARG D 182 -40.15 -41.84 4.33
CA ARG D 182 -39.99 -42.98 5.24
C ARG D 182 -38.92 -42.76 6.30
N VAL D 183 -37.78 -42.18 5.90
CA VAL D 183 -36.70 -41.89 6.82
C VAL D 183 -36.97 -40.58 7.52
N LYS D 184 -37.02 -40.62 8.85
CA LYS D 184 -37.39 -39.46 9.66
C LYS D 184 -36.26 -39.05 10.62
N LEU D 185 -35.12 -39.73 10.52
CA LEU D 185 -33.94 -39.36 11.30
C LEU D 185 -32.71 -39.37 10.41
N TRP D 186 -32.11 -38.20 10.26
CA TRP D 186 -31.00 -37.98 9.35
C TRP D 186 -29.74 -37.55 10.09
N PHE D 187 -28.61 -38.17 9.76
CA PHE D 187 -27.30 -37.74 10.24
C PHE D 187 -26.54 -37.13 9.07
N THR D 188 -26.04 -35.91 9.23
CA THR D 188 -25.37 -35.24 8.13
C THR D 188 -23.99 -35.84 7.86
N LEU D 189 -23.04 -35.60 8.77
CA LEU D 189 -21.70 -36.14 8.63
C LEU D 189 -21.36 -36.99 9.84
N ASN D 190 -20.68 -38.09 9.57
CA ASN D 190 -20.14 -38.95 10.61
C ASN D 190 -18.72 -38.55 10.98
N GLU D 191 -18.50 -38.25 12.25
CA GLU D 191 -17.16 -37.99 12.78
C GLU D 191 -16.31 -37.04 11.92
N PRO D 192 -16.76 -35.78 11.79
CA PRO D 192 -15.90 -34.83 11.07
C PRO D 192 -14.51 -34.69 11.72
N TRP D 193 -14.36 -34.97 13.03
CA TRP D 193 -13.04 -34.97 13.66
C TRP D 193 -12.07 -35.91 12.96
N THR D 194 -12.53 -37.13 12.69
CA THR D 194 -11.69 -38.17 12.13
C THR D 194 -11.35 -37.87 10.67
N THR D 195 -12.32 -37.45 9.89
CA THR D 195 -12.07 -37.02 8.52
C THR D 195 -10.97 -35.94 8.49
N ALA D 196 -11.12 -34.94 9.35
CA ALA D 196 -10.17 -33.83 9.38
C ALA D 196 -8.77 -34.27 9.83
N ILE D 197 -8.70 -34.99 10.95
CA ILE D 197 -7.42 -35.35 11.53
C ILE D 197 -6.75 -36.51 10.77
N ALA D 198 -7.47 -37.62 10.60
CA ALA D 198 -6.89 -38.81 9.97
C ALA D 198 -6.78 -38.65 8.46
N GLY D 199 -7.78 -38.03 7.85
CA GLY D 199 -7.83 -37.90 6.40
C GLY D 199 -6.96 -36.80 5.81
N TYR D 200 -6.97 -35.62 6.43
CA TYR D 200 -6.29 -34.45 5.88
C TYR D 200 -5.07 -34.03 6.71
N GLY D 201 -4.96 -34.55 7.92
CA GLY D 201 -3.88 -34.13 8.81
C GLY D 201 -2.75 -35.12 8.92
N GLN D 202 -3.09 -36.35 9.29
CA GLN D 202 -2.14 -37.43 9.52
C GLN D 202 -1.94 -38.33 8.30
N GLY D 203 -2.97 -38.39 7.46
CA GLY D 203 -2.91 -39.14 6.22
C GLY D 203 -3.15 -40.63 6.36
N GLY D 204 -3.61 -41.07 7.53
CA GLY D 204 -3.90 -42.47 7.76
C GLY D 204 -5.18 -42.94 7.08
N HIS D 205 -6.08 -41.97 6.83
CA HIS D 205 -7.34 -42.20 6.12
C HIS D 205 -7.31 -41.46 4.81
N ALA D 206 -8.18 -41.85 3.88
CA ALA D 206 -8.35 -41.12 2.63
C ALA D 206 -8.74 -39.68 2.94
N PRO D 207 -8.23 -38.71 2.17
CA PRO D 207 -7.41 -38.83 0.95
C PRO D 207 -5.90 -39.02 1.19
N GLY D 208 -5.47 -39.12 2.44
CA GLY D 208 -4.08 -39.40 2.75
C GLY D 208 -3.17 -38.18 2.76
N LEU D 209 -3.76 -37.01 3.00
CA LEU D 209 -2.99 -35.78 3.01
C LEU D 209 -2.37 -35.56 4.38
N LYS D 210 -1.28 -34.79 4.39
CA LYS D 210 -0.46 -34.60 5.59
C LYS D 210 -0.10 -33.14 5.85
N ASN D 211 -0.66 -32.61 6.95
CA ASN D 211 -0.36 -31.29 7.47
C ASN D 211 -1.18 -31.13 8.74
N MET D 212 -0.54 -30.98 9.90
CA MET D 212 -1.29 -30.89 11.16
C MET D 212 -1.52 -29.46 11.65
N ALA D 213 -0.85 -28.50 11.03
CA ALA D 213 -0.97 -27.10 11.40
C ALA D 213 -2.28 -26.45 10.93
N GLU D 214 -2.67 -26.74 9.68
CA GLU D 214 -3.76 -26.02 9.04
C GLU D 214 -4.86 -26.94 8.48
N ASN D 215 -4.45 -28.06 7.88
CA ASN D 215 -5.43 -28.92 7.18
C ASN D 215 -6.59 -29.38 8.06
N PRO D 216 -6.32 -29.79 9.31
CA PRO D 216 -7.45 -30.30 10.10
C PRO D 216 -8.52 -29.22 10.33
N TYR D 217 -8.06 -28.01 10.59
CA TYR D 217 -8.98 -26.92 10.83
C TYR D 217 -9.74 -26.55 9.55
N MET D 218 -9.06 -26.60 8.40
CA MET D 218 -9.74 -26.28 7.14
C MET D 218 -10.74 -27.36 6.77
N ALA D 219 -10.37 -28.62 6.95
CA ALA D 219 -11.29 -29.72 6.63
C ALA D 219 -12.49 -29.71 7.58
N GLY D 220 -12.26 -29.38 8.83
CA GLY D 220 -13.34 -29.26 9.80
C GLY D 220 -14.29 -28.16 9.38
N HIS D 221 -13.71 -27.05 8.95
CA HIS D 221 -14.46 -25.87 8.56
C HIS D 221 -15.43 -26.19 7.41
N ASN D 222 -14.93 -26.81 6.35
CA ASN D 222 -15.79 -27.06 5.20
C ASN D 222 -16.81 -28.16 5.46
N GLN D 223 -16.48 -29.11 6.34
CA GLN D 223 -17.47 -30.09 6.75
C GLN D 223 -18.63 -29.40 7.49
N LEU D 224 -18.31 -28.45 8.37
CA LEU D 224 -19.34 -27.69 9.07
C LEU D 224 -20.20 -26.91 8.09
N LEU D 225 -19.58 -26.31 7.07
CA LEU D 225 -20.36 -25.59 6.05
C LEU D 225 -21.28 -26.56 5.30
N GLY D 226 -20.80 -27.77 5.05
CA GLY D 226 -21.61 -28.80 4.42
C GLY D 226 -22.79 -29.17 5.29
N HIS D 227 -22.52 -29.42 6.56
CA HIS D 227 -23.58 -29.68 7.53
C HIS D 227 -24.66 -28.58 7.48
N ALA D 228 -24.24 -27.32 7.53
CA ALA D 228 -25.18 -26.21 7.55
C ALA D 228 -26.03 -26.17 6.28
N ALA D 229 -25.41 -26.44 5.14
CA ALA D 229 -26.11 -26.42 3.86
C ALA D 229 -27.17 -27.50 3.79
N ALA D 230 -26.82 -28.70 4.25
CA ALA D 230 -27.76 -29.82 4.23
C ALA D 230 -28.94 -29.56 5.16
N VAL D 231 -28.67 -29.03 6.34
CA VAL D 231 -29.73 -28.76 7.30
C VAL D 231 -30.62 -27.64 6.78
N LYS D 232 -30.03 -26.65 6.12
CA LYS D 232 -30.82 -25.55 5.58
C LYS D 232 -31.82 -26.07 4.55
N VAL D 233 -31.34 -26.92 3.64
CA VAL D 233 -32.22 -27.58 2.67
C VAL D 233 -33.31 -28.36 3.38
N TYR D 234 -32.93 -29.13 4.39
CA TYR D 234 -33.92 -29.97 5.06
C TYR D 234 -35.01 -29.11 5.69
N ARG D 235 -34.63 -28.08 6.45
CA ARG D 235 -35.60 -27.26 7.14
C ARG D 235 -36.51 -26.49 6.18
N GLU D 236 -35.93 -25.99 5.10
CA GLU D 236 -36.66 -25.10 4.21
C GLU D 236 -37.56 -25.85 3.23
N LYS D 237 -37.17 -27.05 2.84
CA LYS D 237 -37.89 -27.78 1.79
C LYS D 237 -38.61 -29.04 2.22
N TYR D 238 -38.18 -29.67 3.30
CA TYR D 238 -38.65 -31.02 3.63
C TYR D 238 -39.21 -31.22 5.03
N GLN D 239 -38.72 -30.48 6.02
CA GLN D 239 -39.02 -30.84 7.42
C GLN D 239 -40.49 -30.72 7.80
N GLU D 240 -41.15 -29.65 7.36
CA GLU D 240 -42.57 -29.47 7.66
C GLU D 240 -43.40 -30.59 7.04
N LYS D 241 -43.10 -30.91 5.79
CA LYS D 241 -43.85 -31.92 5.04
C LYS D 241 -43.60 -33.32 5.60
N GLN D 242 -42.33 -33.63 5.87
CA GLN D 242 -41.92 -34.99 6.20
C GLN D 242 -41.93 -35.27 7.70
N GLY D 243 -41.76 -34.23 8.51
CA GLY D 243 -41.84 -34.36 9.95
C GLY D 243 -40.69 -35.15 10.56
N GLY D 244 -39.51 -35.09 9.95
CA GLY D 244 -38.33 -35.74 10.50
C GLY D 244 -37.41 -34.78 11.22
N LYS D 245 -36.28 -35.32 11.66
CA LYS D 245 -35.28 -34.59 12.43
C LYS D 245 -33.90 -34.82 11.86
N ILE D 246 -33.00 -33.85 12.06
CA ILE D 246 -31.68 -33.91 11.48
C ILE D 246 -30.63 -33.41 12.47
N GLY D 247 -29.44 -33.99 12.38
CA GLY D 247 -28.34 -33.60 13.23
C GLY D 247 -27.03 -34.18 12.75
N ALA D 248 -25.96 -33.84 13.44
CA ALA D 248 -24.64 -34.37 13.12
C ALA D 248 -24.27 -35.55 14.02
N VAL D 249 -23.32 -36.35 13.58
CA VAL D 249 -22.73 -37.40 14.40
C VAL D 249 -21.31 -37.00 14.74
N LEU D 250 -21.13 -36.55 15.97
CA LEU D 250 -19.82 -36.12 16.44
C LEU D 250 -19.21 -37.22 17.29
N SER D 251 -18.06 -36.94 17.89
CA SER D 251 -17.30 -38.00 18.55
C SER D 251 -16.25 -37.46 19.51
N THR D 252 -15.99 -38.20 20.58
CA THR D 252 -14.83 -37.97 21.41
C THR D 252 -14.74 -39.08 22.44
N GLU D 253 -13.52 -39.37 22.88
CA GLU D 253 -13.33 -40.08 24.13
C GLU D 253 -13.81 -39.24 25.28
N TRP D 254 -14.18 -39.87 26.38
CA TRP D 254 -14.28 -39.11 27.61
C TRP D 254 -12.85 -38.70 27.97
N LYS D 255 -12.70 -37.49 28.51
CA LYS D 255 -11.39 -36.99 28.92
C LYS D 255 -11.43 -36.81 30.43
N GLU D 256 -10.64 -37.61 31.13
CA GLU D 256 -10.64 -37.64 32.58
C GLU D 256 -9.33 -37.08 33.09
N PRO D 257 -9.38 -36.18 34.09
CA PRO D 257 -8.11 -35.67 34.64
C PRO D 257 -7.28 -36.77 35.28
N LEU D 258 -5.98 -36.80 35.01
CA LEU D 258 -5.10 -37.80 35.62
C LEU D 258 -5.05 -37.65 37.14
N CYS D 259 -4.85 -36.42 37.58
CA CYS D 259 -4.75 -36.11 39.00
C CYS D 259 -5.85 -35.14 39.40
N HIS D 260 -6.08 -35.07 40.70
CA HIS D 260 -7.04 -34.14 41.26
C HIS D 260 -6.37 -32.81 41.48
N THR D 261 -6.04 -32.16 40.38
CA THR D 261 -5.46 -30.83 40.36
C THR D 261 -6.24 -29.98 39.37
N GLN D 262 -6.20 -28.67 39.54
CA GLN D 262 -6.92 -27.79 38.62
C GLN D 262 -6.28 -27.83 37.24
N GLU D 263 -4.96 -27.99 37.21
CA GLU D 263 -4.25 -28.07 35.94
C GLU D 263 -4.73 -29.25 35.08
N ASP D 264 -4.95 -30.40 35.71
CA ASP D 264 -5.40 -31.59 34.98
C ASP D 264 -6.89 -31.51 34.65
N LYS D 265 -7.68 -30.90 35.53
CA LYS D 265 -9.09 -30.67 35.23
C LYS D 265 -9.22 -29.75 34.00
N ASP D 266 -8.39 -28.70 33.96
CA ASP D 266 -8.40 -27.77 32.84
C ASP D 266 -7.97 -28.45 31.54
N ALA D 267 -6.95 -29.30 31.63
CA ALA D 267 -6.45 -30.01 30.45
C ALA D 267 -7.49 -30.97 29.87
N ALA D 268 -8.21 -31.66 30.75
CA ALA D 268 -9.24 -32.59 30.32
C ALA D 268 -10.38 -31.84 29.63
N GLU D 269 -10.83 -30.76 30.26
CA GLU D 269 -11.89 -29.94 29.68
C GLU D 269 -11.44 -29.39 28.33
N ARG D 270 -10.19 -28.95 28.27
CA ARG D 270 -9.63 -28.40 27.04
C ARG D 270 -9.65 -29.42 25.89
N SER D 271 -9.39 -30.68 26.19
CA SER D 271 -9.47 -31.71 25.17
C SER D 271 -10.90 -31.97 24.71
N LEU D 272 -11.86 -31.91 25.64
CA LEU D 272 -13.26 -32.04 25.25
C LEU D 272 -13.66 -30.88 24.34
N ILE D 273 -13.15 -29.70 24.64
CA ILE D 273 -13.41 -28.55 23.79
C ILE D 273 -12.82 -28.75 22.38
N TRP D 274 -11.56 -29.15 22.30
CA TRP D 274 -10.89 -29.29 21.02
C TRP D 274 -11.44 -30.43 20.18
N TYR D 275 -11.92 -31.49 20.84
CA TYR D 275 -12.44 -32.64 20.11
C TYR D 275 -13.89 -32.43 19.69
N LEU D 276 -14.72 -32.03 20.65
CA LEU D 276 -16.17 -32.06 20.47
C LEU D 276 -16.76 -30.66 20.27
N ALA D 277 -16.40 -29.71 21.15
CA ALA D 277 -16.96 -28.36 21.02
C ALA D 277 -16.51 -27.68 19.74
N TRP D 278 -15.36 -28.09 19.23
CA TRP D 278 -14.87 -27.65 17.92
C TRP D 278 -15.99 -27.68 16.86
N PHE D 279 -16.78 -28.75 16.88
CA PHE D 279 -17.92 -28.88 15.95
C PHE D 279 -19.27 -28.53 16.57
N ALA D 280 -19.46 -28.85 17.84
CA ALA D 280 -20.77 -28.68 18.47
C ALA D 280 -21.07 -27.22 18.85
N ASP D 281 -20.05 -26.44 19.19
CA ASP D 281 -20.32 -25.03 19.50
C ASP D 281 -20.81 -24.33 18.22
N PRO D 282 -20.15 -24.57 17.08
CA PRO D 282 -20.73 -23.99 15.86
C PRO D 282 -22.18 -24.40 15.61
N ILE D 283 -22.49 -25.67 15.77
CA ILE D 283 -23.82 -26.18 15.49
C ILE D 283 -24.87 -25.67 16.50
N TYR D 284 -24.48 -25.48 17.75
CA TYR D 284 -25.43 -25.05 18.78
C TYR D 284 -25.38 -23.55 19.08
N LYS D 285 -24.22 -22.94 18.92
CA LYS D 285 -24.01 -21.54 19.33
C LYS D 285 -23.68 -20.61 18.16
N GLY D 286 -23.26 -21.18 17.04
CA GLY D 286 -23.05 -20.44 15.81
C GLY D 286 -21.61 -20.12 15.46
N ASP D 287 -20.67 -20.44 16.35
CA ASP D 287 -19.28 -20.14 16.10
C ASP D 287 -18.38 -21.10 16.87
N TYR D 288 -17.11 -21.13 16.51
CA TYR D 288 -16.14 -21.92 17.25
C TYR D 288 -16.00 -21.43 18.68
N PRO D 289 -15.54 -22.32 19.57
CA PRO D 289 -15.19 -21.83 20.91
C PRO D 289 -14.17 -20.71 20.83
N GLU D 290 -14.39 -19.65 21.60
CA GLU D 290 -13.47 -18.52 21.60
C GLU D 290 -12.06 -18.96 21.96
N GLU D 291 -11.91 -19.95 22.84
CA GLU D 291 -10.57 -20.30 23.27
C GLU D 291 -9.82 -20.97 22.14
N MET D 292 -10.54 -21.64 21.23
CA MET D 292 -9.89 -22.20 20.04
C MET D 292 -9.49 -21.08 19.08
N LYS D 293 -10.40 -20.13 18.84
CA LYS D 293 -10.08 -19.02 17.95
C LYS D 293 -8.87 -18.24 18.44
N GLU D 294 -8.77 -17.99 19.74
CA GLU D 294 -7.62 -17.26 20.27
C GLU D 294 -6.33 -18.09 20.20
N ARG D 295 -6.42 -19.38 20.48
CA ARG D 295 -5.24 -20.26 20.48
C ARG D 295 -4.69 -20.49 19.07
N VAL D 296 -5.58 -20.78 18.13
CA VAL D 296 -5.19 -21.23 16.81
C VAL D 296 -4.99 -20.05 15.84
N GLY D 297 -5.67 -18.94 16.10
CA GLY D 297 -5.46 -17.72 15.33
C GLY D 297 -5.77 -17.90 13.86
N ASP D 298 -4.90 -17.41 12.98
CA ASP D 298 -5.20 -17.39 11.55
C ASP D 298 -5.10 -18.78 10.90
N ARG D 299 -4.77 -19.81 11.69
CA ARG D 299 -4.82 -21.17 11.17
C ARG D 299 -6.24 -21.74 11.28
N MET D 300 -7.13 -21.00 11.94
CA MET D 300 -8.54 -21.35 12.05
C MET D 300 -9.34 -20.42 11.15
N PRO D 301 -10.02 -20.98 10.14
CA PRO D 301 -10.79 -20.08 9.28
C PRO D 301 -11.93 -19.41 10.03
N ALA D 302 -12.36 -18.25 9.56
CA ALA D 302 -13.43 -17.52 10.22
C ALA D 302 -14.73 -17.65 9.46
N PHE D 303 -15.80 -17.93 10.19
CA PHE D 303 -17.13 -17.96 9.62
C PHE D 303 -17.58 -16.54 9.34
N THR D 304 -18.29 -16.36 8.23
CA THR D 304 -18.97 -15.10 7.94
C THR D 304 -20.21 -15.00 8.81
N GLU D 305 -20.78 -13.81 8.91
CA GLU D 305 -21.97 -13.65 9.73
C GLU D 305 -23.12 -14.53 9.20
N GLN D 306 -23.26 -14.64 7.88
CA GLN D 306 -24.30 -15.51 7.32
C GLN D 306 -24.06 -16.99 7.67
N GLN D 307 -22.79 -17.42 7.64
CA GLN D 307 -22.44 -18.79 7.96
C GLN D 307 -22.74 -19.10 9.43
N LYS D 308 -22.47 -18.12 10.30
CA LYS D 308 -22.82 -18.28 11.72
C LYS D 308 -24.31 -18.46 11.88
N GLN D 309 -25.10 -17.72 11.10
CA GLN D 309 -26.55 -17.82 11.16
C GLN D 309 -27.02 -19.19 10.67
N ASP D 310 -26.42 -19.68 9.60
CA ASP D 310 -26.78 -20.98 9.05
C ASP D 310 -26.45 -22.09 10.05
N LEU D 311 -25.36 -21.92 10.78
CA LEU D 311 -24.88 -22.95 11.70
C LEU D 311 -25.63 -22.98 13.02
N LYS D 312 -25.89 -21.81 13.59
CA LYS D 312 -26.52 -21.76 14.91
C LYS D 312 -27.91 -22.39 14.88
N GLY D 313 -28.08 -23.45 15.67
CA GLY D 313 -29.35 -24.15 15.77
C GLY D 313 -29.59 -25.16 14.66
N SER D 314 -28.51 -25.64 14.05
CA SER D 314 -28.64 -26.55 12.91
C SER D 314 -28.63 -28.02 13.31
N ALA D 315 -29.20 -28.34 14.47
CA ALA D 315 -29.38 -29.73 14.89
C ALA D 315 -30.64 -29.89 15.74
N ASP D 316 -31.38 -30.96 15.49
CA ASP D 316 -32.56 -31.29 16.27
C ASP D 316 -32.23 -32.27 17.39
N PHE D 317 -31.04 -32.87 17.31
CA PHE D 317 -30.55 -33.83 18.29
C PHE D 317 -29.04 -33.84 18.23
N PHE D 318 -28.45 -34.44 19.25
CA PHE D 318 -26.99 -34.55 19.39
C PHE D 318 -26.59 -35.99 19.12
N GLY D 319 -26.01 -36.24 17.95
CA GLY D 319 -25.49 -37.56 17.64
C GLY D 319 -24.08 -37.67 18.20
N ILE D 320 -23.80 -38.75 18.92
CA ILE D 320 -22.46 -38.94 19.49
C ILE D 320 -21.99 -40.39 19.36
N ASN D 321 -20.81 -40.54 18.75
CA ASN D 321 -20.08 -41.81 18.77
C ASN D 321 -19.13 -41.81 19.96
N HIS D 322 -19.12 -42.92 20.69
CA HIS D 322 -18.24 -43.00 21.84
C HIS D 322 -17.80 -44.43 22.12
N TYR D 323 -16.51 -44.58 22.38
CA TYR D 323 -15.90 -45.88 22.60
C TYR D 323 -15.04 -45.97 23.86
N ALA D 324 -14.33 -44.89 24.20
CA ALA D 324 -13.17 -44.98 25.07
C ALA D 324 -12.92 -43.75 25.92
N THR D 325 -11.97 -43.88 26.83
CA THR D 325 -11.60 -42.80 27.74
C THR D 325 -10.09 -42.59 27.70
N ASN D 326 -9.68 -41.31 27.76
CA ASN D 326 -8.27 -40.93 27.89
C ASN D 326 -8.07 -40.16 29.19
N LEU D 327 -6.89 -40.32 29.77
CA LEU D 327 -6.47 -39.49 30.88
C LEU D 327 -5.70 -38.27 30.36
N LEU D 328 -6.01 -37.09 30.90
CA LEU D 328 -5.35 -35.85 30.51
C LEU D 328 -4.58 -35.24 31.64
N GLN D 329 -3.37 -34.78 31.35
CA GLN D 329 -2.55 -34.08 32.32
C GLN D 329 -2.13 -32.72 31.72
N GLY D 330 -2.18 -31.67 32.53
CA GLY D 330 -1.70 -30.36 32.11
C GLY D 330 -0.18 -30.32 32.06
N PRO D 331 0.40 -29.99 30.90
CA PRO D 331 1.87 -29.93 30.84
C PRO D 331 2.43 -28.93 31.84
N THR D 332 3.58 -29.25 32.42
CA THR D 332 4.16 -28.40 33.43
C THR D 332 4.62 -27.11 32.79
N GLU D 333 4.98 -27.17 31.52
CA GLU D 333 5.31 -25.98 30.76
C GLU D 333 4.37 -25.97 29.56
N LYS D 334 3.71 -24.84 29.34
CA LYS D 334 2.76 -24.71 28.24
C LYS D 334 3.44 -24.96 26.91
N ILE D 335 2.83 -25.83 26.12
CA ILE D 335 3.31 -26.15 24.80
C ILE D 335 2.91 -25.01 23.86
N GLY D 336 3.78 -24.67 22.93
CA GLY D 336 3.49 -23.62 21.97
C GLY D 336 2.43 -24.05 20.96
N ALA D 337 1.57 -23.09 20.59
CA ALA D 337 0.56 -23.32 19.56
C ALA D 337 1.25 -23.43 18.22
N GLU D 338 1.06 -24.57 17.55
CA GLU D 338 1.70 -24.81 16.26
C GLU D 338 0.86 -25.70 15.33
N ASN D 339 0.14 -26.64 15.95
CA ASN D 339 -0.63 -27.62 15.22
C ASN D 339 -1.67 -28.25 16.14
N TYR D 340 -2.58 -29.04 15.58
CA TYR D 340 -3.76 -29.48 16.33
C TYR D 340 -3.43 -30.01 17.73
N PHE D 341 -2.52 -30.96 17.85
CA PHE D 341 -2.29 -31.57 19.17
C PHE D 341 -1.44 -30.70 20.09
N SER D 342 -0.63 -29.80 19.55
CA SER D 342 0.07 -28.87 20.44
C SER D 342 -0.91 -27.76 20.87
N ASP D 343 -1.85 -27.42 19.99
CA ASP D 343 -2.82 -26.37 20.29
C ASP D 343 -3.63 -26.70 21.55
N LEU D 344 -4.02 -27.96 21.73
CA LEU D 344 -4.89 -28.31 22.84
C LEU D 344 -4.12 -28.47 24.17
N ASN D 345 -2.78 -28.34 24.11
CA ASN D 345 -1.91 -28.27 25.30
C ASN D 345 -2.24 -29.32 26.37
N GLY D 346 -2.00 -30.58 26.04
CA GLY D 346 -2.34 -31.67 26.92
C GLY D 346 -1.52 -32.92 26.68
N TRP D 347 -1.23 -33.61 27.77
CA TRP D 347 -0.54 -34.88 27.75
C TRP D 347 -1.61 -35.96 27.89
N ILE D 348 -1.73 -36.79 26.88
CA ILE D 348 -2.80 -37.79 26.79
C ILE D 348 -2.24 -39.17 27.10
N MET D 349 -2.94 -39.93 27.94
CA MET D 349 -2.48 -41.26 28.27
C MET D 349 -3.63 -42.19 28.66
N MET D 350 -3.32 -43.47 28.72
CA MET D 350 -4.24 -44.49 29.24
C MET D 350 -3.73 -44.96 30.60
N ASP D 351 -4.66 -45.38 31.46
CA ASP D 351 -4.32 -46.15 32.64
C ASP D 351 -3.89 -47.53 32.15
N PRO D 352 -2.67 -47.97 32.52
CA PRO D 352 -2.20 -49.27 32.02
C PRO D 352 -3.01 -50.47 32.48
N ARG D 353 -3.85 -50.26 33.49
CA ARG D 353 -4.67 -51.33 34.06
C ARG D 353 -5.95 -51.55 33.28
N TRP D 354 -6.32 -50.60 32.43
CA TRP D 354 -7.51 -50.74 31.60
C TRP D 354 -7.33 -51.80 30.52
N ALA D 355 -8.38 -52.57 30.28
CA ALA D 355 -8.43 -53.45 29.14
C ALA D 355 -8.48 -52.60 27.87
N VAL D 356 -8.09 -53.23 26.77
CA VAL D 356 -8.05 -52.56 25.49
C VAL D 356 -8.68 -53.44 24.42
N GLY D 357 -9.28 -52.82 23.41
CA GLY D 357 -9.76 -53.53 22.24
C GLY D 357 -8.59 -53.90 21.33
N ASP D 358 -8.89 -54.09 20.04
CA ASP D 358 -7.90 -54.60 19.11
C ASP D 358 -7.10 -53.48 18.42
N ALA D 359 -7.11 -52.30 19.03
CA ALA D 359 -6.27 -51.17 18.64
C ALA D 359 -6.06 -50.33 19.88
N SER D 360 -4.92 -49.64 19.96
CA SER D 360 -4.53 -48.99 21.20
C SER D 360 -5.46 -47.87 21.63
N TRP D 361 -6.23 -47.31 20.71
CA TRP D 361 -7.10 -46.19 21.06
C TRP D 361 -8.33 -46.64 21.84
N LEU D 362 -8.67 -47.91 21.78
CA LEU D 362 -9.93 -48.40 22.35
C LEU D 362 -9.73 -48.95 23.77
N SER D 363 -9.71 -48.04 24.74
CA SER D 363 -9.71 -48.44 26.14
C SER D 363 -11.13 -48.78 26.58
N VAL D 364 -11.23 -49.77 27.46
CA VAL D 364 -12.51 -50.25 27.97
C VAL D 364 -12.81 -49.58 29.30
N VAL D 365 -13.60 -48.52 29.25
CA VAL D 365 -13.88 -47.67 30.41
C VAL D 365 -15.37 -47.28 30.38
N PRO D 366 -16.23 -48.18 30.87
CA PRO D 366 -17.68 -47.96 30.67
C PRO D 366 -18.18 -46.62 31.23
N TRP D 367 -17.66 -46.16 32.36
CA TRP D 367 -18.16 -44.93 32.97
C TRP D 367 -17.86 -43.68 32.15
N GLY D 368 -16.96 -43.77 31.18
CA GLY D 368 -16.73 -42.67 30.27
C GLY D 368 -17.98 -42.32 29.48
N MET D 369 -18.80 -43.33 29.20
CA MET D 369 -20.06 -43.13 28.50
C MET D 369 -20.96 -42.20 29.30
N ARG D 370 -21.10 -42.49 30.59
CA ARG D 370 -21.94 -41.67 31.45
C ARG D 370 -21.43 -40.23 31.52
N ARG D 371 -20.13 -40.08 31.73
CA ARG D 371 -19.58 -38.77 31.99
C ARG D 371 -19.66 -37.89 30.75
N LEU D 372 -19.46 -38.48 29.56
CA LEU D 372 -19.55 -37.72 28.33
C LEU D 372 -20.99 -37.26 28.10
N LEU D 373 -21.93 -38.17 28.31
CA LEU D 373 -23.34 -37.82 28.10
C LEU D 373 -23.75 -36.65 29.01
N ARG D 374 -23.32 -36.70 30.27
CA ARG D 374 -23.61 -35.65 31.22
C ARG D 374 -22.99 -34.31 30.79
N TRP D 375 -21.78 -34.37 30.27
CA TRP D 375 -21.06 -33.19 29.80
C TRP D 375 -21.81 -32.54 28.64
N ILE D 376 -22.31 -33.38 27.74
CA ILE D 376 -23.07 -32.92 26.58
C ILE D 376 -24.35 -32.23 27.02
N LYS D 377 -25.06 -32.84 27.97
CA LYS D 377 -26.28 -32.26 28.51
C LYS D 377 -26.03 -30.87 29.08
N HIS D 378 -24.94 -30.72 29.81
CA HIS D 378 -24.63 -29.45 30.46
C HIS D 378 -24.30 -28.34 29.45
N ARG D 379 -23.46 -28.64 28.48
CA ARG D 379 -22.97 -27.61 27.57
C ARG D 379 -23.99 -27.21 26.50
N TYR D 380 -24.84 -28.15 26.09
CA TYR D 380 -25.73 -27.93 24.95
C TYR D 380 -27.21 -27.95 25.30
N ASP D 381 -27.51 -27.50 26.51
CA ASP D 381 -28.88 -27.20 26.92
C ASP D 381 -29.84 -28.39 26.79
N ASP D 382 -29.37 -29.54 27.25
CA ASP D 382 -30.24 -30.71 27.43
C ASP D 382 -30.88 -31.16 26.13
N PRO D 383 -30.07 -31.50 25.13
CA PRO D 383 -30.60 -31.92 23.85
C PRO D 383 -31.06 -33.36 23.86
N VAL D 384 -31.89 -33.73 22.89
CA VAL D 384 -32.11 -35.13 22.59
C VAL D 384 -30.76 -35.69 22.14
N VAL D 385 -30.38 -36.84 22.69
CA VAL D 385 -29.10 -37.48 22.35
C VAL D 385 -29.32 -38.87 21.75
N TYR D 386 -28.60 -39.17 20.67
CA TYR D 386 -28.50 -40.54 20.15
C TYR D 386 -27.05 -40.98 20.23
N VAL D 387 -26.81 -42.10 20.92
CA VAL D 387 -25.50 -42.73 20.88
C VAL D 387 -25.49 -43.51 19.59
N THR D 388 -24.75 -42.99 18.61
CA THR D 388 -24.87 -43.45 17.23
C THR D 388 -23.82 -44.50 16.86
N GLU D 389 -22.82 -44.67 17.74
CA GLU D 389 -21.87 -45.78 17.68
C GLU D 389 -21.32 -46.07 19.06
N ASN D 390 -21.19 -47.36 19.34
CA ASN D 390 -20.52 -47.85 20.54
C ASN D 390 -20.28 -49.33 20.36
N GLY D 391 -19.04 -49.78 20.54
CA GLY D 391 -18.75 -51.19 20.37
C GLY D 391 -17.31 -51.55 20.60
N LEU D 392 -17.00 -52.83 20.42
CA LEU D 392 -15.69 -53.36 20.78
C LEU D 392 -15.10 -54.25 19.68
N SER D 393 -13.82 -54.04 19.41
CA SER D 393 -13.02 -55.01 18.68
C SER D 393 -12.28 -55.88 19.70
N VAL D 394 -12.58 -57.18 19.70
CA VAL D 394 -11.96 -58.10 20.62
C VAL D 394 -10.52 -58.35 20.18
N PRO D 395 -9.54 -58.21 21.10
CA PRO D 395 -8.15 -58.40 20.68
C PRO D 395 -7.90 -59.73 19.97
N ASN D 396 -7.25 -59.66 18.82
CA ASN D 396 -6.85 -60.85 18.09
C ASN D 396 -8.02 -61.75 17.69
N GLU D 397 -9.21 -61.17 17.54
CA GLU D 397 -10.40 -61.96 17.20
C GLU D 397 -10.20 -62.73 15.88
N SER D 398 -9.52 -62.14 14.92
CA SER D 398 -9.31 -62.78 13.63
C SER D 398 -8.36 -63.99 13.72
N ALA D 399 -7.57 -64.08 14.79
CA ALA D 399 -6.64 -65.20 14.96
C ALA D 399 -7.30 -66.33 15.76
N MET D 400 -8.47 -66.06 16.32
CA MET D 400 -9.24 -67.09 17.02
C MET D 400 -9.86 -68.08 16.06
N THR D 401 -10.19 -69.26 16.58
CA THR D 401 -11.06 -70.17 15.84
C THR D 401 -12.40 -69.47 15.66
N PRO D 402 -13.14 -69.79 14.59
CA PRO D 402 -14.46 -69.17 14.43
C PRO D 402 -15.38 -69.40 15.62
N GLU D 403 -15.29 -70.59 16.23
CA GLU D 403 -16.12 -70.92 17.39
C GLU D 403 -15.79 -70.04 18.59
N ALA D 404 -14.50 -69.86 18.86
CA ALA D 404 -14.08 -69.05 19.99
C ALA D 404 -14.49 -67.60 19.75
N ALA D 405 -14.44 -67.17 18.50
CA ALA D 405 -14.83 -65.81 18.15
C ALA D 405 -16.32 -65.58 18.41
N LEU D 406 -17.11 -66.64 18.27
CA LEU D 406 -18.55 -66.51 18.52
C LEU D 406 -18.82 -66.34 20.00
N ASN D 407 -17.98 -66.94 20.84
CA ASN D 407 -18.17 -66.80 22.29
C ASN D 407 -17.49 -65.52 22.77
N ASP D 408 -18.02 -64.39 22.34
CA ASP D 408 -17.34 -63.09 22.52
C ASP D 408 -17.69 -62.45 23.86
N LYS D 409 -17.28 -63.12 24.94
CA LYS D 409 -17.59 -62.68 26.29
C LYS D 409 -17.15 -61.25 26.54
N MET D 410 -16.01 -60.87 25.99
CA MET D 410 -15.48 -59.52 26.19
C MET D 410 -16.41 -58.47 25.57
N ARG D 411 -16.99 -58.78 24.42
CA ARG D 411 -17.92 -57.85 23.77
C ARG D 411 -19.25 -57.81 24.53
N VAL D 412 -19.68 -58.97 25.02
CA VAL D 412 -20.85 -59.02 25.90
C VAL D 412 -20.65 -58.06 27.08
N ASP D 413 -19.49 -58.15 27.73
CA ASP D 413 -19.20 -57.33 28.90
C ASP D 413 -19.09 -55.85 28.53
N TYR D 414 -18.59 -55.57 27.34
CA TYR D 414 -18.49 -54.19 26.88
C TYR D 414 -19.89 -53.61 26.65
N LEU D 415 -20.71 -54.35 25.89
CA LEU D 415 -22.09 -53.97 25.64
C LEU D 415 -22.85 -53.70 26.94
N GLN D 416 -22.80 -54.66 27.86
CA GLN D 416 -23.54 -54.52 29.11
C GLN D 416 -23.00 -53.36 29.93
N GLY D 417 -21.68 -53.22 29.98
CA GLY D 417 -21.05 -52.19 30.79
C GLY D 417 -21.39 -50.79 30.32
N TYR D 418 -21.25 -50.54 29.02
CA TYR D 418 -21.49 -49.21 28.49
C TYR D 418 -22.99 -48.89 28.46
N VAL D 419 -23.83 -49.87 28.18
CA VAL D 419 -25.27 -49.63 28.21
C VAL D 419 -25.72 -49.31 29.64
N ALA D 420 -25.16 -49.99 30.63
CA ALA D 420 -25.51 -49.72 32.03
C ALA D 420 -25.14 -48.29 32.42
N GLU D 421 -24.00 -47.82 31.94
CA GLU D 421 -23.55 -46.46 32.28
C GLU D 421 -24.35 -45.43 31.49
N MET D 422 -24.76 -45.77 30.29
CA MET D 422 -25.69 -44.94 29.54
C MET D 422 -26.98 -44.81 30.33
N TRP D 423 -27.46 -45.92 30.88
CA TRP D 423 -28.68 -45.90 31.67
C TRP D 423 -28.52 -44.98 32.88
N LYS D 424 -27.35 -45.01 33.51
CA LYS D 424 -27.11 -44.13 34.65
C LYS D 424 -27.25 -42.66 34.25
N ALA D 425 -26.75 -42.32 33.07
CA ALA D 425 -26.84 -40.96 32.54
C ALA D 425 -28.30 -40.56 32.30
N ILE D 426 -29.09 -41.50 31.79
CA ILE D 426 -30.51 -41.26 31.60
C ILE D 426 -31.22 -41.07 32.94
N ASN D 427 -30.98 -42.00 33.86
CA ASN D 427 -31.74 -42.07 35.09
C ASN D 427 -31.31 -41.07 36.16
N TYR D 428 -30.00 -41.03 36.44
CA TYR D 428 -29.49 -40.17 37.50
C TYR D 428 -29.16 -38.77 36.98
N ASP D 429 -28.57 -38.69 35.80
CA ASP D 429 -28.10 -37.39 35.27
C ASP D 429 -29.13 -36.74 34.36
N LYS D 430 -30.21 -37.45 34.08
CA LYS D 430 -31.33 -36.93 33.28
C LYS D 430 -30.90 -36.50 31.88
N VAL D 431 -29.99 -37.25 31.28
CA VAL D 431 -29.64 -37.01 29.88
C VAL D 431 -30.73 -37.63 29.00
N LYS D 432 -31.21 -36.85 28.03
CA LYS D 432 -32.36 -37.27 27.22
C LYS D 432 -31.91 -38.15 26.05
N VAL D 433 -31.31 -39.29 26.38
CA VAL D 433 -30.88 -40.26 25.36
C VAL D 433 -32.09 -40.97 24.77
N ALA D 434 -32.19 -40.97 23.44
CA ALA D 434 -33.38 -41.51 22.76
C ALA D 434 -33.10 -42.78 21.94
N GLY D 435 -31.83 -43.17 21.86
CA GLY D 435 -31.44 -44.37 21.14
C GLY D 435 -29.98 -44.70 21.31
N TYR D 436 -29.66 -45.95 21.01
CA TYR D 436 -28.31 -46.50 21.14
C TYR D 436 -28.07 -47.45 19.97
N TYR D 437 -27.05 -47.14 19.17
CA TYR D 437 -26.69 -47.95 18.01
C TYR D 437 -25.33 -48.60 18.22
N HIS D 438 -25.33 -49.92 18.37
CA HIS D 438 -24.10 -50.65 18.59
C HIS D 438 -23.29 -50.72 17.30
N TRP D 439 -21.99 -50.46 17.41
CA TRP D 439 -21.07 -50.65 16.29
C TRP D 439 -20.41 -52.02 16.44
N SER D 440 -20.70 -53.00 15.58
CA SER D 440 -21.51 -52.90 14.37
C SER D 440 -22.41 -54.13 14.27
N LEU D 441 -23.40 -54.07 13.38
CA LEU D 441 -24.19 -55.24 13.06
C LEU D 441 -23.27 -56.38 12.64
N LEU D 442 -22.34 -56.06 11.74
CA LEU D 442 -21.49 -57.04 11.07
C LEU D 442 -20.01 -56.76 11.28
N ASP D 443 -19.21 -57.82 11.36
CA ASP D 443 -17.77 -57.70 11.10
C ASP D 443 -17.67 -57.01 9.75
N ASN D 444 -16.72 -56.09 9.59
CA ASN D 444 -16.63 -55.35 8.35
C ASN D 444 -15.23 -54.76 8.10
N PHE D 445 -15.13 -53.96 7.05
CA PHE D 445 -13.88 -53.29 6.65
C PHE D 445 -13.61 -52.14 7.61
N GLU D 446 -12.68 -52.35 8.55
CA GLU D 446 -12.36 -51.35 9.58
C GLU D 446 -11.32 -50.37 9.02
N TRP D 447 -11.70 -49.68 7.94
CA TRP D 447 -10.90 -48.63 7.33
C TRP D 447 -9.43 -49.04 7.17
N SER D 448 -8.48 -48.28 7.68
CA SER D 448 -7.07 -48.59 7.40
C SER D 448 -6.59 -49.85 8.13
N ASP D 449 -7.38 -50.36 9.06
CA ASP D 449 -7.07 -51.61 9.73
C ASP D 449 -7.53 -52.84 8.93
N GLY D 450 -8.37 -52.62 7.92
CA GLY D 450 -8.86 -53.70 7.08
C GLY D 450 -9.80 -54.63 7.83
N TYR D 451 -9.92 -55.87 7.35
CA TYR D 451 -10.87 -56.83 7.89
C TYR D 451 -10.37 -57.53 9.16
N LYS D 452 -9.09 -57.38 9.49
CA LYS D 452 -8.53 -58.07 10.65
C LYS D 452 -9.23 -57.66 11.95
N VAL D 453 -9.63 -56.40 12.02
CA VAL D 453 -10.27 -55.87 13.22
C VAL D 453 -11.78 -56.04 13.10
N ARG D 454 -12.34 -56.78 14.06
CA ARG D 454 -13.74 -57.22 14.01
C ARG D 454 -14.59 -56.60 15.12
N PHE D 455 -15.65 -55.89 14.71
CA PHE D 455 -16.56 -55.17 15.62
C PHE D 455 -17.97 -55.76 15.64
N GLY D 456 -18.20 -56.84 14.91
CA GLY D 456 -19.56 -57.29 14.70
C GLY D 456 -20.24 -57.98 15.87
N LEU D 457 -21.55 -57.76 15.97
CA LEU D 457 -22.44 -58.62 16.75
C LEU D 457 -22.64 -59.91 15.99
N VAL D 458 -22.46 -59.82 14.68
CA VAL D 458 -22.64 -60.94 13.77
C VAL D 458 -21.33 -61.21 13.06
N GLN D 459 -20.88 -62.45 13.17
CA GLN D 459 -19.66 -62.89 12.50
C GLN D 459 -19.87 -63.02 11.01
N VAL D 460 -18.90 -62.55 10.22
CA VAL D 460 -18.92 -62.75 8.79
C VAL D 460 -17.72 -63.59 8.36
N ASP D 461 -18.00 -64.69 7.67
CA ASP D 461 -16.97 -65.48 7.01
C ASP D 461 -16.81 -64.90 5.62
N TYR D 462 -15.69 -64.25 5.38
CA TYR D 462 -15.51 -63.52 4.13
C TYR D 462 -15.30 -64.44 2.93
N LYS D 463 -14.95 -65.69 3.17
CA LYS D 463 -14.80 -66.62 2.07
C LYS D 463 -16.17 -67.05 1.53
N THR D 464 -17.15 -67.21 2.43
CA THR D 464 -18.48 -67.72 2.06
C THR D 464 -19.60 -66.68 2.21
N GLN D 465 -19.27 -65.57 2.90
CA GLN D 465 -20.21 -64.51 3.28
C GLN D 465 -21.29 -64.98 4.26
N LYS D 466 -21.08 -66.13 4.88
CA LYS D 466 -22.03 -66.62 5.88
C LYS D 466 -22.06 -65.69 7.08
N ARG D 467 -23.27 -65.38 7.55
CA ARG D 467 -23.47 -64.65 8.79
C ARG D 467 -23.78 -65.61 9.92
N THR D 468 -23.16 -65.41 11.07
CA THR D 468 -23.44 -66.20 12.26
C THR D 468 -23.52 -65.29 13.48
N LEU D 469 -24.63 -65.37 14.21
CA LEU D 469 -24.81 -64.58 15.42
C LEU D 469 -23.75 -64.94 16.48
N LYS D 470 -23.08 -63.93 17.03
CA LYS D 470 -22.19 -64.15 18.18
C LYS D 470 -23.01 -64.12 19.47
N GLU D 471 -22.41 -64.52 20.58
CA GLU D 471 -23.08 -64.44 21.87
C GLU D 471 -23.60 -63.03 22.14
N SER D 472 -22.82 -62.01 21.77
CA SER D 472 -23.21 -60.62 22.01
C SER D 472 -24.53 -60.27 21.32
N ALA D 473 -24.76 -60.83 20.13
CA ALA D 473 -26.01 -60.61 19.42
C ALA D 473 -27.20 -61.17 20.19
N LYS D 474 -27.01 -62.32 20.82
CA LYS D 474 -28.07 -62.98 21.56
C LYS D 474 -28.34 -62.24 22.86
N VAL D 475 -27.28 -61.75 23.50
CA VAL D 475 -27.41 -60.96 24.71
C VAL D 475 -28.14 -59.66 24.40
N TYR D 476 -27.79 -59.02 23.29
CA TYR D 476 -28.42 -57.76 22.89
C TYR D 476 -29.90 -57.97 22.61
N LYS D 477 -30.22 -59.07 21.92
CA LYS D 477 -31.61 -59.41 21.63
C LYS D 477 -32.43 -59.45 22.93
N ASP D 478 -31.88 -60.13 23.93
CA ASP D 478 -32.59 -60.29 25.19
C ASP D 478 -32.72 -58.96 25.94
N MET D 479 -31.68 -58.16 25.87
CA MET D 479 -31.68 -56.84 26.49
C MET D 479 -32.79 -55.97 25.93
N ILE D 480 -32.88 -55.93 24.60
CA ILE D 480 -33.89 -55.12 23.93
C ILE D 480 -35.29 -55.60 24.29
N ALA D 481 -35.50 -56.91 24.27
CA ALA D 481 -36.80 -57.49 24.61
C ALA D 481 -37.17 -57.17 26.05
N LYS D 482 -36.20 -57.24 26.95
CA LYS D 482 -36.44 -57.03 28.36
C LYS D 482 -36.91 -55.62 28.68
N TYR D 483 -36.31 -54.62 28.04
CA TYR D 483 -36.57 -53.23 28.39
C TYR D 483 -37.45 -52.47 27.41
N SER D 484 -37.68 -53.03 26.23
CA SER D 484 -38.44 -52.34 25.22
C SER D 484 -39.21 -53.30 24.32
#